data_5XPU
# 
_entry.id   5XPU 
# 
_audit_conform.dict_name       mmcif_pdbx.dic 
_audit_conform.dict_version    5.380 
_audit_conform.dict_location   http://mmcif.pdb.org/dictionaries/ascii/mmcif_pdbx.dic 
# 
loop_
_database_2.database_id 
_database_2.database_code 
_database_2.pdbx_database_accession 
_database_2.pdbx_DOI 
PDB   5XPU         pdb_00005xpu 10.2210/pdb5xpu/pdb 
WWPDB D_1300003972 ?            ?                   
# 
_pdbx_database_status.status_code                     REL 
_pdbx_database_status.status_code_sf                  REL 
_pdbx_database_status.status_code_mr                  ? 
_pdbx_database_status.entry_id                        5XPU 
_pdbx_database_status.recvd_initial_deposition_date   2017-06-05 
_pdbx_database_status.SG_entry                        N 
_pdbx_database_status.deposit_site                    PDBJ 
_pdbx_database_status.process_site                    PDBJ 
_pdbx_database_status.status_code_cs                  ? 
_pdbx_database_status.methods_development_category    ? 
_pdbx_database_status.pdb_format_compatible           Y 
_pdbx_database_status.status_code_nmr_data            ? 
# 
loop_
_audit_author.name 
_audit_author.pdbx_ordinal 
_audit_author.identifier_ORCID 
'Hara, K.'       1 ? 
'Taharazako, S.' 2 ? 
'Hashimoto, H.'  3 ? 
# 
_citation.abstract                  ? 
_citation.abstract_id_CAS           ? 
_citation.book_id_ISBN              ? 
_citation.book_publisher            ? 
_citation.book_publisher_city       ? 
_citation.book_title                ? 
_citation.coordinate_linkage        ? 
_citation.country                   US 
_citation.database_id_Medline       ? 
_citation.details                   ? 
_citation.id                        primary 
_citation.journal_abbrev            'J. Biol. Chem.' 
_citation.journal_id_ASTM           JBCHA3 
_citation.journal_id_CSD            0071 
_citation.journal_id_ISSN           1083-351X 
_citation.journal_full              ? 
_citation.journal_issue             ? 
_citation.journal_volume            292 
_citation.language                  ? 
_citation.page_first                17658 
_citation.page_last                 17667 
_citation.title                     
;Dynamic feature of mitotic arrest deficient 2-like protein 2 (MAD2L2) and structural basis for its interaction with chromosome alignment-maintaining phosphoprotein (CAMP).
;
_citation.year                      2017 
_citation.database_id_CSD           ? 
_citation.pdbx_database_id_DOI      10.1074/jbc.M117.804237 
_citation.pdbx_database_id_PubMed   28887307 
_citation.unpublished_flag          ? 
# 
loop_
_citation_author.citation_id 
_citation_author.name 
_citation_author.ordinal 
_citation_author.identifier_ORCID 
primary 'Hara, K.'       1  ? 
primary 'Taharazako, S.' 2  ? 
primary 'Ikeda, M.'      3  ? 
primary 'Fujita, H.'     4  ? 
primary 'Mikami, Y.'     5  ? 
primary 'Kikuchi, S.'    6  ? 
primary 'Hishiki, A.'    7  ? 
primary 'Yokoyama, H.'   8  ? 
primary 'Ishikawa, Y.'   9  ? 
primary 'Kanno, S.I.'    10 ? 
primary 'Tanaka, K.'     11 ? 
primary 'Hashimoto, H.'  12 ? 
# 
_cell.angle_alpha                  90.00 
_cell.angle_alpha_esd              ? 
_cell.angle_beta                   90.29 
_cell.angle_beta_esd               ? 
_cell.angle_gamma                  90.00 
_cell.angle_gamma_esd              ? 
_cell.entry_id                     5XPU 
_cell.details                      ? 
_cell.formula_units_Z              ? 
_cell.length_a                     71.025 
_cell.length_a_esd                 ? 
_cell.length_b                     70.562 
_cell.length_b_esd                 ? 
_cell.length_c                     45.131 
_cell.length_c_esd                 ? 
_cell.volume                       ? 
_cell.volume_esd                   ? 
_cell.Z_PDB                        4 
_cell.reciprocal_angle_alpha       ? 
_cell.reciprocal_angle_beta        ? 
_cell.reciprocal_angle_gamma       ? 
_cell.reciprocal_angle_alpha_esd   ? 
_cell.reciprocal_angle_beta_esd    ? 
_cell.reciprocal_angle_gamma_esd   ? 
_cell.reciprocal_length_a          ? 
_cell.reciprocal_length_b          ? 
_cell.reciprocal_length_c          ? 
_cell.reciprocal_length_a_esd      ? 
_cell.reciprocal_length_b_esd      ? 
_cell.reciprocal_length_c_esd      ? 
_cell.pdbx_unique_axis             ? 
# 
_symmetry.entry_id                         5XPU 
_symmetry.cell_setting                     ? 
_symmetry.Int_Tables_number                5 
_symmetry.space_group_name_Hall            ? 
_symmetry.space_group_name_H-M             'C 1 2 1' 
_symmetry.pdbx_full_space_group_name_H-M   ? 
# 
loop_
_entity.id 
_entity.type 
_entity.src_method 
_entity.pdbx_description 
_entity.formula_weight 
_entity.pdbx_number_of_molecules 
_entity.pdbx_ec 
_entity.pdbx_mutation 
_entity.pdbx_fragment 
_entity.details 
1 polymer man 'Mitotic spindle assembly checkpoint protein MAD2B' 26101.236 1  ? R124A ?                      ? 
2 polymer man 'Chromosome alignment-maintaining phosphoprotein 1' 2085.340  1  ? ?     'UNP RESIDUES 325-344' ? 
3 water   nat water                                               18.015    32 ? ?     ?                      ? 
# 
loop_
_entity_name_com.entity_id 
_entity_name_com.name 
1 'Mitotic arrest deficient 2-like protein 2,MAD2-like protein 2,REV7 homolog,hREV7' 
2 'Zinc finger protein 828'                                                          
# 
loop_
_entity_poly.entity_id 
_entity_poly.type 
_entity_poly.nstd_linkage 
_entity_poly.nstd_monomer 
_entity_poly.pdbx_seq_one_letter_code 
_entity_poly.pdbx_seq_one_letter_code_can 
_entity_poly.pdbx_strand_id 
_entity_poly.pdbx_target_identifier 
1 'polypeptide(L)' no no 
;MGSSHHHHHHSQDPNSMTTLTRQDLNFGQVVADVLCEFLEVAVHLILYVREVYPVGIFQKRKKYNVPVQMSCHPELNQYI
QDTLHCVKPLLEKNDVEKVVVVILDKEHRPVEKFVFEITQPPLLSISSDSLLSHVEQLLAAFILKISVCDAVLDHNPPGC
TFTVLVHTREAATRNMEKIQVIKDFPWILADEQDVHMHDPRLIPLKTMTSDILKMQLYVEERAHKGS
;
;MGSSHHHHHHSQDPNSMTTLTRQDLNFGQVVADVLCEFLEVAVHLILYVREVYPVGIFQKRKKYNVPVQMSCHPELNQYI
QDTLHCVKPLLEKNDVEKVVVVILDKEHRPVEKFVFEITQPPLLSISSDSLLSHVEQLLAAFILKISVCDAVLDHNPPGC
TFTVLVHTREAATRNMEKIQVIKDFPWILADEQDVHMHDPRLIPLKTMTSDILKMQLYVEERAHKGS
;
A ? 
2 'polypeptide(L)' no no MSNPSASSGPWKPAKPAPSVS MSNPSASSGPWKPAKPAPSVS B ? 
# 
loop_
_entity_poly_seq.entity_id 
_entity_poly_seq.num 
_entity_poly_seq.mon_id 
_entity_poly_seq.hetero 
1 1   MET n 
1 2   GLY n 
1 3   SER n 
1 4   SER n 
1 5   HIS n 
1 6   HIS n 
1 7   HIS n 
1 8   HIS n 
1 9   HIS n 
1 10  HIS n 
1 11  SER n 
1 12  GLN n 
1 13  ASP n 
1 14  PRO n 
1 15  ASN n 
1 16  SER n 
1 17  MET n 
1 18  THR n 
1 19  THR n 
1 20  LEU n 
1 21  THR n 
1 22  ARG n 
1 23  GLN n 
1 24  ASP n 
1 25  LEU n 
1 26  ASN n 
1 27  PHE n 
1 28  GLY n 
1 29  GLN n 
1 30  VAL n 
1 31  VAL n 
1 32  ALA n 
1 33  ASP n 
1 34  VAL n 
1 35  LEU n 
1 36  CYS n 
1 37  GLU n 
1 38  PHE n 
1 39  LEU n 
1 40  GLU n 
1 41  VAL n 
1 42  ALA n 
1 43  VAL n 
1 44  HIS n 
1 45  LEU n 
1 46  ILE n 
1 47  LEU n 
1 48  TYR n 
1 49  VAL n 
1 50  ARG n 
1 51  GLU n 
1 52  VAL n 
1 53  TYR n 
1 54  PRO n 
1 55  VAL n 
1 56  GLY n 
1 57  ILE n 
1 58  PHE n 
1 59  GLN n 
1 60  LYS n 
1 61  ARG n 
1 62  LYS n 
1 63  LYS n 
1 64  TYR n 
1 65  ASN n 
1 66  VAL n 
1 67  PRO n 
1 68  VAL n 
1 69  GLN n 
1 70  MET n 
1 71  SER n 
1 72  CYS n 
1 73  HIS n 
1 74  PRO n 
1 75  GLU n 
1 76  LEU n 
1 77  ASN n 
1 78  GLN n 
1 79  TYR n 
1 80  ILE n 
1 81  GLN n 
1 82  ASP n 
1 83  THR n 
1 84  LEU n 
1 85  HIS n 
1 86  CYS n 
1 87  VAL n 
1 88  LYS n 
1 89  PRO n 
1 90  LEU n 
1 91  LEU n 
1 92  GLU n 
1 93  LYS n 
1 94  ASN n 
1 95  ASP n 
1 96  VAL n 
1 97  GLU n 
1 98  LYS n 
1 99  VAL n 
1 100 VAL n 
1 101 VAL n 
1 102 VAL n 
1 103 ILE n 
1 104 LEU n 
1 105 ASP n 
1 106 LYS n 
1 107 GLU n 
1 108 HIS n 
1 109 ARG n 
1 110 PRO n 
1 111 VAL n 
1 112 GLU n 
1 113 LYS n 
1 114 PHE n 
1 115 VAL n 
1 116 PHE n 
1 117 GLU n 
1 118 ILE n 
1 119 THR n 
1 120 GLN n 
1 121 PRO n 
1 122 PRO n 
1 123 LEU n 
1 124 LEU n 
1 125 SER n 
1 126 ILE n 
1 127 SER n 
1 128 SER n 
1 129 ASP n 
1 130 SER n 
1 131 LEU n 
1 132 LEU n 
1 133 SER n 
1 134 HIS n 
1 135 VAL n 
1 136 GLU n 
1 137 GLN n 
1 138 LEU n 
1 139 LEU n 
1 140 ALA n 
1 141 ALA n 
1 142 PHE n 
1 143 ILE n 
1 144 LEU n 
1 145 LYS n 
1 146 ILE n 
1 147 SER n 
1 148 VAL n 
1 149 CYS n 
1 150 ASP n 
1 151 ALA n 
1 152 VAL n 
1 153 LEU n 
1 154 ASP n 
1 155 HIS n 
1 156 ASN n 
1 157 PRO n 
1 158 PRO n 
1 159 GLY n 
1 160 CYS n 
1 161 THR n 
1 162 PHE n 
1 163 THR n 
1 164 VAL n 
1 165 LEU n 
1 166 VAL n 
1 167 HIS n 
1 168 THR n 
1 169 ARG n 
1 170 GLU n 
1 171 ALA n 
1 172 ALA n 
1 173 THR n 
1 174 ARG n 
1 175 ASN n 
1 176 MET n 
1 177 GLU n 
1 178 LYS n 
1 179 ILE n 
1 180 GLN n 
1 181 VAL n 
1 182 ILE n 
1 183 LYS n 
1 184 ASP n 
1 185 PHE n 
1 186 PRO n 
1 187 TRP n 
1 188 ILE n 
1 189 LEU n 
1 190 ALA n 
1 191 ASP n 
1 192 GLU n 
1 193 GLN n 
1 194 ASP n 
1 195 VAL n 
1 196 HIS n 
1 197 MET n 
1 198 HIS n 
1 199 ASP n 
1 200 PRO n 
1 201 ARG n 
1 202 LEU n 
1 203 ILE n 
1 204 PRO n 
1 205 LEU n 
1 206 LYS n 
1 207 THR n 
1 208 MET n 
1 209 THR n 
1 210 SER n 
1 211 ASP n 
1 212 ILE n 
1 213 LEU n 
1 214 LYS n 
1 215 MET n 
1 216 GLN n 
1 217 LEU n 
1 218 TYR n 
1 219 VAL n 
1 220 GLU n 
1 221 GLU n 
1 222 ARG n 
1 223 ALA n 
1 224 HIS n 
1 225 LYS n 
1 226 GLY n 
1 227 SER n 
2 1   MET n 
2 2   SER n 
2 3   ASN n 
2 4   PRO n 
2 5   SER n 
2 6   ALA n 
2 7   SER n 
2 8   SER n 
2 9   GLY n 
2 10  PRO n 
2 11  TRP n 
2 12  LYS n 
2 13  PRO n 
2 14  ALA n 
2 15  LYS n 
2 16  PRO n 
2 17  ALA n 
2 18  PRO n 
2 19  SER n 
2 20  VAL n 
2 21  SER n 
# 
loop_
_entity_src_gen.entity_id 
_entity_src_gen.pdbx_src_id 
_entity_src_gen.pdbx_alt_source_flag 
_entity_src_gen.pdbx_seq_type 
_entity_src_gen.pdbx_beg_seq_num 
_entity_src_gen.pdbx_end_seq_num 
_entity_src_gen.gene_src_common_name 
_entity_src_gen.gene_src_genus 
_entity_src_gen.pdbx_gene_src_gene 
_entity_src_gen.gene_src_species 
_entity_src_gen.gene_src_strain 
_entity_src_gen.gene_src_tissue 
_entity_src_gen.gene_src_tissue_fraction 
_entity_src_gen.gene_src_details 
_entity_src_gen.pdbx_gene_src_fragment 
_entity_src_gen.pdbx_gene_src_scientific_name 
_entity_src_gen.pdbx_gene_src_ncbi_taxonomy_id 
_entity_src_gen.pdbx_gene_src_variant 
_entity_src_gen.pdbx_gene_src_cell_line 
_entity_src_gen.pdbx_gene_src_atcc 
_entity_src_gen.pdbx_gene_src_organ 
_entity_src_gen.pdbx_gene_src_organelle 
_entity_src_gen.pdbx_gene_src_cell 
_entity_src_gen.pdbx_gene_src_cellular_location 
_entity_src_gen.host_org_common_name 
_entity_src_gen.pdbx_host_org_scientific_name 
_entity_src_gen.pdbx_host_org_ncbi_taxonomy_id 
_entity_src_gen.host_org_genus 
_entity_src_gen.pdbx_host_org_gene 
_entity_src_gen.pdbx_host_org_organ 
_entity_src_gen.host_org_species 
_entity_src_gen.pdbx_host_org_tissue 
_entity_src_gen.pdbx_host_org_tissue_fraction 
_entity_src_gen.pdbx_host_org_strain 
_entity_src_gen.pdbx_host_org_variant 
_entity_src_gen.pdbx_host_org_cell_line 
_entity_src_gen.pdbx_host_org_atcc 
_entity_src_gen.pdbx_host_org_culture_collection 
_entity_src_gen.pdbx_host_org_cell 
_entity_src_gen.pdbx_host_org_organelle 
_entity_src_gen.pdbx_host_org_cellular_location 
_entity_src_gen.pdbx_host_org_vector_type 
_entity_src_gen.pdbx_host_org_vector 
_entity_src_gen.host_org_details 
_entity_src_gen.expression_system_id 
_entity_src_gen.plasmid_name 
_entity_src_gen.plasmid_details 
_entity_src_gen.pdbx_description 
1 1 sample 'Biological sequence' 1 227 Human ? 'MAD2L2, MAD2B, REV7'                            ? ? ? ? ? ? 'Homo sapiens' 9606 ? 
? ? ? ? ? ? ? 'Escherichia coli' 562 ? ? ? ? ? ? ? ? ? ? ? ? ? ? ? ? ? ? ? ? ? 
2 1 sample 'Biological sequence' 1 21  Human ? 'CHAMP1, C13orf8, CAMP, CHAMP, KIAA1802, ZNF828' ? ? ? ? ? ? 'Homo sapiens' 9606 ? 
? ? ? ? ? ? ? 'Escherichia coli' 562 ? ? ? ? ? ? ? ? ? ? ? ? ? ? ? ? ? ? ? ? ? 
# 
loop_
_struct_ref.id 
_struct_ref.db_name 
_struct_ref.db_code 
_struct_ref.pdbx_db_accession 
_struct_ref.pdbx_db_isoform 
_struct_ref.entity_id 
_struct_ref.pdbx_seq_one_letter_code 
_struct_ref.pdbx_align_begin 
1 UNP MD2L2_HUMAN Q9UI95 ? 1 
;MTTLTRQDLNFGQVVADVLCEFLEVAVHLILYVREVYPVGIFQKRKKYNVPVQMSCHPELNQYIQDTLHCVKPLLEKNDV
EKVVVVILDKEHRPVEKFVFEITQPPLLSISSDSLLSHVEQLLRAFILKISVCDAVLDHNPPGCTFTVLVHTREAATRNM
EKIQVIKDFPWILADEQDVHMHDPRLIPLKTMTSDILKMQLYVEERAHKGS
;
1   
2 UNP CHAP1_HUMAN Q96JM3 ? 2 SNPSASSGPWKPAKPAPSVS 325 
# 
loop_
_struct_ref_seq.align_id 
_struct_ref_seq.ref_id 
_struct_ref_seq.pdbx_PDB_id_code 
_struct_ref_seq.pdbx_strand_id 
_struct_ref_seq.seq_align_beg 
_struct_ref_seq.pdbx_seq_align_beg_ins_code 
_struct_ref_seq.seq_align_end 
_struct_ref_seq.pdbx_seq_align_end_ins_code 
_struct_ref_seq.pdbx_db_accession 
_struct_ref_seq.db_align_beg 
_struct_ref_seq.pdbx_db_align_beg_ins_code 
_struct_ref_seq.db_align_end 
_struct_ref_seq.pdbx_db_align_end_ins_code 
_struct_ref_seq.pdbx_auth_seq_align_beg 
_struct_ref_seq.pdbx_auth_seq_align_end 
1 1 5XPU A 17 ? 227 ? Q9UI95 1   ? 211 ? 1   211 
2 2 5XPU B 2  ? 21  ? Q96JM3 325 ? 344 ? 325 344 
# 
loop_
_struct_ref_seq_dif.align_id 
_struct_ref_seq_dif.pdbx_pdb_id_code 
_struct_ref_seq_dif.mon_id 
_struct_ref_seq_dif.pdbx_pdb_strand_id 
_struct_ref_seq_dif.seq_num 
_struct_ref_seq_dif.pdbx_pdb_ins_code 
_struct_ref_seq_dif.pdbx_seq_db_name 
_struct_ref_seq_dif.pdbx_seq_db_accession_code 
_struct_ref_seq_dif.db_mon_id 
_struct_ref_seq_dif.pdbx_seq_db_seq_num 
_struct_ref_seq_dif.details 
_struct_ref_seq_dif.pdbx_auth_seq_num 
_struct_ref_seq_dif.pdbx_ordinal 
1 5XPU MET A 1   ? UNP Q9UI95 ?   ?   'expression tag'      -15 1  
1 5XPU GLY A 2   ? UNP Q9UI95 ?   ?   'expression tag'      -14 2  
1 5XPU SER A 3   ? UNP Q9UI95 ?   ?   'expression tag'      -13 3  
1 5XPU SER A 4   ? UNP Q9UI95 ?   ?   'expression tag'      -12 4  
1 5XPU HIS A 5   ? UNP Q9UI95 ?   ?   'expression tag'      -11 5  
1 5XPU HIS A 6   ? UNP Q9UI95 ?   ?   'expression tag'      -10 6  
1 5XPU HIS A 7   ? UNP Q9UI95 ?   ?   'expression tag'      -9  7  
1 5XPU HIS A 8   ? UNP Q9UI95 ?   ?   'expression tag'      -8  8  
1 5XPU HIS A 9   ? UNP Q9UI95 ?   ?   'expression tag'      -7  9  
1 5XPU HIS A 10  ? UNP Q9UI95 ?   ?   'expression tag'      -6  10 
1 5XPU SER A 11  ? UNP Q9UI95 ?   ?   'expression tag'      -5  11 
1 5XPU GLN A 12  ? UNP Q9UI95 ?   ?   'expression tag'      -4  12 
1 5XPU ASP A 13  ? UNP Q9UI95 ?   ?   'expression tag'      -3  13 
1 5XPU PRO A 14  ? UNP Q9UI95 ?   ?   'expression tag'      -2  14 
1 5XPU ASN A 15  ? UNP Q9UI95 ?   ?   'expression tag'      -1  15 
1 5XPU SER A 16  ? UNP Q9UI95 ?   ?   'expression tag'      0   16 
1 5XPU ALA A 140 ? UNP Q9UI95 ARG 124 'engineered mutation' 124 17 
2 5XPU MET B 1   ? UNP Q96JM3 ?   ?   'expression tag'      324 18 
# 
loop_
_chem_comp.id 
_chem_comp.type 
_chem_comp.mon_nstd_flag 
_chem_comp.name 
_chem_comp.pdbx_synonyms 
_chem_comp.formula 
_chem_comp.formula_weight 
ALA 'L-peptide linking' y ALANINE         ? 'C3 H7 N O2'     89.093  
ARG 'L-peptide linking' y ARGININE        ? 'C6 H15 N4 O2 1' 175.209 
ASN 'L-peptide linking' y ASPARAGINE      ? 'C4 H8 N2 O3'    132.118 
ASP 'L-peptide linking' y 'ASPARTIC ACID' ? 'C4 H7 N O4'     133.103 
CYS 'L-peptide linking' y CYSTEINE        ? 'C3 H7 N O2 S'   121.158 
GLN 'L-peptide linking' y GLUTAMINE       ? 'C5 H10 N2 O3'   146.144 
GLU 'L-peptide linking' y 'GLUTAMIC ACID' ? 'C5 H9 N O4'     147.129 
GLY 'peptide linking'   y GLYCINE         ? 'C2 H5 N O2'     75.067  
HIS 'L-peptide linking' y HISTIDINE       ? 'C6 H10 N3 O2 1' 156.162 
HOH non-polymer         . WATER           ? 'H2 O'           18.015  
ILE 'L-peptide linking' y ISOLEUCINE      ? 'C6 H13 N O2'    131.173 
LEU 'L-peptide linking' y LEUCINE         ? 'C6 H13 N O2'    131.173 
LYS 'L-peptide linking' y LYSINE          ? 'C6 H15 N2 O2 1' 147.195 
MET 'L-peptide linking' y METHIONINE      ? 'C5 H11 N O2 S'  149.211 
PHE 'L-peptide linking' y PHENYLALANINE   ? 'C9 H11 N O2'    165.189 
PRO 'L-peptide linking' y PROLINE         ? 'C5 H9 N O2'     115.130 
SER 'L-peptide linking' y SERINE          ? 'C3 H7 N O3'     105.093 
THR 'L-peptide linking' y THREONINE       ? 'C4 H9 N O3'     119.119 
TRP 'L-peptide linking' y TRYPTOPHAN      ? 'C11 H12 N2 O2'  204.225 
TYR 'L-peptide linking' y TYROSINE        ? 'C9 H11 N O3'    181.189 
VAL 'L-peptide linking' y VALINE          ? 'C5 H11 N O2'    117.146 
# 
_exptl.absorpt_coefficient_mu     ? 
_exptl.absorpt_correction_T_max   ? 
_exptl.absorpt_correction_T_min   ? 
_exptl.absorpt_correction_type    ? 
_exptl.absorpt_process_details    ? 
_exptl.entry_id                   5XPU 
_exptl.crystals_number            1 
_exptl.details                    ? 
_exptl.method                     'X-RAY DIFFRACTION' 
_exptl.method_details             ? 
# 
_exptl_crystal.colour                      ? 
_exptl_crystal.density_diffrn              ? 
_exptl_crystal.density_Matthews            2.01 
_exptl_crystal.density_method              ? 
_exptl_crystal.density_percent_sol         38.69 
_exptl_crystal.description                 ? 
_exptl_crystal.F_000                       ? 
_exptl_crystal.id                          1 
_exptl_crystal.preparation                 ? 
_exptl_crystal.size_max                    ? 
_exptl_crystal.size_mid                    ? 
_exptl_crystal.size_min                    ? 
_exptl_crystal.size_rad                    ? 
_exptl_crystal.colour_lustre               ? 
_exptl_crystal.colour_modifier             ? 
_exptl_crystal.colour_primary              ? 
_exptl_crystal.density_meas                ? 
_exptl_crystal.density_meas_esd            ? 
_exptl_crystal.density_meas_gt             ? 
_exptl_crystal.density_meas_lt             ? 
_exptl_crystal.density_meas_temp           ? 
_exptl_crystal.density_meas_temp_esd       ? 
_exptl_crystal.density_meas_temp_gt        ? 
_exptl_crystal.density_meas_temp_lt        ? 
_exptl_crystal.pdbx_crystal_image_url      ? 
_exptl_crystal.pdbx_crystal_image_format   ? 
_exptl_crystal.pdbx_mosaicity              ? 
_exptl_crystal.pdbx_mosaicity_esd          ? 
# 
_exptl_crystal_grow.apparatus       ? 
_exptl_crystal_grow.atmosphere      ? 
_exptl_crystal_grow.crystal_id      1 
_exptl_crystal_grow.details         ? 
_exptl_crystal_grow.method          'VAPOR DIFFUSION, HANGING DROP' 
_exptl_crystal_grow.method_ref      ? 
_exptl_crystal_grow.pH              ? 
_exptl_crystal_grow.pressure        ? 
_exptl_crystal_grow.pressure_esd    ? 
_exptl_crystal_grow.seeding         ? 
_exptl_crystal_grow.seeding_ref     ? 
_exptl_crystal_grow.temp            293 
_exptl_crystal_grow.temp_details    ? 
_exptl_crystal_grow.temp_esd        ? 
_exptl_crystal_grow.time            ? 
_exptl_crystal_grow.pdbx_details    '0.3 M potassium thiocyanate, 20% PEG 3350' 
_exptl_crystal_grow.pdbx_pH_range   ? 
# 
_diffrn.ambient_environment    ? 
_diffrn.ambient_temp           100 
_diffrn.ambient_temp_details   ? 
_diffrn.ambient_temp_esd       ? 
_diffrn.crystal_id             1 
_diffrn.crystal_support        ? 
_diffrn.crystal_treatment      ? 
_diffrn.details                ? 
_diffrn.id                     1 
_diffrn.ambient_pressure       ? 
_diffrn.ambient_pressure_esd   ? 
_diffrn.ambient_pressure_gt    ? 
_diffrn.ambient_pressure_lt    ? 
_diffrn.ambient_temp_gt        ? 
_diffrn.ambient_temp_lt        ? 
# 
_diffrn_detector.details                      ? 
_diffrn_detector.detector                     PIXEL 
_diffrn_detector.diffrn_id                    1 
_diffrn_detector.type                         'DECTRIS PILATUS3 S 6M' 
_diffrn_detector.area_resol_mean              ? 
_diffrn_detector.dtime                        ? 
_diffrn_detector.pdbx_frames_total            ? 
_diffrn_detector.pdbx_collection_time_total   ? 
_diffrn_detector.pdbx_collection_date         2016-06-25 
# 
_diffrn_radiation.collimation                      ? 
_diffrn_radiation.diffrn_id                        1 
_diffrn_radiation.filter_edge                      ? 
_diffrn_radiation.inhomogeneity                    ? 
_diffrn_radiation.monochromator                    ? 
_diffrn_radiation.polarisn_norm                    ? 
_diffrn_radiation.polarisn_ratio                   ? 
_diffrn_radiation.probe                            ? 
_diffrn_radiation.type                             ? 
_diffrn_radiation.xray_symbol                      ? 
_diffrn_radiation.wavelength_id                    1 
_diffrn_radiation.pdbx_monochromatic_or_laue_m_l   M 
_diffrn_radiation.pdbx_wavelength_list             ? 
_diffrn_radiation.pdbx_wavelength                  ? 
_diffrn_radiation.pdbx_diffrn_protocol             'SINGLE WAVELENGTH' 
_diffrn_radiation.pdbx_analyzer                    ? 
_diffrn_radiation.pdbx_scattering_type             x-ray 
# 
_diffrn_radiation_wavelength.id           1 
_diffrn_radiation_wavelength.wavelength   0.98 
_diffrn_radiation_wavelength.wt           1.0 
# 
_diffrn_source.current                     ? 
_diffrn_source.details                     ? 
_diffrn_source.diffrn_id                   1 
_diffrn_source.power                       ? 
_diffrn_source.size                        ? 
_diffrn_source.source                      SYNCHROTRON 
_diffrn_source.target                      ? 
_diffrn_source.type                        'PHOTON FACTORY BEAMLINE BL-17A' 
_diffrn_source.voltage                     ? 
_diffrn_source.take-off_angle              ? 
_diffrn_source.pdbx_wavelength_list        0.98 
_diffrn_source.pdbx_wavelength             ? 
_diffrn_source.pdbx_synchrotron_beamline   BL-17A 
_diffrn_source.pdbx_synchrotron_site       'Photon Factory' 
# 
_reflns.B_iso_Wilson_estimate            ? 
_reflns.entry_id                         5XPU 
_reflns.data_reduction_details           ? 
_reflns.data_reduction_method            ? 
_reflns.d_resolution_high                2.30 
_reflns.d_resolution_low                 19.09 
_reflns.details                          ? 
_reflns.limit_h_max                      ? 
_reflns.limit_h_min                      ? 
_reflns.limit_k_max                      ? 
_reflns.limit_k_min                      ? 
_reflns.limit_l_max                      ? 
_reflns.limit_l_min                      ? 
_reflns.number_all                       ? 
_reflns.number_obs                       9883 
_reflns.observed_criterion               ? 
_reflns.observed_criterion_F_max         ? 
_reflns.observed_criterion_F_min         ? 
_reflns.observed_criterion_I_max         ? 
_reflns.observed_criterion_I_min         ? 
_reflns.observed_criterion_sigma_F       ? 
_reflns.observed_criterion_sigma_I       ? 
_reflns.percent_possible_obs             99.6 
_reflns.R_free_details                   ? 
_reflns.Rmerge_F_all                     ? 
_reflns.Rmerge_F_obs                     ? 
_reflns.Friedel_coverage                 ? 
_reflns.number_gt                        ? 
_reflns.threshold_expression             ? 
_reflns.pdbx_redundancy                  3.4 
_reflns.pdbx_Rmerge_I_obs                ? 
_reflns.pdbx_Rmerge_I_all                ? 
_reflns.pdbx_Rsym_value                  ? 
_reflns.pdbx_netI_over_av_sigmaI         ? 
_reflns.pdbx_netI_over_sigmaI            13.5 
_reflns.pdbx_res_netI_over_av_sigmaI_2   ? 
_reflns.pdbx_res_netI_over_sigmaI_2      ? 
_reflns.pdbx_chi_squared                 ? 
_reflns.pdbx_scaling_rejects             ? 
_reflns.pdbx_d_res_high_opt              ? 
_reflns.pdbx_d_res_low_opt               ? 
_reflns.pdbx_d_res_opt_method            ? 
_reflns.phase_calculation_details        ? 
_reflns.pdbx_Rrim_I_all                  ? 
_reflns.pdbx_Rpim_I_all                  ? 
_reflns.pdbx_d_opt                       ? 
_reflns.pdbx_number_measured_all         ? 
_reflns.pdbx_diffrn_id                   1 
_reflns.pdbx_ordinal                     1 
_reflns.pdbx_CC_half                     ? 
_reflns.pdbx_R_split                     ? 
# 
_reflns_shell.d_res_high                  2.30 
_reflns_shell.d_res_low                   2.43 
_reflns_shell.meanI_over_sigI_all         ? 
_reflns_shell.meanI_over_sigI_obs         ? 
_reflns_shell.number_measured_all         ? 
_reflns_shell.number_measured_obs         ? 
_reflns_shell.number_possible             ? 
_reflns_shell.number_unique_all           ? 
_reflns_shell.number_unique_obs           ? 
_reflns_shell.percent_possible_all        ? 
_reflns_shell.percent_possible_obs        ? 
_reflns_shell.Rmerge_F_all                ? 
_reflns_shell.Rmerge_F_obs                ? 
_reflns_shell.Rmerge_I_all                ? 
_reflns_shell.Rmerge_I_obs                ? 
_reflns_shell.meanI_over_sigI_gt          ? 
_reflns_shell.meanI_over_uI_all           ? 
_reflns_shell.meanI_over_uI_gt            ? 
_reflns_shell.number_measured_gt          ? 
_reflns_shell.number_unique_gt            ? 
_reflns_shell.percent_possible_gt         ? 
_reflns_shell.Rmerge_F_gt                 ? 
_reflns_shell.Rmerge_I_gt                 ? 
_reflns_shell.pdbx_redundancy             ? 
_reflns_shell.pdbx_Rsym_value             ? 
_reflns_shell.pdbx_chi_squared            ? 
_reflns_shell.pdbx_netI_over_sigmaI_all   ? 
_reflns_shell.pdbx_netI_over_sigmaI_obs   ? 
_reflns_shell.pdbx_Rrim_I_all             ? 
_reflns_shell.pdbx_Rpim_I_all             ? 
_reflns_shell.pdbx_rejects                ? 
_reflns_shell.pdbx_ordinal                1 
_reflns_shell.pdbx_diffrn_id              1 
_reflns_shell.pdbx_CC_half                ? 
_reflns_shell.pdbx_R_split                ? 
# 
_refine.aniso_B[1][1]                            ? 
_refine.aniso_B[1][2]                            ? 
_refine.aniso_B[1][3]                            ? 
_refine.aniso_B[2][2]                            ? 
_refine.aniso_B[2][3]                            ? 
_refine.aniso_B[3][3]                            ? 
_refine.B_iso_max                                ? 
_refine.B_iso_mean                               ? 
_refine.B_iso_min                                ? 
_refine.correlation_coeff_Fo_to_Fc               ? 
_refine.correlation_coeff_Fo_to_Fc_free          ? 
_refine.details                                  ? 
_refine.diff_density_max                         ? 
_refine.diff_density_max_esd                     ? 
_refine.diff_density_min                         ? 
_refine.diff_density_min_esd                     ? 
_refine.diff_density_rms                         ? 
_refine.diff_density_rms_esd                     ? 
_refine.entry_id                                 5XPU 
_refine.pdbx_refine_id                           'X-RAY DIFFRACTION' 
_refine.ls_abs_structure_details                 ? 
_refine.ls_abs_structure_Flack                   ? 
_refine.ls_abs_structure_Flack_esd               ? 
_refine.ls_abs_structure_Rogers                  ? 
_refine.ls_abs_structure_Rogers_esd              ? 
_refine.ls_d_res_high                            2.304 
_refine.ls_d_res_low                             19.090 
_refine.ls_extinction_coef                       ? 
_refine.ls_extinction_coef_esd                   ? 
_refine.ls_extinction_expression                 ? 
_refine.ls_extinction_method                     ? 
_refine.ls_goodness_of_fit_all                   ? 
_refine.ls_goodness_of_fit_all_esd               ? 
_refine.ls_goodness_of_fit_obs                   ? 
_refine.ls_goodness_of_fit_obs_esd               ? 
_refine.ls_hydrogen_treatment                    ? 
_refine.ls_matrix_type                           ? 
_refine.ls_number_constraints                    ? 
_refine.ls_number_parameters                     ? 
_refine.ls_number_reflns_all                     ? 
_refine.ls_number_reflns_obs                     9876 
_refine.ls_number_reflns_R_free                  479 
_refine.ls_number_reflns_R_work                  ? 
_refine.ls_number_restraints                     ? 
_refine.ls_percent_reflns_obs                    99.54 
_refine.ls_percent_reflns_R_free                 4.85 
_refine.ls_R_factor_all                          ? 
_refine.ls_R_factor_obs                          0.2202 
_refine.ls_R_factor_R_free                       0.2273 
_refine.ls_R_factor_R_free_error                 ? 
_refine.ls_R_factor_R_free_error_details         ? 
_refine.ls_R_factor_R_work                       0.2199 
_refine.ls_R_Fsqd_factor_obs                     ? 
_refine.ls_R_I_factor_obs                        ? 
_refine.ls_redundancy_reflns_all                 ? 
_refine.ls_redundancy_reflns_obs                 ? 
_refine.ls_restrained_S_all                      ? 
_refine.ls_restrained_S_obs                      ? 
_refine.ls_shift_over_esd_max                    ? 
_refine.ls_shift_over_esd_mean                   ? 
_refine.ls_structure_factor_coef                 ? 
_refine.ls_weighting_details                     ? 
_refine.ls_weighting_scheme                      ? 
_refine.ls_wR_factor_all                         ? 
_refine.ls_wR_factor_obs                         ? 
_refine.ls_wR_factor_R_free                      ? 
_refine.ls_wR_factor_R_work                      ? 
_refine.occupancy_max                            ? 
_refine.occupancy_min                            ? 
_refine.solvent_model_details                    ? 
_refine.solvent_model_param_bsol                 ? 
_refine.solvent_model_param_ksol                 ? 
_refine.ls_R_factor_gt                           ? 
_refine.ls_goodness_of_fit_gt                    ? 
_refine.ls_goodness_of_fit_ref                   ? 
_refine.ls_shift_over_su_max                     ? 
_refine.ls_shift_over_su_max_lt                  ? 
_refine.ls_shift_over_su_mean                    ? 
_refine.ls_shift_over_su_mean_lt                 ? 
_refine.pdbx_ls_sigma_I                          ? 
_refine.pdbx_ls_sigma_F                          1.34 
_refine.pdbx_ls_sigma_Fsqd                       ? 
_refine.pdbx_data_cutoff_high_absF               ? 
_refine.pdbx_data_cutoff_high_rms_absF           ? 
_refine.pdbx_data_cutoff_low_absF                ? 
_refine.pdbx_isotropic_thermal_model             ? 
_refine.pdbx_ls_cross_valid_method               'FREE R-VALUE' 
_refine.pdbx_method_to_determine_struct          'MOLECULAR REPLACEMENT' 
_refine.pdbx_starting_model                      3ABE 
_refine.pdbx_stereochemistry_target_values       ? 
_refine.pdbx_R_Free_selection_details            ? 
_refine.pdbx_stereochem_target_val_spec_case     ? 
_refine.pdbx_overall_ESU_R                       ? 
_refine.pdbx_overall_ESU_R_Free                  ? 
_refine.pdbx_solvent_vdw_probe_radii             1.11 
_refine.pdbx_solvent_ion_probe_radii             ? 
_refine.pdbx_solvent_shrinkage_radii             0.90 
_refine.pdbx_real_space_R                        ? 
_refine.pdbx_density_correlation                 ? 
_refine.pdbx_pd_number_of_powder_patterns        ? 
_refine.pdbx_pd_number_of_points                 ? 
_refine.pdbx_pd_meas_number_of_points            ? 
_refine.pdbx_pd_proc_ls_prof_R_factor            ? 
_refine.pdbx_pd_proc_ls_prof_wR_factor           ? 
_refine.pdbx_pd_Marquardt_correlation_coeff      ? 
_refine.pdbx_pd_Fsqrd_R_factor                   ? 
_refine.pdbx_pd_ls_matrix_band_width             ? 
_refine.pdbx_overall_phase_error                 25.93 
_refine.pdbx_overall_SU_R_free_Cruickshank_DPI   ? 
_refine.pdbx_overall_SU_R_free_Blow_DPI          ? 
_refine.pdbx_overall_SU_R_Blow_DPI               ? 
_refine.pdbx_TLS_residual_ADP_flag               ? 
_refine.pdbx_diffrn_id                           1 
_refine.overall_SU_B                             ? 
_refine.overall_SU_ML                            0.24 
_refine.overall_SU_R_Cruickshank_DPI             ? 
_refine.overall_SU_R_free                        ? 
_refine.overall_FOM_free_R_set                   ? 
_refine.overall_FOM_work_R_set                   ? 
_refine.pdbx_average_fsc_overall                 ? 
_refine.pdbx_average_fsc_work                    ? 
_refine.pdbx_average_fsc_free                    ? 
# 
_refine_hist.pdbx_refine_id                   'X-RAY DIFFRACTION' 
_refine_hist.cycle_id                         LAST 
_refine_hist.pdbx_number_atoms_protein        1539 
_refine_hist.pdbx_number_atoms_nucleic_acid   0 
_refine_hist.pdbx_number_atoms_ligand         0 
_refine_hist.number_atoms_solvent             32 
_refine_hist.number_atoms_total               1571 
_refine_hist.d_res_high                       2.304 
_refine_hist.d_res_low                        19.090 
# 
loop_
_refine_ls_restr.pdbx_refine_id 
_refine_ls_restr.criterion 
_refine_ls_restr.dev_ideal 
_refine_ls_restr.dev_ideal_target 
_refine_ls_restr.number 
_refine_ls_restr.rejects 
_refine_ls_restr.type 
_refine_ls_restr.weight 
_refine_ls_restr.pdbx_restraint_function 
'X-RAY DIFFRACTION' ? 0.010  ? 1574 ? f_bond_d           ? ? 
'X-RAY DIFFRACTION' ? 1.269  ? 2141 ? f_angle_d          ? ? 
'X-RAY DIFFRACTION' ? 16.648 ? 586  ? f_dihedral_angle_d ? ? 
'X-RAY DIFFRACTION' ? 0.047  ? 255  ? f_chiral_restr     ? ? 
'X-RAY DIFFRACTION' ? 0.007  ? 268  ? f_plane_restr      ? ? 
# 
loop_
_refine_ls_shell.pdbx_refine_id 
_refine_ls_shell.d_res_high 
_refine_ls_shell.d_res_low 
_refine_ls_shell.number_reflns_all 
_refine_ls_shell.number_reflns_obs 
_refine_ls_shell.number_reflns_R_free 
_refine_ls_shell.number_reflns_R_work 
_refine_ls_shell.percent_reflns_obs 
_refine_ls_shell.percent_reflns_R_free 
_refine_ls_shell.R_factor_all 
_refine_ls_shell.R_factor_obs 
_refine_ls_shell.R_factor_R_free 
_refine_ls_shell.R_factor_R_free_error 
_refine_ls_shell.R_factor_R_work 
_refine_ls_shell.redundancy_reflns_all 
_refine_ls_shell.redundancy_reflns_obs 
_refine_ls_shell.wR_factor_all 
_refine_ls_shell.wR_factor_obs 
_refine_ls_shell.wR_factor_R_free 
_refine_ls_shell.wR_factor_R_work 
_refine_ls_shell.pdbx_total_number_of_bins_used 
_refine_ls_shell.pdbx_phase_error 
_refine_ls_shell.pdbx_fsc_work 
_refine_ls_shell.pdbx_fsc_free 
'X-RAY DIFFRACTION' 2.3040 2.6366  . . 161 3107 99.00  . . . 0.2841 . 0.2758 . . . . . . . . . . 
'X-RAY DIFFRACTION' 2.6366 3.3190  . . 173 3110 100.00 . . . 0.2978 . 0.2502 . . . . . . . . . . 
'X-RAY DIFFRACTION' 3.3190 19.0905 . . 145 3180 100.00 . . . 0.1840 . 0.1967 . . . . . . . . . . 
# 
_struct.entry_id                     5XPU 
_struct.title                        'Crystal structure of MAD2L2/REV7 in complex with a CAMP fragment in a monoclinic crystal' 
_struct.pdbx_model_details           ? 
_struct.pdbx_formula_weight          ? 
_struct.pdbx_formula_weight_method   ? 
_struct.pdbx_model_type_details      ? 
_struct.pdbx_CASP_flag               N 
# 
_struct_keywords.entry_id        5XPU 
_struct_keywords.text            'MAD2L2, MAD2B, REV7, CAMP, champ1, TRANSCRIPTION-METAL BINDING PROTEIN complex' 
_struct_keywords.pdbx_keywords   'TRANSCRIPTION/METAL BINDING PROTEIN' 
# 
loop_
_struct_asym.id 
_struct_asym.pdbx_blank_PDB_chainid_flag 
_struct_asym.pdbx_modified 
_struct_asym.entity_id 
_struct_asym.details 
A N N 1 ? 
B N N 2 ? 
C N N 3 ? 
# 
_struct_biol.details                      
'The authors state that MAD2L2-CAMP complex forms hetero tetrameric composed of two MAD2L2, and two CAMP' 
_struct_biol.id                           1 
_struct_biol.pdbx_aggregation_state       ? 
_struct_biol.pdbx_assembly_method         ? 
_struct_biol.pdbx_formula_weight          ? 
_struct_biol.pdbx_formula_weight_method   ? 
_struct_biol.pdbx_parent_biol_id          ? 
# 
loop_
_struct_conf.conf_type_id 
_struct_conf.id 
_struct_conf.pdbx_PDB_helix_id 
_struct_conf.beg_label_comp_id 
_struct_conf.beg_label_asym_id 
_struct_conf.beg_label_seq_id 
_struct_conf.pdbx_beg_PDB_ins_code 
_struct_conf.end_label_comp_id 
_struct_conf.end_label_asym_id 
_struct_conf.end_label_seq_id 
_struct_conf.pdbx_end_PDB_ins_code 
_struct_conf.beg_auth_comp_id 
_struct_conf.beg_auth_asym_id 
_struct_conf.beg_auth_seq_id 
_struct_conf.end_auth_comp_id 
_struct_conf.end_auth_asym_id 
_struct_conf.end_auth_seq_id 
_struct_conf.pdbx_PDB_helix_class 
_struct_conf.details 
_struct_conf.pdbx_PDB_helix_length 
HELX_P HELX_P1 AA1 GLY A 28  ? ARG A 50  ? GLY A 12  ARG A 34  1 ? 23 
HELX_P HELX_P2 AA2 PRO A 54  ? GLY A 56  ? PRO A 38  GLY A 40  5 ? 3  
HELX_P HELX_P3 AA3 HIS A 73  ? GLU A 92  ? HIS A 57  GLU A 76  1 ? 20 
HELX_P HELX_P4 AA4 SER A 133 ? LEU A 153 ? SER A 117 LEU A 137 1 ? 21 
HELX_P HELX_P5 AA5 THR A 207 ? LEU A 213 ? THR A 191 LEU A 197 1 ? 7  
# 
_struct_conf_type.id          HELX_P 
_struct_conf_type.criteria    ? 
_struct_conf_type.reference   ? 
# 
_struct_mon_prot_cis.pdbx_id                1 
_struct_mon_prot_cis.label_comp_id          GLY 
_struct_mon_prot_cis.label_seq_id           9 
_struct_mon_prot_cis.label_asym_id          B 
_struct_mon_prot_cis.label_alt_id           . 
_struct_mon_prot_cis.pdbx_PDB_ins_code      ? 
_struct_mon_prot_cis.auth_comp_id           GLY 
_struct_mon_prot_cis.auth_seq_id            332 
_struct_mon_prot_cis.auth_asym_id           B 
_struct_mon_prot_cis.pdbx_label_comp_id_2   PRO 
_struct_mon_prot_cis.pdbx_label_seq_id_2    10 
_struct_mon_prot_cis.pdbx_label_asym_id_2   B 
_struct_mon_prot_cis.pdbx_PDB_ins_code_2    ? 
_struct_mon_prot_cis.pdbx_auth_comp_id_2    PRO 
_struct_mon_prot_cis.pdbx_auth_seq_id_2     333 
_struct_mon_prot_cis.pdbx_auth_asym_id_2    B 
_struct_mon_prot_cis.pdbx_PDB_model_num     1 
_struct_mon_prot_cis.pdbx_omega_angle       2.97 
# 
loop_
_struct_sheet.id 
_struct_sheet.type 
_struct_sheet.number_strands 
_struct_sheet.details 
AA1 ? 2 ? 
AA2 ? 3 ? 
AA3 ? 2 ? 
# 
loop_
_struct_sheet_order.sheet_id 
_struct_sheet_order.range_id_1 
_struct_sheet_order.range_id_2 
_struct_sheet_order.offset 
_struct_sheet_order.sense 
AA1 1 2 ? anti-parallel 
AA2 1 2 ? anti-parallel 
AA2 2 3 ? anti-parallel 
AA3 1 2 ? anti-parallel 
# 
loop_
_struct_sheet_range.sheet_id 
_struct_sheet_range.id 
_struct_sheet_range.beg_label_comp_id 
_struct_sheet_range.beg_label_asym_id 
_struct_sheet_range.beg_label_seq_id 
_struct_sheet_range.pdbx_beg_PDB_ins_code 
_struct_sheet_range.end_label_comp_id 
_struct_sheet_range.end_label_asym_id 
_struct_sheet_range.end_label_seq_id 
_struct_sheet_range.pdbx_end_PDB_ins_code 
_struct_sheet_range.beg_auth_comp_id 
_struct_sheet_range.beg_auth_asym_id 
_struct_sheet_range.beg_auth_seq_id 
_struct_sheet_range.end_auth_comp_id 
_struct_sheet_range.end_auth_asym_id 
_struct_sheet_range.end_auth_seq_id 
AA1 1 PHE A 58  ? LYS A 60  ? PHE A 42  LYS A 44  
AA1 2 GLN A 69  ? SER A 71  ? GLN A 53  SER A 55  
AA2 1 PRO A 110 ? GLU A 117 ? PRO A 94  GLU A 101 
AA2 2 VAL A 96  ? ASP A 105 ? VAL A 80  ASP A 89  
AA2 3 CYS A 160 ? THR A 168 ? CYS A 144 THR A 152 
AA3 1 TRP A 187 ? LEU A 189 ? TRP A 171 LEU A 173 
AA3 2 TRP B 11  ? PRO B 13  ? TRP B 334 PRO B 336 
# 
loop_
_pdbx_struct_sheet_hbond.sheet_id 
_pdbx_struct_sheet_hbond.range_id_1 
_pdbx_struct_sheet_hbond.range_id_2 
_pdbx_struct_sheet_hbond.range_1_label_atom_id 
_pdbx_struct_sheet_hbond.range_1_label_comp_id 
_pdbx_struct_sheet_hbond.range_1_label_asym_id 
_pdbx_struct_sheet_hbond.range_1_label_seq_id 
_pdbx_struct_sheet_hbond.range_1_PDB_ins_code 
_pdbx_struct_sheet_hbond.range_1_auth_atom_id 
_pdbx_struct_sheet_hbond.range_1_auth_comp_id 
_pdbx_struct_sheet_hbond.range_1_auth_asym_id 
_pdbx_struct_sheet_hbond.range_1_auth_seq_id 
_pdbx_struct_sheet_hbond.range_2_label_atom_id 
_pdbx_struct_sheet_hbond.range_2_label_comp_id 
_pdbx_struct_sheet_hbond.range_2_label_asym_id 
_pdbx_struct_sheet_hbond.range_2_label_seq_id 
_pdbx_struct_sheet_hbond.range_2_PDB_ins_code 
_pdbx_struct_sheet_hbond.range_2_auth_atom_id 
_pdbx_struct_sheet_hbond.range_2_auth_comp_id 
_pdbx_struct_sheet_hbond.range_2_auth_asym_id 
_pdbx_struct_sheet_hbond.range_2_auth_seq_id 
AA1 1 2 N GLN A 59  ? N GLN A 43  O MET A 70  ? O MET A 54  
AA2 1 2 O VAL A 111 ? O VAL A 95  N ILE A 103 ? N ILE A 87  
AA2 2 3 N VAL A 102 ? N VAL A 86  O THR A 163 ? O THR A 147 
AA3 1 2 N ILE A 188 ? N ILE A 172 O LYS B 12  ? O LYS B 335 
# 
_atom_sites.entry_id                    5XPU 
_atom_sites.fract_transf_matrix[1][1]   -0.00758535 
_atom_sites.fract_transf_matrix[1][2]   -0.00484556 
_atom_sites.fract_transf_matrix[1][3]   0.01082749 
_atom_sites.fract_transf_matrix[2][1]   -0.00969145 
_atom_sites.fract_transf_matrix[2][2]   -0.00502390 
_atom_sites.fract_transf_matrix[2][3]   -0.00903780 
_atom_sites.fract_transf_matrix[3][1]   0.01084207 
_atom_sites.fract_transf_matrix[3][2]   -0.01930347 
_atom_sites.fract_transf_matrix[3][3]   -0.00089587 
_atom_sites.fract_transf_vector[1]      0.213310 
_atom_sites.fract_transf_vector[2]      -1.098551 
_atom_sites.fract_transf_vector[3]      -2.890526 
# 
loop_
_atom_type.symbol 
C 
N 
O 
S 
# 
loop_
_atom_site.group_PDB 
_atom_site.id 
_atom_site.type_symbol 
_atom_site.label_atom_id 
_atom_site.label_alt_id 
_atom_site.label_comp_id 
_atom_site.label_asym_id 
_atom_site.label_entity_id 
_atom_site.label_seq_id 
_atom_site.pdbx_PDB_ins_code 
_atom_site.Cartn_x 
_atom_site.Cartn_y 
_atom_site.Cartn_z 
_atom_site.occupancy 
_atom_site.B_iso_or_equiv 
_atom_site.pdbx_formal_charge 
_atom_site.auth_seq_id 
_atom_site.auth_comp_id 
_atom_site.auth_asym_id 
_atom_site.auth_atom_id 
_atom_site.pdbx_PDB_model_num 
ATOM   1    N N   . GLY A 1 28  ? 13.505  -12.964 -9.709  1.00 68.83 ? 12  GLY A N   1 
ATOM   2    C CA  . GLY A 1 28  ? 12.627  -13.688 -8.808  1.00 70.57 ? 12  GLY A CA  1 
ATOM   3    C C   . GLY A 1 28  ? 12.662  -13.141 -7.390  1.00 69.55 ? 12  GLY A C   1 
ATOM   4    O O   . GLY A 1 28  ? 11.734  -12.452 -6.957  1.00 66.56 ? 12  GLY A O   1 
ATOM   5    N N   . GLN A 1 29  ? 13.729  -13.456 -6.662  1.00 73.92 ? 13  GLN A N   1 
ATOM   6    C CA  . GLN A 1 29  ? 13.915  -12.945 -5.302  1.00 71.09 ? 13  GLN A CA  1 
ATOM   7    C C   . GLN A 1 29  ? 13.878  -11.414 -5.296  1.00 69.95 ? 13  GLN A C   1 
ATOM   8    O O   . GLN A 1 29  ? 13.277  -10.789 -4.416  1.00 69.84 ? 13  GLN A O   1 
ATOM   9    C CB  . GLN A 1 29  ? 15.247  -13.441 -4.724  1.00 69.15 ? 13  GLN A CB  1 
ATOM   10   C CG  . GLN A 1 29  ? 15.357  -14.959 -4.575  1.00 78.35 ? 13  GLN A CG  1 
ATOM   11   C CD  . GLN A 1 29  ? 15.271  -15.431 -3.129  1.00 85.70 ? 13  GLN A CD  1 
ATOM   12   O OE1 . GLN A 1 29  ? 15.933  -14.891 -2.240  1.00 90.14 ? 13  GLN A OE1 1 
ATOM   13   N NE2 . GLN A 1 29  ? 14.448  -16.444 -2.889  1.00 85.19 ? 13  GLN A NE2 1 
ATOM   14   N N   . VAL A 1 30  ? 14.525  -10.829 -6.306  1.00 71.17 ? 14  VAL A N   1 
ATOM   15   C CA  . VAL A 1 30  ? 14.756  -9.392  -6.401  1.00 65.52 ? 14  VAL A CA  1 
ATOM   16   C C   . VAL A 1 30  ? 13.454  -8.626  -6.622  1.00 63.43 ? 14  VAL A C   1 
ATOM   17   O O   . VAL A 1 30  ? 13.304  -7.483  -6.177  1.00 60.00 ? 14  VAL A O   1 
ATOM   18   C CB  . VAL A 1 30  ? 15.764  -9.083  -7.545  1.00 68.31 ? 14  VAL A CB  1 
ATOM   19   C CG1 . VAL A 1 30  ? 15.205  -9.527  -8.902  1.00 66.31 ? 14  VAL A CG1 1 
ATOM   20   C CG2 . VAL A 1 30  ? 16.167  -7.609  -7.555  1.00 66.22 ? 14  VAL A CG2 1 
ATOM   21   N N   . VAL A 1 31  ? 12.505  -9.279  -7.285  1.00 64.71 ? 15  VAL A N   1 
ATOM   22   C CA  . VAL A 1 31  ? 11.213  -8.678  -7.570  1.00 62.21 ? 15  VAL A CA  1 
ATOM   23   C C   . VAL A 1 31  ? 10.382  -8.683  -6.285  1.00 54.74 ? 15  VAL A C   1 
ATOM   24   O O   . VAL A 1 31  ? 9.715   -7.702  -5.960  1.00 48.67 ? 15  VAL A O   1 
ATOM   25   C CB  . VAL A 1 31  ? 10.480  -9.422  -8.738  1.00 57.32 ? 15  VAL A CB  1 
ATOM   26   C CG1 . VAL A 1 31  ? 9.035   -9.738  -8.398  1.00 63.85 ? 15  VAL A CG1 1 
ATOM   27   C CG2 . VAL A 1 31  ? 10.561  -8.609  -10.020 1.00 58.17 ? 15  VAL A CG2 1 
ATOM   28   N N   . ALA A 1 32  ? 10.458  -9.773  -5.536  1.00 57.21 ? 16  ALA A N   1 
ATOM   29   C CA  . ALA A 1 32  ? 9.764   -9.842  -4.266  1.00 54.48 ? 16  ALA A CA  1 
ATOM   30   C C   . ALA A 1 32  ? 10.330  -8.803  -3.309  1.00 55.60 ? 16  ALA A C   1 
ATOM   31   O O   . ALA A 1 32  ? 9.601   -8.197  -2.527  1.00 53.67 ? 16  ALA A O   1 
ATOM   32   C CB  . ALA A 1 32  ? 9.877   -11.228 -3.678  1.00 57.48 ? 16  ALA A CB  1 
ATOM   33   N N   . ASP A 1 33  ? 11.638  -8.593  -3.371  1.00 57.71 ? 17  ASP A N   1 
ATOM   34   C CA  . ASP A 1 33  ? 12.254  -7.631  -2.472  1.00 57.51 ? 17  ASP A CA  1 
ATOM   35   C C   . ASP A 1 33  ? 11.851  -6.201  -2.834  1.00 51.93 ? 17  ASP A C   1 
ATOM   36   O O   . ASP A 1 33  ? 11.452  -5.415  -1.953  1.00 56.33 ? 17  ASP A O   1 
ATOM   37   C CB  . ASP A 1 33  ? 13.774  -7.781  -2.465  1.00 57.77 ? 17  ASP A CB  1 
ATOM   38   C CG  . ASP A 1 33  ? 14.360  -7.565  -1.085  1.00 69.26 ? 17  ASP A CG  1 
ATOM   39   O OD1 . ASP A 1 33  ? 13.743  -8.024  -0.091  1.00 73.45 ? 17  ASP A OD1 1 
ATOM   40   O OD2 . ASP A 1 33  ? 15.428  -6.920  -0.985  1.00 76.54 ? 17  ASP A OD2 1 
ATOM   41   N N   . VAL A 1 34  ? 11.925  -5.866  -4.119  1.00 51.90 ? 18  VAL A N   1 
ATOM   42   C CA  . VAL A 1 34  ? 11.503  -4.537  -4.561  1.00 48.61 ? 18  VAL A CA  1 
ATOM   43   C C   . VAL A 1 34  ? 10.032  -4.283  -4.200  1.00 46.64 ? 18  VAL A C   1 
ATOM   44   O O   . VAL A 1 34  ? 9.678   -3.233  -3.643  1.00 43.83 ? 18  VAL A O   1 
ATOM   45   C CB  . VAL A 1 34  ? 11.710  -4.351  -6.081  1.00 47.74 ? 18  VAL A CB  1 
ATOM   46   C CG1 . VAL A 1 34  ? 11.142  -3.016  -6.539  1.00 43.84 ? 18  VAL A CG1 1 
ATOM   47   C CG2 . VAL A 1 34  ? 13.180  -4.415  -6.419  1.00 51.05 ? 18  VAL A CG2 1 
ATOM   48   N N   . LEU A 1 35  ? 9.179   -5.256  -4.488  1.00 41.22 ? 19  LEU A N   1 
ATOM   49   C CA  . LEU A 1 35  ? 7.761   -5.097  -4.196  1.00 43.44 ? 19  LEU A CA  1 
ATOM   50   C C   . LEU A 1 35  ? 7.491   -5.010  -2.694  1.00 45.02 ? 19  LEU A C   1 
ATOM   51   O O   . LEU A 1 35  ? 6.607   -4.285  -2.268  1.00 44.50 ? 19  LEU A O   1 
ATOM   52   C CB  . LEU A 1 35  ? 6.950   -6.234  -4.806  1.00 43.15 ? 19  LEU A CB  1 
ATOM   53   C CG  . LEU A 1 35  ? 6.729   -6.089  -6.310  1.00 48.19 ? 19  LEU A CG  1 
ATOM   54   C CD1 . LEU A 1 35  ? 5.877   -7.228  -6.836  1.00 58.88 ? 19  LEU A CD1 1 
ATOM   55   C CD2 . LEU A 1 35  ? 6.076   -4.761  -6.610  1.00 48.32 ? 19  LEU A CD2 1 
ATOM   56   N N   . CYS A 1 36  ? 8.249   -5.736  -1.884  1.00 46.26 ? 20  CYS A N   1 
ATOM   57   C CA  . CYS A 1 36  ? 7.979   -5.720  -0.450  1.00 47.78 ? 20  CYS A CA  1 
ATOM   58   C C   . CYS A 1 36  ? 8.362   -4.377  0.144   1.00 44.14 ? 20  CYS A C   1 
ATOM   59   O O   . CYS A 1 36  ? 7.596   -3.804  0.941   1.00 42.06 ? 20  CYS A O   1 
ATOM   60   C CB  . CYS A 1 36  ? 8.707   -6.854  0.275   1.00 54.72 ? 20  CYS A CB  1 
ATOM   61   S SG  . CYS A 1 36  ? 7.649   -8.268  0.625   1.00 61.94 ? 20  CYS A SG  1 
ATOM   62   N N   . GLU A 1 37  ? 9.516   -3.863  -0.269  1.00 42.17 ? 21  GLU A N   1 
ATOM   63   C CA  . GLU A 1 37  ? 9.927   -2.555  0.191   1.00 42.21 ? 21  GLU A CA  1 
ATOM   64   C C   . GLU A 1 37  ? 8.914   -1.487  -0.227  1.00 36.05 ? 21  GLU A C   1 
ATOM   65   O O   . GLU A 1 37  ? 8.423   -0.686  0.619   1.00 42.45 ? 21  GLU A O   1 
ATOM   66   C CB  . GLU A 1 37  ? 11.313  -2.228  -0.339  1.00 38.14 ? 21  GLU A CB  1 
ATOM   67   C CG  . GLU A 1 37  ? 11.833  -0.943  0.244   1.00 42.54 ? 21  GLU A CG  1 
ATOM   68   C CD  . GLU A 1 37  ? 13.259  -0.644  -0.131  1.00 41.35 ? 21  GLU A CD  1 
ATOM   69   O OE1 . GLU A 1 37  ? 13.650  0.513   0.099   1.00 46.47 ? 21  GLU A OE1 1 
ATOM   70   O OE2 . GLU A 1 37  ? 13.977  -1.540  -0.644  1.00 36.59 ? 21  GLU A OE2 1 
ATOM   71   N N   . PHE A 1 38  ? 8.578   -1.498  -1.517  1.00 35.48 ? 22  PHE A N   1 
ATOM   72   C CA  . PHE A 1 38  ? 7.580   -0.570  -2.031  1.00 34.40 ? 22  PHE A CA  1 
ATOM   73   C C   . PHE A 1 38  ? 6.270   -0.647  -1.245  1.00 35.64 ? 22  PHE A C   1 
ATOM   74   O O   . PHE A 1 38  ? 5.730   0.370   -0.827  1.00 36.08 ? 22  PHE A O   1 
ATOM   75   C CB  . PHE A 1 38  ? 7.273   -0.818  -3.508  1.00 33.24 ? 22  PHE A CB  1 
ATOM   76   C CG  . PHE A 1 38  ? 6.067   -0.085  -3.966  1.00 30.18 ? 22  PHE A CG  1 
ATOM   77   C CD1 . PHE A 1 38  ? 6.125   1.286   -4.180  1.00 33.29 ? 22  PHE A CD1 1 
ATOM   78   C CD2 . PHE A 1 38  ? 4.853   -0.735  -4.119  1.00 32.61 ? 22  PHE A CD2 1 
ATOM   79   C CE1 . PHE A 1 38  ? 4.997   1.991   -4.589  1.00 36.33 ? 22  PHE A CE1 1 
ATOM   80   C CE2 . PHE A 1 38  ? 3.703   -0.031  -4.492  1.00 35.96 ? 22  PHE A CE2 1 
ATOM   81   C CZ  . PHE A 1 38  ? 3.779   1.332   -4.739  1.00 35.38 ? 22  PHE A CZ  1 
ATOM   82   N N   . LEU A 1 39  ? 5.749   -1.858  -1.073  1.00 31.42 ? 23  LEU A N   1 
ATOM   83   C CA  . LEU A 1 39  ? 4.476   -2.049  -0.406  1.00 32.88 ? 23  LEU A CA  1 
ATOM   84   C C   . LEU A 1 39  ? 4.526   -1.541  1.050   1.00 33.00 ? 23  LEU A C   1 
ATOM   85   O O   . LEU A 1 39  ? 3.645   -0.814  1.480   1.00 29.49 ? 23  LEU A O   1 
ATOM   86   C CB  . LEU A 1 39  ? 4.063   -3.523  -0.478  1.00 31.26 ? 23  LEU A CB  1 
ATOM   87   C CG  . LEU A 1 39  ? 3.631   -4.030  -1.856  1.00 34.05 ? 23  LEU A CG  1 
ATOM   88   C CD1 . LEU A 1 39  ? 3.663   -5.548  -1.924  1.00 35.98 ? 23  LEU A CD1 1 
ATOM   89   C CD2 . LEU A 1 39  ? 2.254   -3.507  -2.226  1.00 34.30 ? 23  LEU A CD2 1 
ATOM   90   N N   . GLU A 1 40  ? 5.561   -1.880  1.805   1.00 35.92 ? 24  GLU A N   1 
ATOM   91   C CA  . GLU A 1 40  ? 5.733   -1.268  3.132   1.00 34.21 ? 24  GLU A CA  1 
ATOM   92   C C   . GLU A 1 40  ? 5.661   0.275   3.171   1.00 33.87 ? 24  GLU A C   1 
ATOM   93   O O   . GLU A 1 40  ? 4.859   0.871   3.944   1.00 35.48 ? 24  GLU A O   1 
ATOM   94   C CB  . GLU A 1 40  ? 7.066   -1.708  3.721   1.00 37.43 ? 24  GLU A CB  1 
ATOM   95   C CG  . GLU A 1 40  ? 7.385   -1.035  5.021   1.00 37.03 ? 24  GLU A CG  1 
ATOM   96   C CD  . GLU A 1 40  ? 8.573   -1.667  5.699   1.00 44.58 ? 24  GLU A CD  1 
ATOM   97   O OE1 . GLU A 1 40  ? 9.296   -2.436  5.034   1.00 45.73 ? 24  GLU A OE1 1 
ATOM   98   O OE2 . GLU A 1 40  ? 8.776   -1.404  6.898   1.00 47.55 ? 24  GLU A OE2 1 
ATOM   99   N N   . VAL A 1 41  ? 6.486   0.928   2.347   1.00 31.08 ? 25  VAL A N   1 
ATOM   100  C CA  . VAL A 1 41  ? 6.430   2.382   2.305   1.00 31.32 ? 25  VAL A CA  1 
ATOM   101  C C   . VAL A 1 41  ? 5.037   2.866   1.910   1.00 31.57 ? 25  VAL A C   1 
ATOM   102  O O   . VAL A 1 41  ? 4.522   3.852   2.470   1.00 31.80 ? 25  VAL A O   1 
ATOM   103  C CB  . VAL A 1 41  ? 7.464   2.993   1.328   1.00 33.22 ? 25  VAL A CB  1 
ATOM   104  C CG1 . VAL A 1 41  ? 7.448   4.525   1.446   1.00 31.04 ? 25  VAL A CG1 1 
ATOM   105  C CG2 . VAL A 1 41  ? 8.862   2.460   1.616   1.00 32.96 ? 25  VAL A CG2 1 
ATOM   106  N N   . ALA A 1 42  ? 4.431   2.162   0.956   1.00 30.88 ? 26  ALA A N   1 
ATOM   107  C CA  . ALA A 1 42  ? 3.102   2.485   0.469   1.00 30.03 ? 26  ALA A CA  1 
ATOM   108  C C   . ALA A 1 42  ? 2.076   2.457   1.604   1.00 32.52 ? 26  ALA A C   1 
ATOM   109  O O   . ALA A 1 42  ? 1.207   3.334   1.685   1.00 31.89 ? 26  ALA A O   1 
ATOM   110  C CB  . ALA A 1 42  ? 2.687   1.518   -0.638  1.00 27.39 ? 26  ALA A CB  1 
ATOM   111  N N   . VAL A 1 43  ? 2.163   1.442   2.465   1.00 29.81 ? 27  VAL A N   1 
ATOM   112  C CA  . VAL A 1 43  ? 1.251   1.348   3.613   1.00 33.93 ? 27  VAL A CA  1 
ATOM   113  C C   . VAL A 1 43  ? 1.453   2.598   4.461   1.00 31.80 ? 27  VAL A C   1 
ATOM   114  O O   . VAL A 1 43  ? 0.486   3.287   4.819   1.00 31.54 ? 27  VAL A O   1 
ATOM   115  C CB  . VAL A 1 43  ? 1.482   0.060   4.472   1.00 35.11 ? 27  VAL A CB  1 
ATOM   116  C CG1 . VAL A 1 43  ? 0.563   0.038   5.702   1.00 33.16 ? 27  VAL A CG1 1 
ATOM   117  C CG2 . VAL A 1 43  ? 1.244   -1.187  3.643   1.00 28.05 ? 27  VAL A CG2 1 
ATOM   118  N N   . HIS A 1 44  ? 2.713   2.930   4.732   1.00 34.07 ? 28  HIS A N   1 
ATOM   119  C CA  . HIS A 1 44  ? 2.958   4.136   5.544   1.00 31.36 ? 28  HIS A CA  1 
ATOM   120  C C   . HIS A 1 44  ? 2.344   5.407   4.938   1.00 32.86 ? 28  HIS A C   1 
ATOM   121  O O   . HIS A 1 44  ? 1.651   6.152   5.631   1.00 29.92 ? 28  HIS A O   1 
ATOM   122  C CB  . HIS A 1 44  ? 4.446   4.344   5.745   1.00 34.80 ? 28  HIS A CB  1 
ATOM   123  C CG  . HIS A 1 44  ? 5.045   3.455   6.785   1.00 34.66 ? 28  HIS A CG  1 
ATOM   124  N ND1 . HIS A 1 44  ? 5.247   3.871   8.079   1.00 33.42 ? 28  HIS A ND1 1 
ATOM   125  C CD2 . HIS A 1 44  ? 5.506   2.182   6.717   1.00 35.92 ? 28  HIS A CD2 1 
ATOM   126  C CE1 . HIS A 1 44  ? 5.797   2.889   8.775   1.00 37.56 ? 28  HIS A CE1 1 
ATOM   127  N NE2 . HIS A 1 44  ? 5.962   1.853   7.973   1.00 37.51 ? 28  HIS A NE2 1 
ATOM   128  N N   . LEU A 1 45  ? 2.589   5.641   3.643   1.00 33.17 ? 29  LEU A N   1 
ATOM   129  C CA  . LEU A 1 45  ? 2.076   6.827   2.949   1.00 35.59 ? 29  LEU A CA  1 
ATOM   130  C C   . LEU A 1 45  ? 0.539   6.875   2.893   1.00 31.94 ? 29  LEU A C   1 
ATOM   131  O O   . LEU A 1 45  ? -0.058  7.954   3.026   1.00 31.58 ? 29  LEU A O   1 
ATOM   132  C CB  . LEU A 1 45  ? 2.643   6.905   1.526   1.00 34.15 ? 29  LEU A CB  1 
ATOM   133  C CG  . LEU A 1 45  ? 4.134   7.168   1.416   1.00 37.10 ? 29  LEU A CG  1 
ATOM   134  C CD1 . LEU A 1 45  ? 4.587   6.779   0.027   1.00 38.29 ? 29  LEU A CD1 1 
ATOM   135  C CD2 . LEU A 1 45  ? 4.473   8.632   1.709   1.00 35.17 ? 29  LEU A CD2 1 
ATOM   136  N N   . ILE A 1 46  ? -0.100  5.724   2.693   1.00 29.94 ? 30  ILE A N   1 
ATOM   137  C CA  . ILE A 1 46  ? -1.565  5.654   2.859   1.00 29.88 ? 30  ILE A CA  1 
ATOM   138  C C   . ILE A 1 46  ? -1.994  6.107   4.257   1.00 32.23 ? 30  ILE A C   1 
ATOM   139  O O   . ILE A 1 46  ? -2.836  7.003   4.405   1.00 31.27 ? 30  ILE A O   1 
ATOM   140  C CB  . ILE A 1 46  ? -2.117  4.230   2.611   1.00 30.77 ? 30  ILE A CB  1 
ATOM   141  C CG1 . ILE A 1 46  ? -2.156  3.937   1.095   1.00 28.84 ? 30  ILE A CG1 1 
ATOM   142  C CG2 . ILE A 1 46  ? -3.567  4.079   3.250   1.00 27.34 ? 30  ILE A CG2 1 
ATOM   143  C CD1 . ILE A 1 46  ? -2.068  2.473   0.742   1.00 25.80 ? 30  ILE A CD1 1 
ATOM   144  N N   . LEU A 1 47  ? -1.413  5.507   5.288   1.00 33.25 ? 31  LEU A N   1 
ATOM   145  C CA  . LEU A 1 47  ? -1.788  5.908   6.661   1.00 37.29 ? 31  LEU A CA  1 
ATOM   146  C C   . LEU A 1 47  ? -1.557  7.418   6.900   1.00 41.94 ? 31  LEU A C   1 
ATOM   147  O O   . LEU A 1 47  ? -2.335  8.077   7.602   1.00 38.56 ? 31  LEU A O   1 
ATOM   148  C CB  . LEU A 1 47  ? -1.014  5.091   7.690   1.00 31.97 ? 31  LEU A CB  1 
ATOM   149  C CG  . LEU A 1 47  ? -1.207  3.575   7.607   1.00 35.08 ? 31  LEU A CG  1 
ATOM   150  C CD1 . LEU A 1 47  ? -0.344  2.844   8.611   1.00 31.07 ? 31  LEU A CD1 1 
ATOM   151  C CD2 . LEU A 1 47  ? -2.693  3.202   7.787   1.00 38.69 ? 31  LEU A CD2 1 
ATOM   152  N N   . TYR A 1 48  ? -0.497  7.963   6.299   1.00 34.56 ? 32  TYR A N   1 
ATOM   153  C CA  . TYR A 1 48  ? -0.189  9.375   6.453   1.00 32.17 ? 32  TYR A CA  1 
ATOM   154  C C   . TYR A 1 48  ? -1.172  10.284  5.716   1.00 36.36 ? 32  TYR A C   1 
ATOM   155  O O   . TYR A 1 48  ? -1.848  11.096  6.333   1.00 43.83 ? 32  TYR A O   1 
ATOM   156  C CB  . TYR A 1 48  ? 1.229   9.640   5.969   1.00 40.16 ? 32  TYR A CB  1 
ATOM   157  C CG  . TYR A 1 48  ? 1.599   11.104  5.853   1.00 41.93 ? 32  TYR A CG  1 
ATOM   158  C CD1 . TYR A 1 48  ? 1.928   11.853  6.978   1.00 42.06 ? 32  TYR A CD1 1 
ATOM   159  C CD2 . TYR A 1 48  ? 1.645   11.724  4.617   1.00 44.11 ? 32  TYR A CD2 1 
ATOM   160  C CE1 . TYR A 1 48  ? 2.280   13.183  6.870   1.00 42.93 ? 32  TYR A CE1 1 
ATOM   161  C CE2 . TYR A 1 48  ? 1.992   13.047  4.499   1.00 51.80 ? 32  TYR A CE2 1 
ATOM   162  C CZ  . TYR A 1 48  ? 2.308   13.771  5.627   1.00 50.53 ? 32  TYR A CZ  1 
ATOM   163  O OH  . TYR A 1 48  ? 2.653   15.091  5.490   1.00 56.50 ? 32  TYR A OH  1 
ATOM   164  N N   . VAL A 1 49  ? -1.249  10.150  4.399   1.00 34.21 ? 33  VAL A N   1 
ATOM   165  C CA  . VAL A 1 49  ? -2.105  11.001  3.579   1.00 40.07 ? 33  VAL A CA  1 
ATOM   166  C C   . VAL A 1 49  ? -3.575  10.924  4.014   1.00 43.38 ? 33  VAL A C   1 
ATOM   167  O O   . VAL A 1 49  ? -4.314  11.911  3.980   1.00 43.68 ? 33  VAL A O   1 
ATOM   168  C CB  . VAL A 1 49  ? -1.967  10.620  2.074   1.00 45.05 ? 33  VAL A CB  1 
ATOM   169  C CG1 . VAL A 1 49  ? -2.934  11.400  1.215   1.00 46.73 ? 33  VAL A CG1 1 
ATOM   170  C CG2 . VAL A 1 49  ? -0.549  10.883  1.598   1.00 45.66 ? 33  VAL A CG2 1 
ATOM   171  N N   . ARG A 1 50  ? -3.989  9.749   4.464   1.00 42.08 ? 34  ARG A N   1 
ATOM   172  C CA  . ARG A 1 50  ? -5.363  9.566   4.876   1.00 43.96 ? 34  ARG A CA  1 
ATOM   173  C C   . ARG A 1 50  ? -5.576  9.749   6.377   1.00 45.83 ? 34  ARG A C   1 
ATOM   174  O O   . ARG A 1 50  ? -6.701  9.611   6.854   1.00 47.11 ? 34  ARG A O   1 
ATOM   175  C CB  . ARG A 1 50  ? -5.838  8.188   4.430   1.00 41.07 ? 34  ARG A CB  1 
ATOM   176  C CG  . ARG A 1 50  ? -5.630  7.966   2.955   1.00 40.82 ? 34  ARG A CG  1 
ATOM   177  C CD  . ARG A 1 50  ? -6.849  8.378   2.188   1.00 47.55 ? 34  ARG A CD  1 
ATOM   178  N NE  . ARG A 1 50  ? -7.072  9.814   2.153   1.00 57.55 ? 34  ARG A NE  1 
ATOM   179  C CZ  . ARG A 1 50  ? -8.260  10.388  2.326   1.00 53.66 ? 34  ARG A CZ  1 
ATOM   180  N NH1 . ARG A 1 50  ? -9.330  9.642   2.557   1.00 42.39 ? 34  ARG A NH1 1 
ATOM   181  N NH2 . ARG A 1 50  ? -8.372  11.711  2.263   1.00 55.18 ? 34  ARG A NH2 1 
ATOM   182  N N   . GLU A 1 51  ? -4.508  10.072  7.109   1.00 43.36 ? 35  GLU A N   1 
ATOM   183  C CA  . GLU A 1 51  ? -4.610  10.378  8.532   1.00 41.58 ? 35  GLU A CA  1 
ATOM   184  C C   . GLU A 1 51  ? -5.303  9.273   9.333   1.00 43.56 ? 35  GLU A C   1 
ATOM   185  O O   . GLU A 1 51  ? -6.143  9.532   10.181  1.00 43.57 ? 35  GLU A O   1 
ATOM   186  C CB  . GLU A 1 51  ? -5.338  11.698  8.722   1.00 43.48 ? 35  GLU A CB  1 
ATOM   187  C CG  . GLU A 1 51  ? -4.682  12.800  7.929   1.00 54.36 ? 35  GLU A CG  1 
ATOM   188  C CD  . GLU A 1 51  ? -5.321  14.142  8.165   1.00 66.84 ? 35  GLU A CD  1 
ATOM   189  O OE1 . GLU A 1 51  ? -5.167  14.688  9.281   1.00 71.06 ? 35  GLU A OE1 1 
ATOM   190  O OE2 . GLU A 1 51  ? -5.998  14.638  7.236   1.00 70.09 ? 35  GLU A OE2 1 
ATOM   191  N N   . VAL A 1 52  ? -4.936  8.036   9.041   1.00 42.32 ? 36  VAL A N   1 
ATOM   192  C CA  . VAL A 1 52  ? -5.407  6.910   9.798   1.00 40.00 ? 36  VAL A CA  1 
ATOM   193  C C   . VAL A 1 52  ? -4.840  7.008   11.194  1.00 45.28 ? 36  VAL A C   1 
ATOM   194  O O   . VAL A 1 52  ? -5.493  6.632   12.167  1.00 47.73 ? 36  VAL A O   1 
ATOM   195  C CB  . VAL A 1 52  ? -4.999  5.591   9.142   1.00 39.56 ? 36  VAL A CB  1 
ATOM   196  C CG1 . VAL A 1 52  ? -5.534  4.400   9.949   1.00 45.28 ? 36  VAL A CG1 1 
ATOM   197  C CG2 . VAL A 1 52  ? -5.504  5.550   7.699   1.00 39.00 ? 36  VAL A CG2 1 
ATOM   198  N N   . TYR A 1 53  ? -3.613  7.517   11.275  1.00 44.54 ? 37  TYR A N   1 
ATOM   199  C CA  . TYR A 1 53  ? -2.960  7.817   12.547  1.00 45.58 ? 37  TYR A CA  1 
ATOM   200  C C   . TYR A 1 53  ? -2.548  9.294   12.548  1.00 46.07 ? 37  TYR A C   1 
ATOM   201  O O   . TYR A 1 53  ? -2.397  9.898   11.482  1.00 46.04 ? 37  TYR A O   1 
ATOM   202  C CB  . TYR A 1 53  ? -1.750  6.902   12.777  1.00 44.57 ? 37  TYR A CB  1 
ATOM   203  C CG  . TYR A 1 53  ? -2.097  5.430   12.851  1.00 48.52 ? 37  TYR A CG  1 
ATOM   204  C CD1 . TYR A 1 53  ? -2.562  4.863   14.033  1.00 54.23 ? 37  TYR A CD1 1 
ATOM   205  C CD2 . TYR A 1 53  ? -1.946  4.605   11.740  1.00 43.63 ? 37  TYR A CD2 1 
ATOM   206  C CE1 . TYR A 1 53  ? -2.878  3.510   14.105  1.00 51.64 ? 37  TYR A CE1 1 
ATOM   207  C CE2 . TYR A 1 53  ? -2.262  3.256   11.800  1.00 43.71 ? 37  TYR A CE2 1 
ATOM   208  C CZ  . TYR A 1 53  ? -2.731  2.716   12.983  1.00 46.03 ? 37  TYR A CZ  1 
ATOM   209  O OH  . TYR A 1 53  ? -3.034  1.380   13.047  1.00 45.17 ? 37  TYR A OH  1 
ATOM   210  N N   . PRO A 1 54  ? -2.383  9.881   13.746  1.00 45.12 ? 38  PRO A N   1 
ATOM   211  C CA  . PRO A 1 54  ? -2.042  11.301  13.910  1.00 44.54 ? 38  PRO A CA  1 
ATOM   212  C C   . PRO A 1 54  ? -0.725  11.678  13.225  1.00 41.90 ? 38  PRO A C   1 
ATOM   213  O O   . PRO A 1 54  ? 0.244   10.932  13.354  1.00 40.50 ? 38  PRO A O   1 
ATOM   214  C CB  . PRO A 1 54  ? -1.918  11.450  15.433  1.00 50.14 ? 38  PRO A CB  1 
ATOM   215  C CG  . PRO A 1 54  ? -2.707  10.317  15.993  1.00 46.50 ? 38  PRO A CG  1 
ATOM   216  C CD  . PRO A 1 54  ? -2.504  9.199   15.049  1.00 42.10 ? 38  PRO A CD  1 
ATOM   217  N N   . VAL A 1 55  ? -0.706  12.806  12.511  1.00 43.93 ? 39  VAL A N   1 
ATOM   218  C CA  . VAL A 1 55  ? 0.468   13.246  11.752  1.00 42.56 ? 39  VAL A CA  1 
ATOM   219  C C   . VAL A 1 55  ? 1.748   13.240  12.593  1.00 41.92 ? 39  VAL A C   1 
ATOM   220  O O   . VAL A 1 55  ? 2.826   12.964  12.086  1.00 41.62 ? 39  VAL A O   1 
ATOM   221  C CB  . VAL A 1 55  ? 0.271   14.665  11.183  1.00 49.95 ? 39  VAL A CB  1 
ATOM   222  C CG1 . VAL A 1 55  ? 1.425   15.037  10.263  1.00 56.44 ? 39  VAL A CG1 1 
ATOM   223  C CG2 . VAL A 1 55  ? -1.042  14.758  10.430  1.00 59.98 ? 39  VAL A CG2 1 
ATOM   224  N N   . GLY A 1 56  ? 1.599   13.512  13.887  1.00 46.71 ? 40  GLY A N   1 
ATOM   225  C CA  . GLY A 1 56  ? 2.698   13.509  14.834  1.00 41.44 ? 40  GLY A CA  1 
ATOM   226  C C   . GLY A 1 56  ? 3.575   12.274  14.887  1.00 43.44 ? 40  GLY A C   1 
ATOM   227  O O   . GLY A 1 56  ? 4.749   12.375  15.218  1.00 41.14 ? 40  GLY A O   1 
ATOM   228  N N   . ILE A 1 57  ? 3.032   11.103  14.573  1.00 44.95 ? 41  ILE A N   1 
ATOM   229  C CA  . ILE A 1 57  ? 3.869   9.902   14.547  1.00 45.02 ? 41  ILE A CA  1 
ATOM   230  C C   . ILE A 1 57  ? 4.686   9.773   13.226  1.00 37.36 ? 41  ILE A C   1 
ATOM   231  O O   . ILE A 1 57  ? 5.560   8.916   13.077  1.00 35.87 ? 41  ILE A O   1 
ATOM   232  C CB  . ILE A 1 57  ? 3.020   8.638   14.765  1.00 42.69 ? 41  ILE A CB  1 
ATOM   233  C CG1 . ILE A 1 57  ? 2.198   8.302   13.520  1.00 39.81 ? 41  ILE A CG1 1 
ATOM   234  C CG2 . ILE A 1 57  ? 2.107   8.813   15.983  1.00 40.82 ? 41  ILE A CG2 1 
ATOM   235  C CD1 . ILE A 1 57  ? 1.792   6.834   13.455  1.00 41.47 ? 41  ILE A CD1 1 
ATOM   236  N N   . PHE A 1 58  ? 4.422   10.633  12.266  1.00 33.94 ? 42  PHE A N   1 
ATOM   237  C CA  . PHE A 1 58  ? 5.123   10.488  10.990  1.00 44.33 ? 42  PHE A CA  1 
ATOM   238  C C   . PHE A 1 58  ? 6.332   11.406  10.872  1.00 46.67 ? 42  PHE A C   1 
ATOM   239  O O   . PHE A 1 58  ? 6.326   12.527  11.386  1.00 48.08 ? 42  PHE A O   1 
ATOM   240  C CB  . PHE A 1 58  ? 4.163   10.735  9.822   1.00 39.66 ? 42  PHE A CB  1 
ATOM   241  C CG  . PHE A 1 58  ? 3.075   9.704   9.715   1.00 41.59 ? 42  PHE A CG  1 
ATOM   242  C CD1 . PHE A 1 58  ? 3.316   8.488   9.094   1.00 36.57 ? 42  PHE A CD1 1 
ATOM   243  C CD2 . PHE A 1 58  ? 1.819   9.948   10.240  1.00 35.49 ? 42  PHE A CD2 1 
ATOM   244  C CE1 . PHE A 1 58  ? 2.311   7.535   8.992   1.00 35.04 ? 42  PHE A CE1 1 
ATOM   245  C CE2 . PHE A 1 58  ? 0.820   9.001   10.141  1.00 40.57 ? 42  PHE A CE2 1 
ATOM   246  C CZ  . PHE A 1 58  ? 1.068   7.792   9.518   1.00 36.65 ? 42  PHE A CZ  1 
ATOM   247  N N   . GLN A 1 59  ? 7.369   10.906  10.204  1.00 45.01 ? 43  GLN A N   1 
ATOM   248  C CA  . GLN A 1 59  ? 8.529   11.726  9.842   1.00 50.24 ? 43  GLN A CA  1 
ATOM   249  C C   . GLN A 1 59  ? 8.961   11.442  8.413   1.00 42.43 ? 43  GLN A C   1 
ATOM   250  O O   . GLN A 1 59  ? 8.822   10.332  7.925   1.00 37.09 ? 43  GLN A O   1 
ATOM   251  C CB  . GLN A 1 59  ? 9.735   11.479  10.776  1.00 44.48 ? 43  GLN A CB  1 
ATOM   252  C CG  . GLN A 1 59  ? 9.530   11.820  12.255  1.00 51.74 ? 43  GLN A CG  1 
ATOM   253  C CD  . GLN A 1 59  ? 9.397   13.311  12.522  1.00 62.04 ? 43  GLN A CD  1 
ATOM   254  O OE1 . GLN A 1 59  ? 9.383   14.129  11.594  1.00 68.07 ? 43  GLN A OE1 1 
ATOM   255  N NE2 . GLN A 1 59  ? 9.310   13.673  13.801  1.00 59.42 ? 43  GLN A NE2 1 
ATOM   256  N N   . LYS A 1 60  ? 9.536   12.461  7.786   1.00 46.18 ? 44  LYS A N   1 
ATOM   257  C CA  . LYS A 1 60  ? 10.245  12.348  6.522   1.00 43.17 ? 44  LYS A CA  1 
ATOM   258  C C   . LYS A 1 60  ? 11.406  11.341  6.558   1.00 43.32 ? 44  LYS A C   1 
ATOM   259  O O   . LYS A 1 60  ? 12.156  11.270  7.529   1.00 48.08 ? 44  LYS A O   1 
ATOM   260  C CB  . LYS A 1 60  ? 10.762  13.735  6.121   1.00 52.13 ? 44  LYS A CB  1 
ATOM   261  C CG  . LYS A 1 60  ? 11.539  13.776  4.825   1.00 55.59 ? 44  LYS A CG  1 
ATOM   262  C CD  . LYS A 1 60  ? 11.878  15.209  4.417   1.00 69.04 ? 44  LYS A CD  1 
ATOM   263  C CE  . LYS A 1 60  ? 12.947  15.257  3.311   1.00 63.72 ? 44  LYS A CE  1 
ATOM   264  N NZ  . LYS A 1 60  ? 12.439  14.729  2.012   1.00 56.21 ? 44  LYS A NZ  1 
ATOM   265  N N   . ARG A 1 61  ? 11.549  10.558  5.489   1.00 42.88 ? 45  ARG A N   1 
ATOM   266  C CA  . ARG A 1 61  ? 12.716  9.696   5.335   1.00 41.46 ? 45  ARG A CA  1 
ATOM   267  C C   . ARG A 1 61  ? 13.590  10.209  4.214   1.00 41.05 ? 45  ARG A C   1 
ATOM   268  O O   . ARG A 1 61  ? 13.160  10.278  3.064   1.00 50.90 ? 45  ARG A O   1 
ATOM   269  C CB  . ARG A 1 61  ? 12.313  8.256   5.054   1.00 40.00 ? 45  ARG A CB  1 
ATOM   270  C CG  . ARG A 1 61  ? 11.331  7.695   6.058   1.00 37.83 ? 45  ARG A CG  1 
ATOM   271  C CD  . ARG A 1 61  ? 11.855  7.898   7.463   1.00 47.80 ? 45  ARG A CD  1 
ATOM   272  N NE  . ARG A 1 61  ? 10.791  8.042   8.449   1.00 41.75 ? 45  ARG A NE  1 
ATOM   273  C CZ  . ARG A 1 61  ? 10.527  7.125   9.363   1.00 39.07 ? 45  ARG A CZ  1 
ATOM   274  N NH1 . ARG A 1 61  ? 11.238  6.008   9.393   1.00 44.22 ? 45  ARG A NH1 1 
ATOM   275  N NH2 . ARG A 1 61  ? 9.551   7.311   10.225  1.00 39.82 ? 45  ARG A NH2 1 
ATOM   276  N N   . LYS A 1 62  ? 14.818  10.594  4.544   1.00 49.93 ? 46  LYS A N   1 
ATOM   277  C CA  . LYS A 1 62  ? 15.733  11.070  3.521   1.00 47.38 ? 46  LYS A CA  1 
ATOM   278  C C   . LYS A 1 62  ? 16.504  9.899   2.921   1.00 47.00 ? 46  LYS A C   1 
ATOM   279  O O   . LYS A 1 62  ? 17.451  10.100  2.167   1.00 46.78 ? 46  LYS A O   1 
ATOM   280  C CB  . LYS A 1 62  ? 16.679  12.127  4.091   1.00 51.42 ? 46  LYS A CB  1 
ATOM   281  C CG  . LYS A 1 62  ? 16.009  13.477  4.297   1.00 55.05 ? 46  LYS A CG  1 
ATOM   282  C CD  . LYS A 1 62  ? 16.811  14.386  5.241   1.00 61.89 ? 46  LYS A CD  1 
ATOM   283  C CE  . LYS A 1 62  ? 17.914  15.201  4.530   1.00 59.84 ? 46  LYS A CE  1 
ATOM   284  N NZ  . LYS A 1 62  ? 19.197  14.454  4.355   1.00 55.66 ? 46  LYS A NZ  1 
ATOM   285  N N   . LYS A 1 63  ? 16.088  8.666   3.225   1.00 46.94 ? 47  LYS A N   1 
ATOM   286  C CA  . LYS A 1 63  ? 16.781  7.528   2.626   1.00 46.24 ? 47  LYS A CA  1 
ATOM   287  C C   . LYS A 1 63  ? 16.336  7.331   1.180   1.00 42.33 ? 47  LYS A C   1 
ATOM   288  O O   . LYS A 1 63  ? 16.986  6.619   0.422   1.00 44.88 ? 47  LYS A O   1 
ATOM   289  C CB  . LYS A 1 63  ? 16.577  6.248   3.438   1.00 43.88 ? 47  LYS A CB  1 
ATOM   290  C CG  . LYS A 1 63  ? 15.218  5.583   3.306   1.00 46.62 ? 47  LYS A CG  1 
ATOM   291  C CD  . LYS A 1 63  ? 15.296  4.174   3.899   1.00 49.95 ? 47  LYS A CD  1 
ATOM   292  C CE  . LYS A 1 63  ? 14.039  3.768   4.631   1.00 45.63 ? 47  LYS A CE  1 
ATOM   293  N NZ  . LYS A 1 63  ? 14.222  2.394   5.188   1.00 49.67 ? 47  LYS A NZ  1 
ATOM   294  N N   . TYR A 1 64  ? 15.248  7.984   0.788   1.00 36.29 ? 48  TYR A N   1 
ATOM   295  C CA  . TYR A 1 64  ? 14.820  7.929   -0.605  1.00 47.92 ? 48  TYR A CA  1 
ATOM   296  C C   . TYR A 1 64  ? 14.971  9.309   -1.255  1.00 47.98 ? 48  TYR A C   1 
ATOM   297  O O   . TYR A 1 64  ? 14.784  10.348  -0.594  1.00 42.69 ? 48  TYR A O   1 
ATOM   298  C CB  . TYR A 1 64  ? 13.362  7.434   -0.725  1.00 45.08 ? 48  TYR A CB  1 
ATOM   299  C CG  . TYR A 1 64  ? 13.108  6.050   -0.157  1.00 39.96 ? 48  TYR A CG  1 
ATOM   300  C CD1 . TYR A 1 64  ? 13.597  4.914   -0.783  1.00 41.18 ? 48  TYR A CD1 1 
ATOM   301  C CD2 . TYR A 1 64  ? 12.377  5.886   1.008   1.00 42.79 ? 48  TYR A CD2 1 
ATOM   302  C CE1 . TYR A 1 64  ? 13.372  3.653   -0.252  1.00 38.00 ? 48  TYR A CE1 1 
ATOM   303  C CE2 . TYR A 1 64  ? 12.143  4.629   1.546   1.00 43.89 ? 48  TYR A CE2 1 
ATOM   304  C CZ  . TYR A 1 64  ? 12.644  3.517   0.910   1.00 42.53 ? 48  TYR A CZ  1 
ATOM   305  O OH  . TYR A 1 64  ? 12.403  2.268   1.450   1.00 44.24 ? 48  TYR A OH  1 
ATOM   306  N N   . ASN A 1 65  ? 15.300  9.319   -2.548  1.00 42.71 ? 49  ASN A N   1 
ATOM   307  C CA  . ASN A 1 65  ? 15.391  10.580  -3.281  1.00 48.92 ? 49  ASN A CA  1 
ATOM   308  C C   . ASN A 1 65  ? 14.028  10.958  -3.858  1.00 44.79 ? 49  ASN A C   1 
ATOM   309  O O   . ASN A 1 65  ? 13.916  11.649  -4.861  1.00 45.95 ? 49  ASN A O   1 
ATOM   310  C CB  . ASN A 1 65  ? 16.447  10.497  -4.381  1.00 53.47 ? 49  ASN A CB  1 
ATOM   311  C CG  . ASN A 1 65  ? 17.418  11.668  -4.336  1.00 61.05 ? 49  ASN A CG  1 
ATOM   312  O OD1 . ASN A 1 65  ? 17.403  12.458  -3.388  1.00 68.27 ? 49  ASN A OD1 1 
ATOM   313  N ND2 . ASN A 1 65  ? 18.266  11.785  -5.358  1.00 55.40 ? 49  ASN A ND2 1 
ATOM   314  N N   . VAL A 1 66  ? 12.992  10.459  -3.204  1.00 45.08 ? 50  VAL A N   1 
ATOM   315  C CA  . VAL A 1 66  ? 11.624  10.828  -3.480  1.00 43.09 ? 50  VAL A CA  1 
ATOM   316  C C   . VAL A 1 66  ? 11.105  11.117  -2.093  1.00 40.97 ? 50  VAL A C   1 
ATOM   317  O O   . VAL A 1 66  ? 11.541  10.474  -1.167  1.00 40.88 ? 50  VAL A O   1 
ATOM   318  C CB  . VAL A 1 66  ? 10.852  9.684   -4.199  1.00 41.70 ? 50  VAL A CB  1 
ATOM   319  C CG1 . VAL A 1 66  ? 9.444   10.062  -4.452  1.00 43.18 ? 50  VAL A CG1 1 
ATOM   320  C CG2 . VAL A 1 66  ? 11.507  9.369   -5.534  1.00 42.19 ? 50  VAL A CG2 1 
ATOM   321  N N   . PRO A 1 67  ? 10.231  12.117  -1.931  1.00 44.90 ? 51  PRO A N   1 
ATOM   322  C CA  . PRO A 1 67  ? 9.682   12.453  -0.610  1.00 41.62 ? 51  PRO A CA  1 
ATOM   323  C C   . PRO A 1 67  ? 8.793   11.366  -0.019  1.00 40.92 ? 51  PRO A C   1 
ATOM   324  O O   . PRO A 1 67  ? 7.896   10.837  -0.655  1.00 39.09 ? 51  PRO A O   1 
ATOM   325  C CB  . PRO A 1 67  ? 8.858   13.720  -0.882  1.00 47.27 ? 51  PRO A CB  1 
ATOM   326  C CG  . PRO A 1 67  ? 9.474   14.300  -2.069  1.00 53.47 ? 51  PRO A CG  1 
ATOM   327  C CD  . PRO A 1 67  ? 9.855   13.126  -2.929  1.00 43.53 ? 51  PRO A CD  1 
ATOM   328  N N   . VAL A 1 68  ? 9.036   11.069  1.242   1.00 39.47 ? 52  VAL A N   1 
ATOM   329  C CA  . VAL A 1 68  ? 8.409   9.954   1.895   1.00 36.92 ? 52  VAL A CA  1 
ATOM   330  C C   . VAL A 1 68  ? 8.166   10.290  3.364   1.00 36.49 ? 52  VAL A C   1 
ATOM   331  O O   . VAL A 1 68  ? 9.074   10.722  4.072   1.00 41.01 ? 52  VAL A O   1 
ATOM   332  C CB  . VAL A 1 68  ? 9.296   8.712   1.760   1.00 41.74 ? 52  VAL A CB  1 
ATOM   333  C CG1 . VAL A 1 68  ? 9.131   7.799   2.932   1.00 36.26 ? 52  VAL A CG1 1 
ATOM   334  C CG2 . VAL A 1 68  ? 9.051   8.001   0.423   1.00 38.97 ? 52  VAL A CG2 1 
ATOM   335  N N   . GLN A 1 69  ? 6.924   10.148  3.802   1.00 40.42 ? 53  GLN A N   1 
ATOM   336  C CA  . GLN A 1 69  ? 6.598   10.172  5.221   1.00 39.29 ? 53  GLN A CA  1 
ATOM   337  C C   . GLN A 1 69  ? 6.410   8.733   5.655   1.00 40.25 ? 53  GLN A C   1 
ATOM   338  O O   . GLN A 1 69  ? 5.781   7.947   4.925   1.00 42.09 ? 53  GLN A O   1 
ATOM   339  C CB  . GLN A 1 69  ? 5.331   10.979  5.489   1.00 40.91 ? 53  GLN A CB  1 
ATOM   340  C CG  . GLN A 1 69  ? 5.412   12.451  5.132   1.00 44.09 ? 53  GLN A CG  1 
ATOM   341  C CD  . GLN A 1 69  ? 6.156   13.275  6.169   1.00 45.96 ? 53  GLN A CD  1 
ATOM   342  O OE1 . GLN A 1 69  ? 6.354   12.839  7.303   1.00 46.53 ? 53  GLN A OE1 1 
ATOM   343  N NE2 . GLN A 1 69  ? 6.568   14.474  5.785   1.00 44.98 ? 53  GLN A NE2 1 
ATOM   344  N N   . MET A 1 70  ? 6.964   8.383   6.817   1.00 36.26 ? 54  MET A N   1 
ATOM   345  C CA  . MET A 1 70  ? 6.792   7.063   7.431   1.00 35.86 ? 54  MET A CA  1 
ATOM   346  C C   . MET A 1 70  ? 6.591   7.196   8.937   1.00 36.98 ? 54  MET A C   1 
ATOM   347  O O   . MET A 1 70  ? 7.086   8.131   9.550   1.00 39.15 ? 54  MET A O   1 
ATOM   348  C CB  . MET A 1 70  ? 7.996   6.155   7.138   1.00 34.85 ? 54  MET A CB  1 
ATOM   349  C CG  . MET A 1 70  ? 8.233   5.925   5.640   1.00 34.23 ? 54  MET A CG  1 
ATOM   350  S SD  . MET A 1 70  ? 9.499   4.695   5.230   1.00 35.55 ? 54  MET A SD  1 
ATOM   351  C CE  . MET A 1 70  ? 8.723   3.197   5.794   1.00 31.87 ? 54  MET A CE  1 
ATOM   352  N N   . SER A 1 71  ? 5.835   6.269   9.516   1.00 37.94 ? 55  SER A N   1 
ATOM   353  C CA  . SER A 1 71  ? 5.640   6.202   10.951  1.00 38.99 ? 55  SER A CA  1 
ATOM   354  C C   . SER A 1 71  ? 6.956   5.971   11.685  1.00 41.69 ? 55  SER A C   1 
ATOM   355  O O   . SER A 1 71  ? 7.831   5.244   11.195  1.00 40.02 ? 55  SER A O   1 
ATOM   356  C CB  . SER A 1 71  ? 4.647   5.086   11.313  1.00 36.43 ? 55  SER A CB  1 
ATOM   357  O OG  . SER A 1 71  ? 5.069   4.419   12.498  1.00 34.18 ? 55  SER A OG  1 
ATOM   358  N N   . CYS A 1 72  ? 7.083   6.596   12.855  1.00 38.14 ? 56  CYS A N   1 
ATOM   359  C CA  . CYS A 1 72  ? 8.164   6.282   13.787  1.00 41.26 ? 56  CYS A CA  1 
ATOM   360  C C   . CYS A 1 72  ? 7.685   5.403   14.957  1.00 42.40 ? 56  CYS A C   1 
ATOM   361  O O   . CYS A 1 72  ? 8.488   4.858   15.712  1.00 41.45 ? 56  CYS A O   1 
ATOM   362  C CB  . CYS A 1 72  ? 8.775   7.561   14.316  1.00 42.13 ? 56  CYS A CB  1 
ATOM   363  S SG  . CYS A 1 72  ? 9.798   8.382   13.112  1.00 41.58 ? 56  CYS A SG  1 
ATOM   364  N N   . HIS A 1 73  ? 6.366   5.282   15.084  1.00 39.61 ? 57  HIS A N   1 
ATOM   365  C CA  . HIS A 1 73  ? 5.717   4.424   16.067  1.00 37.00 ? 57  HIS A CA  1 
ATOM   366  C C   . HIS A 1 73  ? 6.198   2.969   15.968  1.00 43.56 ? 57  HIS A C   1 
ATOM   367  O O   . HIS A 1 73  ? 5.825   2.253   15.035  1.00 44.07 ? 57  HIS A O   1 
ATOM   368  C CB  . HIS A 1 73  ? 4.219   4.518   15.852  1.00 44.09 ? 57  HIS A CB  1 
ATOM   369  C CG  . HIS A 1 73  ? 3.390   3.969   16.971  1.00 55.53 ? 57  HIS A CG  1 
ATOM   370  N ND1 . HIS A 1 73  ? 2.772   2.739   16.905  1.00 54.06 ? 57  HIS A ND1 1 
ATOM   371  C CD2 . HIS A 1 73  ? 3.041   4.501   18.162  1.00 49.89 ? 57  HIS A CD2 1 
ATOM   372  C CE1 . HIS A 1 73  ? 2.066   2.545   18.005  1.00 50.63 ? 57  HIS A CE1 1 
ATOM   373  N NE2 . HIS A 1 73  ? 2.240   3.589   18.797  1.00 48.57 ? 57  HIS A NE2 1 
ATOM   374  N N   . PRO A 1 74  ? 7.042   2.533   16.927  1.00 47.93 ? 58  PRO A N   1 
ATOM   375  C CA  . PRO A 1 74  ? 7.816   1.290   16.792  1.00 46.88 ? 58  PRO A CA  1 
ATOM   376  C C   . PRO A 1 74  ? 6.961   0.052   16.594  1.00 46.61 ? 58  PRO A C   1 
ATOM   377  O O   . PRO A 1 74  ? 7.327   -0.818  15.787  1.00 45.36 ? 58  PRO A O   1 
ATOM   378  C CB  . PRO A 1 74  ? 8.592   1.205   18.116  1.00 50.92 ? 58  PRO A CB  1 
ATOM   379  C CG  . PRO A 1 74  ? 7.904   2.128   19.048  1.00 49.25 ? 58  PRO A CG  1 
ATOM   380  C CD  . PRO A 1 74  ? 7.339   3.223   18.197  1.00 52.61 ? 58  PRO A CD  1 
ATOM   381  N N   . GLU A 1 75  ? 5.829   -0.005  17.295  1.00 51.34 ? 59  GLU A N   1 
ATOM   382  C CA  . GLU A 1 75  ? 4.942   -1.171  17.261  1.00 46.73 ? 59  GLU A CA  1 
ATOM   383  C C   . GLU A 1 75  ? 4.080   -1.219  15.990  1.00 45.94 ? 59  GLU A C   1 
ATOM   384  O O   . GLU A 1 75  ? 3.877   -2.297  15.413  1.00 44.17 ? 59  GLU A O   1 
ATOM   385  C CB  . GLU A 1 75  ? 4.053   -1.207  18.519  1.00 50.78 ? 59  GLU A CB  1 
ATOM   386  C CG  . GLU A 1 75  ? 4.729   -0.682  19.817  1.00 54.80 ? 59  GLU A CG  1 
ATOM   387  C CD  . GLU A 1 75  ? 4.711   0.840   19.956  1.00 58.16 ? 59  GLU A CD  1 
ATOM   388  O OE1 . GLU A 1 75  ? 4.217   1.509   19.044  1.00 66.96 ? 59  GLU A OE1 1 
ATOM   389  O OE2 . GLU A 1 75  ? 5.192   1.379   20.972  1.00 65.24 ? 59  GLU A OE2 1 
ATOM   390  N N   . LEU A 1 76  ? 3.580   -0.069  15.549  1.00 45.38 ? 60  LEU A N   1 
ATOM   391  C CA  . LEU A 1 76  ? 2.940   0.004   14.235  1.00 44.79 ? 60  LEU A CA  1 
ATOM   392  C C   . LEU A 1 76  ? 3.914   -0.458  13.136  1.00 44.03 ? 60  LEU A C   1 
ATOM   393  O O   . LEU A 1 76  ? 3.539   -1.263  12.277  1.00 44.07 ? 60  LEU A O   1 
ATOM   394  C CB  . LEU A 1 76  ? 2.432   1.422   13.941  1.00 41.07 ? 60  LEU A CB  1 
ATOM   395  C CG  . LEU A 1 76  ? 1.946   1.672   12.508  1.00 40.62 ? 60  LEU A CG  1 
ATOM   396  C CD1 . LEU A 1 76  ? 0.828   0.700   12.136  1.00 37.13 ? 60  LEU A CD1 1 
ATOM   397  C CD2 . LEU A 1 76  ? 1.482   3.129   12.305  1.00 33.61 ? 60  LEU A CD2 1 
ATOM   398  N N   . ASN A 1 77  ? 5.161   0.020   13.184  1.00 39.00 ? 61  ASN A N   1 
ATOM   399  C CA  . ASN A 1 77  ? 6.170   -0.362  12.187  1.00 40.54 ? 61  ASN A CA  1 
ATOM   400  C C   . ASN A 1 77  ? 6.477   -1.848  12.207  1.00 41.09 ? 61  ASN A C   1 
ATOM   401  O O   . ASN A 1 77  ? 6.635   -2.478  11.156  1.00 43.22 ? 61  ASN A O   1 
ATOM   402  C CB  . ASN A 1 77  ? 7.483   0.411   12.387  1.00 39.17 ? 61  ASN A CB  1 
ATOM   403  C CG  . ASN A 1 77  ? 7.323   1.895   12.166  1.00 44.22 ? 61  ASN A CG  1 
ATOM   404  O OD1 . ASN A 1 77  ? 6.209   2.386   11.944  1.00 35.98 ? 61  ASN A OD1 1 
ATOM   405  N ND2 . ASN A 1 77  ? 8.435   2.636   12.279  1.00 41.05 ? 61  ASN A ND2 1 
ATOM   406  N N   . GLN A 1 78  ? 6.593   -2.402  13.408  1.00 44.32 ? 62  GLN A N   1 
ATOM   407  C CA  . GLN A 1 78  ? 6.851   -3.831  13.545  1.00 46.76 ? 62  GLN A CA  1 
ATOM   408  C C   . GLN A 1 78  ? 5.693   -4.602  12.924  1.00 45.62 ? 62  GLN A C   1 
ATOM   409  O O   . GLN A 1 78  ? 5.894   -5.631  12.282  1.00 45.54 ? 62  GLN A O   1 
ATOM   410  C CB  . GLN A 1 78  ? 7.039   -4.234  15.021  1.00 47.70 ? 62  GLN A CB  1 
ATOM   411  C CG  . GLN A 1 78  ? 7.551   -5.666  15.193  1.00 46.02 ? 62  GLN A CG  1 
ATOM   412  C CD  . GLN A 1 78  ? 8.799   -5.936  14.364  1.00 53.91 ? 62  GLN A CD  1 
ATOM   413  O OE1 . GLN A 1 78  ? 9.830   -5.280  14.528  1.00 56.55 ? 62  GLN A OE1 1 
ATOM   414  N NE2 . GLN A 1 78  ? 8.709   -6.902  13.470  1.00 55.62 ? 62  GLN A NE2 1 
ATOM   415  N N   . TYR A 1 79  ? 4.480   -4.087  13.108  1.00 42.01 ? 63  TYR A N   1 
ATOM   416  C CA  . TYR A 1 79  ? 3.294   -4.732  12.568  1.00 40.59 ? 63  TYR A CA  1 
ATOM   417  C C   . TYR A 1 79  ? 3.291   -4.764  11.022  1.00 45.76 ? 63  TYR A C   1 
ATOM   418  O O   . TYR A 1 79  ? 3.132   -5.832  10.397  1.00 43.81 ? 63  TYR A O   1 
ATOM   419  C CB  . TYR A 1 79  ? 2.058   -4.013  13.093  1.00 40.75 ? 63  TYR A CB  1 
ATOM   420  C CG  . TYR A 1 79  ? 0.785   -4.630  12.628  1.00 45.94 ? 63  TYR A CG  1 
ATOM   421  C CD1 . TYR A 1 79  ? 0.302   -5.801  13.228  1.00 49.17 ? 63  TYR A CD1 1 
ATOM   422  C CD2 . TYR A 1 79  ? 0.055   -4.063  11.592  1.00 39.44 ? 63  TYR A CD2 1 
ATOM   423  C CE1 . TYR A 1 79  ? -0.877  -6.390  12.793  1.00 51.59 ? 63  TYR A CE1 1 
ATOM   424  C CE2 . TYR A 1 79  ? -1.128  -4.642  11.151  1.00 43.20 ? 63  TYR A CE2 1 
ATOM   425  C CZ  . TYR A 1 79  ? -1.589  -5.806  11.758  1.00 47.75 ? 63  TYR A CZ  1 
ATOM   426  O OH  . TYR A 1 79  ? -2.761  -6.391  11.327  1.00 52.63 ? 63  TYR A OH  1 
ATOM   427  N N   . ILE A 1 80  ? 3.477   -3.594  10.406  1.00 42.61 ? 64  ILE A N   1 
ATOM   428  C CA  . ILE A 1 80  ? 3.553   -3.513  8.944   1.00 40.70 ? 64  ILE A CA  1 
ATOM   429  C C   . ILE A 1 80  ? 4.678   -4.413  8.392   1.00 42.87 ? 64  ILE A C   1 
ATOM   430  O O   . ILE A 1 80  ? 4.485   -5.160  7.406   1.00 42.19 ? 64  ILE A O   1 
ATOM   431  C CB  . ILE A 1 80  ? 3.735   -2.043  8.511   1.00 35.71 ? 64  ILE A CB  1 
ATOM   432  C CG1 . ILE A 1 80  ? 2.511   -1.252  8.986   1.00 37.31 ? 64  ILE A CG1 1 
ATOM   433  C CG2 . ILE A 1 80  ? 3.931   -1.930  6.979   1.00 38.58 ? 64  ILE A CG2 1 
ATOM   434  C CD1 . ILE A 1 80  ? 2.641   0.232   8.957   1.00 35.27 ? 64  ILE A CD1 1 
ATOM   435  N N   . GLN A 1 81  ? 5.828   -4.389  9.061   1.00 38.87 ? 65  GLN A N   1 
ATOM   436  C CA  . GLN A 1 81  ? 6.961   -5.210  8.658   1.00 40.00 ? 65  GLN A CA  1 
ATOM   437  C C   . GLN A 1 81  ? 6.682   -6.714  8.715   1.00 47.03 ? 65  GLN A C   1 
ATOM   438  O O   . GLN A 1 81  ? 6.982   -7.439  7.760   1.00 48.31 ? 65  GLN A O   1 
ATOM   439  C CB  . GLN A 1 81  ? 8.166   -4.880  9.529   1.00 46.67 ? 65  GLN A CB  1 
ATOM   440  C CG  . GLN A 1 81  ? 9.453   -5.534  9.082   1.00 55.18 ? 65  GLN A CG  1 
ATOM   441  C CD  . GLN A 1 81  ? 10.624  -5.113  9.942   1.00 61.34 ? 65  GLN A CD  1 
ATOM   442  O OE1 . GLN A 1 81  ? 11.066  -3.959  9.886   1.00 59.88 ? 65  GLN A OE1 1 
ATOM   443  N NE2 . GLN A 1 81  ? 11.120  -6.037  10.767  1.00 60.42 ? 65  GLN A NE2 1 
ATOM   444  N N   . ASP A 1 82  ? 6.117   -7.176  9.834   1.00 45.28 ? 66  ASP A N   1 
ATOM   445  C CA  . ASP A 1 82  ? 5.735   -8.579  9.980   1.00 46.30 ? 66  ASP A CA  1 
ATOM   446  C C   . ASP A 1 82  ? 4.748   -8.991  8.886   1.00 47.17 ? 66  ASP A C   1 
ATOM   447  O O   . ASP A 1 82  ? 4.921   -10.027 8.228   1.00 51.58 ? 66  ASP A O   1 
ATOM   448  C CB  . ASP A 1 82  ? 5.104   -8.840  11.351  1.00 41.57 ? 66  ASP A CB  1 
ATOM   449  C CG  . ASP A 1 82  ? 6.099   -8.758  12.488  1.00 44.91 ? 66  ASP A CG  1 
ATOM   450  O OD1 . ASP A 1 82  ? 7.324   -8.807  12.247  1.00 48.34 ? 66  ASP A OD1 1 
ATOM   451  O OD2 . ASP A 1 82  ? 5.633   -8.666  13.648  1.00 52.42 ? 66  ASP A OD2 1 
ATOM   452  N N   . THR A 1 83  ? 3.708   -8.182  8.701   1.00 42.86 ? 67  THR A N   1 
ATOM   453  C CA  . THR A 1 83  ? 2.737   -8.444  7.649   1.00 44.16 ? 67  THR A CA  1 
ATOM   454  C C   . THR A 1 83  ? 3.445   -8.694  6.315   1.00 51.48 ? 67  THR A C   1 
ATOM   455  O O   . THR A 1 83  ? 3.317   -9.778  5.712   1.00 53.50 ? 67  THR A O   1 
ATOM   456  C CB  . THR A 1 83  ? 1.742   -7.270  7.482   1.00 41.62 ? 67  THR A CB  1 
ATOM   457  O OG1 . THR A 1 83  ? 1.116   -6.982  8.738   1.00 41.65 ? 67  THR A OG1 1 
ATOM   458  C CG2 . THR A 1 83  ? 0.655   -7.606  6.433   1.00 47.38 ? 67  THR A CG2 1 
ATOM   459  N N   . LEU A 1 84  ? 4.225   -7.710  5.865   1.00 43.60 ? 68  LEU A N   1 
ATOM   460  C CA  . LEU A 1 84  ? 4.805   -7.823  4.533   1.00 50.73 ? 68  LEU A CA  1 
ATOM   461  C C   . LEU A 1 84  ? 5.903   -8.867  4.415   1.00 52.03 ? 68  LEU A C   1 
ATOM   462  O O   . LEU A 1 84  ? 6.154   -9.372  3.331   1.00 52.15 ? 68  LEU A O   1 
ATOM   463  C CB  . LEU A 1 84  ? 5.340   -6.473  4.076   1.00 46.63 ? 68  LEU A CB  1 
ATOM   464  C CG  . LEU A 1 84  ? 4.168   -5.566  3.752   1.00 45.45 ? 68  LEU A CG  1 
ATOM   465  C CD1 . LEU A 1 84  ? 4.592   -4.206  4.095   1.00 47.92 ? 68  LEU A CD1 1 
ATOM   466  C CD2 . LEU A 1 84  ? 3.803   -5.670  2.292   1.00 42.03 ? 68  LEU A CD2 1 
ATOM   467  N N   . HIS A 1 85  ? 6.558   -9.203  5.517   1.00 51.59 ? 69  HIS A N   1 
ATOM   468  C CA  . HIS A 1 85  ? 7.569   -10.243 5.445   1.00 51.15 ? 69  HIS A CA  1 
ATOM   469  C C   . HIS A 1 85  ? 6.916   -11.617 5.498   1.00 55.42 ? 69  HIS A C   1 
ATOM   470  O O   . HIS A 1 85  ? 7.543   -12.620 5.170   1.00 58.29 ? 69  HIS A O   1 
ATOM   471  C CB  . HIS A 1 85  ? 8.607   -10.063 6.546   1.00 51.96 ? 69  HIS A CB  1 
ATOM   472  C CG  . HIS A 1 85  ? 9.443   -8.830  6.365   1.00 67.15 ? 69  HIS A CG  1 
ATOM   473  N ND1 . HIS A 1 85  ? 10.719  -8.702  6.877   1.00 68.15 ? 69  HIS A ND1 1 
ATOM   474  C CD2 . HIS A 1 85  ? 9.181   -7.667  5.717   1.00 62.31 ? 69  HIS A CD2 1 
ATOM   475  C CE1 . HIS A 1 85  ? 11.201  -7.514  6.556   1.00 66.88 ? 69  HIS A CE1 1 
ATOM   476  N NE2 . HIS A 1 85  ? 10.285  -6.866  5.858   1.00 62.57 ? 69  HIS A NE2 1 
ATOM   477  N N   . CYS A 1 86  ? 5.644   -11.661 5.882   1.00 54.73 ? 70  CYS A N   1 
ATOM   478  C CA  . CYS A 1 86  ? 4.841   -12.855 5.620   1.00 52.73 ? 70  CYS A CA  1 
ATOM   479  C C   . CYS A 1 86  ? 4.411   -12.917 4.160   1.00 55.54 ? 70  CYS A C   1 
ATOM   480  O O   . CYS A 1 86  ? 4.324   -13.995 3.574   1.00 53.26 ? 70  CYS A O   1 
ATOM   481  C CB  . CYS A 1 86  ? 3.613   -12.896 6.517   1.00 50.52 ? 70  CYS A CB  1 
ATOM   482  S SG  . CYS A 1 86  ? 4.003   -13.266 8.215   1.00 51.30 ? 70  CYS A SG  1 
ATOM   483  N N   . VAL A 1 87  ? 4.131   -11.757 3.574   1.00 50.35 ? 71  VAL A N   1 
ATOM   484  C CA  . VAL A 1 87  ? 3.751   -11.720 2.169   1.00 51.70 ? 71  VAL A CA  1 
ATOM   485  C C   . VAL A 1 87  ? 4.933   -12.031 1.216   1.00 55.61 ? 71  VAL A C   1 
ATOM   486  O O   . VAL A 1 87  ? 4.734   -12.539 0.092   1.00 52.83 ? 71  VAL A O   1 
ATOM   487  C CB  . VAL A 1 87  ? 3.136   -10.348 1.819   1.00 52.21 ? 71  VAL A CB  1 
ATOM   488  C CG1 . VAL A 1 87  ? 2.815   -10.252 0.341   1.00 44.03 ? 71  VAL A CG1 1 
ATOM   489  C CG2 . VAL A 1 87  ? 1.887   -10.114 2.656   1.00 49.44 ? 71  VAL A CG2 1 
ATOM   490  N N   . LYS A 1 88  ? 6.156   -11.750 1.661   1.00 50.35 ? 72  LYS A N   1 
ATOM   491  C CA  . LYS A 1 88  ? 7.320   -11.831 0.763   1.00 55.24 ? 72  LYS A CA  1 
ATOM   492  C C   . LYS A 1 88  ? 7.540   -13.196 0.075   1.00 58.27 ? 72  LYS A C   1 
ATOM   493  O O   . LYS A 1 88  ? 7.788   -13.248 -1.147  1.00 58.51 ? 72  LYS A O   1 
ATOM   494  C CB  . LYS A 1 88  ? 8.601   -11.432 1.506   1.00 53.76 ? 72  LYS A CB  1 
ATOM   495  C CG  . LYS A 1 88  ? 9.830   -11.498 0.618   1.00 63.79 ? 72  LYS A CG  1 
ATOM   496  C CD  . LYS A 1 88  ? 11.010  -10.726 1.183   1.00 60.93 ? 72  LYS A CD  1 
ATOM   497  C CE  . LYS A 1 88  ? 12.202  -10.841 0.250   1.00 64.28 ? 72  LYS A CE  1 
ATOM   498  N NZ  . LYS A 1 88  ? 13.446  -10.260 0.834   1.00 74.28 ? 72  LYS A NZ  1 
ATOM   499  N N   . PRO A 1 89  ? 7.456   -14.303 0.839   1.00 56.72 ? 73  PRO A N   1 
ATOM   500  C CA  . PRO A 1 89  ? 7.684   -15.603 0.192   1.00 59.47 ? 73  PRO A CA  1 
ATOM   501  C C   . PRO A 1 89  ? 6.697   -15.896 -0.941  1.00 57.59 ? 73  PRO A C   1 
ATOM   502  O O   . PRO A 1 89  ? 7.047   -16.607 -1.883  1.00 60.46 ? 73  PRO A O   1 
ATOM   503  C CB  . PRO A 1 89  ? 7.499   -16.609 1.343   1.00 55.29 ? 73  PRO A CB  1 
ATOM   504  C CG  . PRO A 1 89  ? 7.755   -15.835 2.574   1.00 54.92 ? 73  PRO A CG  1 
ATOM   505  C CD  . PRO A 1 89  ? 7.299   -14.441 2.300   1.00 53.00 ? 73  PRO A CD  1 
ATOM   506  N N   . LEU A 1 90  ? 5.486   -15.359 -0.839  1.00 56.89 ? 74  LEU A N   1 
ATOM   507  C CA  . LEU A 1 90  ? 4.450   -15.595 -1.841  1.00 54.54 ? 74  LEU A CA  1 
ATOM   508  C C   . LEU A 1 90  ? 4.713   -14.796 -3.111  1.00 57.56 ? 74  LEU A C   1 
ATOM   509  O O   . LEU A 1 90  ? 4.444   -15.261 -4.214  1.00 61.77 ? 74  LEU A O   1 
ATOM   510  C CB  . LEU A 1 90  ? 3.078   -15.245 -1.279  1.00 51.67 ? 74  LEU A CB  1 
ATOM   511  C CG  . LEU A 1 90  ? 2.334   -16.319 -0.494  1.00 52.08 ? 74  LEU A CG  1 
ATOM   512  C CD1 . LEU A 1 90  ? 3.229   -16.923 0.573   1.00 56.14 ? 74  LEU A CD1 1 
ATOM   513  C CD2 . LEU A 1 90  ? 1.082   -15.724 0.119   1.00 49.99 ? 74  LEU A CD2 1 
ATOM   514  N N   . LEU A 1 91  ? 5.229   -13.583 -2.939  1.00 56.45 ? 75  LEU A N   1 
ATOM   515  C CA  . LEU A 1 91  ? 5.675   -12.756 -4.056  1.00 57.82 ? 75  LEU A CA  1 
ATOM   516  C C   . LEU A 1 91  ? 6.857   -13.382 -4.770  1.00 57.75 ? 75  LEU A C   1 
ATOM   517  O O   . LEU A 1 91  ? 6.977   -13.273 -5.986  1.00 54.70 ? 75  LEU A O   1 
ATOM   518  C CB  . LEU A 1 91  ? 6.056   -11.357 -3.574  1.00 51.31 ? 75  LEU A CB  1 
ATOM   519  C CG  . LEU A 1 91  ? 4.870   -10.508 -3.125  1.00 51.79 ? 75  LEU A CG  1 
ATOM   520  C CD1 . LEU A 1 91  ? 5.322   -9.303  -2.316  1.00 48.96 ? 75  LEU A CD1 1 
ATOM   521  C CD2 . LEU A 1 91  ? 4.078   -10.095 -4.344  1.00 54.68 ? 75  LEU A CD2 1 
ATOM   522  N N   . GLU A 1 92  ? 7.736   -14.031 -4.008  1.00 59.76 ? 76  GLU A N   1 
ATOM   523  C CA  . GLU A 1 92  ? 8.901   -14.697 -4.597  1.00 62.44 ? 76  GLU A CA  1 
ATOM   524  C C   . GLU A 1 92  ? 8.515   -15.728 -5.659  1.00 64.90 ? 76  GLU A C   1 
ATOM   525  O O   . GLU A 1 92  ? 9.293   -16.016 -6.567  1.00 70.09 ? 76  GLU A O   1 
ATOM   526  C CB  . GLU A 1 92  ? 9.739   -15.372 -3.507  1.00 60.74 ? 76  GLU A CB  1 
ATOM   527  C CG  . GLU A 1 92  ? 10.929  -14.551 -3.018  1.00 67.24 ? 76  GLU A CG  1 
ATOM   528  C CD  . GLU A 1 92  ? 11.353  -14.912 -1.603  1.00 70.22 ? 76  GLU A CD  1 
ATOM   529  O OE1 . GLU A 1 92  ? 11.857  -14.023 -0.884  1.00 73.99 ? 76  GLU A OE1 1 
ATOM   530  O OE2 . GLU A 1 92  ? 11.175  -16.081 -1.203  1.00 72.70 ? 76  GLU A OE2 1 
ATOM   531  N N   . LYS A 1 93  ? 7.309   -16.272 -5.555  1.00 61.09 ? 77  LYS A N   1 
ATOM   532  C CA  . LYS A 1 93  ? 6.882   -17.318 -6.473  1.00 65.90 ? 77  LYS A CA  1 
ATOM   533  C C   . LYS A 1 93  ? 5.606   -16.971 -7.229  1.00 67.31 ? 77  LYS A C   1 
ATOM   534  O O   . LYS A 1 93  ? 4.938   -17.856 -7.756  1.00 68.68 ? 77  LYS A O   1 
ATOM   535  C CB  . LYS A 1 93  ? 6.688   -18.639 -5.723  1.00 73.04 ? 77  LYS A CB  1 
ATOM   536  C CG  . LYS A 1 93  ? 7.823   -19.642 -5.947  1.00 78.05 ? 77  LYS A CG  1 
ATOM   537  C CD  . LYS A 1 93  ? 7.946   -20.019 -7.435  1.00 83.15 ? 77  LYS A CD  1 
ATOM   538  C CE  . LYS A 1 93  ? 6.674   -20.689 -7.978  1.00 83.89 ? 77  LYS A CE  1 
ATOM   539  N NZ  . LYS A 1 93  ? 6.594   -20.640 -9.474  1.00 79.59 ? 77  LYS A NZ  1 
ATOM   540  N N   . ASN A 1 94  ? 5.275   -15.687 -7.279  1.00 63.45 ? 78  ASN A N   1 
ATOM   541  C CA  . ASN A 1 94  ? 4.173   -15.199 -8.102  1.00 61.49 ? 78  ASN A CA  1 
ATOM   542  C C   . ASN A 1 94  ? 2.810   -15.780 -7.717  1.00 59.31 ? 78  ASN A C   1 
ATOM   543  O O   . ASN A 1 94  ? 1.906   -15.874 -8.550  1.00 64.41 ? 78  ASN A O   1 
ATOM   544  C CB  . ASN A 1 94  ? 4.458   -15.490 -9.581  1.00 64.00 ? 78  ASN A CB  1 
ATOM   545  C CG  . ASN A 1 94  ? 3.845   -14.459 -10.505 1.00 69.06 ? 78  ASN A CG  1 
ATOM   546  O OD1 . ASN A 1 94  ? 3.723   -13.288 -10.144 1.00 67.38 ? 78  ASN A OD1 1 
ATOM   547  N ND2 . ASN A 1 94  ? 3.447   -14.889 -11.702 1.00 65.08 ? 78  ASN A ND2 1 
ATOM   548  N N   . ASP A 1 95  ? 2.664   -16.166 -6.452  1.00 60.88 ? 79  ASP A N   1 
ATOM   549  C CA  . ASP A 1 95  ? 1.399   -16.671 -5.949  1.00 59.73 ? 79  ASP A CA  1 
ATOM   550  C C   . ASP A 1 95  ? 0.445   -15.544 -5.565  1.00 62.16 ? 79  ASP A C   1 
ATOM   551  O O   . ASP A 1 95  ? -0.729  -15.800 -5.296  1.00 61.48 ? 79  ASP A O   1 
ATOM   552  C CB  . ASP A 1 95  ? 1.627   -17.570 -4.733  1.00 62.52 ? 79  ASP A CB  1 
ATOM   553  C CG  . ASP A 1 95  ? 2.219   -18.909 -5.099  1.00 66.07 ? 79  ASP A CG  1 
ATOM   554  O OD1 . ASP A 1 95  ? 3.380   -18.939 -5.553  1.00 70.89 ? 79  ASP A OD1 1 
ATOM   555  O OD2 . ASP A 1 95  ? 1.536   -19.932 -4.900  1.00 68.19 ? 79  ASP A OD2 1 
ATOM   556  N N   . VAL A 1 96  ? 0.936   -14.304 -5.518  1.00 58.97 ? 80  VAL A N   1 
ATOM   557  C CA  . VAL A 1 96  ? 0.093   -13.197 -5.074  1.00 52.85 ? 80  VAL A CA  1 
ATOM   558  C C   . VAL A 1 96  ? -0.613  -12.480 -6.205  1.00 50.51 ? 80  VAL A C   1 
ATOM   559  O O   . VAL A 1 96  ? 0.021   -11.890 -7.074  1.00 55.63 ? 80  VAL A O   1 
ATOM   560  C CB  . VAL A 1 96  ? 0.880   -12.145 -4.298  1.00 49.40 ? 80  VAL A CB  1 
ATOM   561  C CG1 . VAL A 1 96  ? -0.044  -11.011 -3.908  1.00 47.52 ? 80  VAL A CG1 1 
ATOM   562  C CG2 . VAL A 1 96  ? 1.504   -12.748 -3.069  1.00 52.08 ? 80  VAL A CG2 1 
ATOM   563  N N   . GLU A 1 97  ? -1.935  -12.509 -6.184  1.00 50.97 ? 81  GLU A N   1 
ATOM   564  C CA  . GLU A 1 97  ? -2.699  -11.759 -7.169  1.00 53.12 ? 81  GLU A CA  1 
ATOM   565  C C   . GLU A 1 97  ? -2.782  -10.297 -6.755  1.00 51.31 ? 81  GLU A C   1 
ATOM   566  O O   . GLU A 1 97  ? -2.448  -9.417  -7.533  1.00 54.72 ? 81  GLU A O   1 
ATOM   567  C CB  . GLU A 1 97  ? -4.104  -12.332 -7.349  1.00 52.45 ? 81  GLU A CB  1 
ATOM   568  C CG  . GLU A 1 97  ? -5.043  -11.322 -7.965  1.00 55.10 ? 81  GLU A CG  1 
ATOM   569  C CD  . GLU A 1 97  ? -6.367  -11.911 -8.328  1.00 63.25 ? 81  GLU A CD  1 
ATOM   570  O OE1 . GLU A 1 97  ? -6.387  -12.982 -8.979  1.00 70.97 ? 81  GLU A OE1 1 
ATOM   571  O OE2 . GLU A 1 97  ? -7.390  -11.298 -7.957  1.00 68.30 ? 81  GLU A OE2 1 
ATOM   572  N N   . LYS A 1 98  ? -3.224  -10.021 -5.536  1.00 44.47 ? 82  LYS A N   1 
ATOM   573  C CA  . LYS A 1 98  ? -3.180  -8.635  -5.089  1.00 48.87 ? 82  LYS A CA  1 
ATOM   574  C C   . LYS A 1 98  ? -2.946  -8.480  -3.596  1.00 45.30 ? 82  LYS A C   1 
ATOM   575  O O   . LYS A 1 98  ? -3.147  -9.420  -2.808  1.00 43.64 ? 82  LYS A O   1 
ATOM   576  C CB  . LYS A 1 98  ? -4.462  -7.886  -5.490  1.00 49.51 ? 82  LYS A CB  1 
ATOM   577  C CG  . LYS A 1 98  ? -5.745  -8.677  -5.386  1.00 48.20 ? 82  LYS A CG  1 
ATOM   578  C CD  . LYS A 1 98  ? -6.968  -7.835  -5.678  1.00 49.98 ? 82  LYS A CD  1 
ATOM   579  C CE  . LYS A 1 98  ? -8.248  -8.681  -5.753  1.00 57.83 ? 82  LYS A CE  1 
ATOM   580  N NZ  . LYS A 1 98  ? -9.465  -7.877  -5.410  1.00 58.73 ? 82  LYS A NZ  1 
ATOM   581  N N   . VAL A 1 99  ? -2.490  -7.280  -3.233  1.00 41.07 ? 83  VAL A N   1 
ATOM   582  C CA  . VAL A 1 99  ? -2.378  -6.858  -1.842  1.00 36.56 ? 83  VAL A CA  1 
ATOM   583  C C   . VAL A 1 99  ? -3.278  -5.642  -1.624  1.00 41.59 ? 83  VAL A C   1 
ATOM   584  O O   . VAL A 1 99  ? -3.076  -4.622  -2.272  1.00 42.56 ? 83  VAL A O   1 
ATOM   585  C CB  . VAL A 1 99  ? -0.925  -6.511  -1.466  1.00 39.80 ? 83  VAL A CB  1 
ATOM   586  C CG1 . VAL A 1 99  ? -0.833  -6.081  0.011   1.00 31.62 ? 83  VAL A CG1 1 
ATOM   587  C CG2 . VAL A 1 99  ? 0.022   -7.699  -1.755  1.00 34.60 ? 83  VAL A CG2 1 
ATOM   588  N N   . VAL A 1 100 ? -4.273  -5.750  -0.733  1.00 39.03 ? 84  VAL A N   1 
ATOM   589  C CA  . VAL A 1 100 ? -5.224  -4.651  -0.471  1.00 35.92 ? 84  VAL A CA  1 
ATOM   590  C C   . VAL A 1 100 ? -5.013  -4.014  0.900   1.00 38.83 ? 84  VAL A C   1 
ATOM   591  O O   . VAL A 1 100 ? -5.004  -4.692  1.919   1.00 38.88 ? 84  VAL A O   1 
ATOM   592  C CB  . VAL A 1 100 ? -6.712  -5.111  -0.536  1.00 32.25 ? 84  VAL A CB  1 
ATOM   593  C CG1 . VAL A 1 100 ? -7.642  -3.923  -0.403  1.00 30.95 ? 84  VAL A CG1 1 
ATOM   594  C CG2 . VAL A 1 100 ? -7.021  -5.848  -1.839  1.00 43.54 ? 84  VAL A CG2 1 
ATOM   595  N N   . VAL A 1 101 ? -4.842  -2.705  0.925   1.00 35.72 ? 85  VAL A N   1 
ATOM   596  C CA  . VAL A 1 101 ? -4.705  -1.992  2.169   1.00 34.35 ? 85  VAL A CA  1 
ATOM   597  C C   . VAL A 1 101 ? -6.076  -1.410  2.395   1.00 34.46 ? 85  VAL A C   1 
ATOM   598  O O   . VAL A 1 101 ? -6.540  -0.585  1.617   1.00 33.95 ? 85  VAL A O   1 
ATOM   599  C CB  . VAL A 1 101 ? -3.594  -0.905  2.108   1.00 34.39 ? 85  VAL A CB  1 
ATOM   600  C CG1 . VAL A 1 101 ? -3.417  -0.217  3.471   1.00 30.08 ? 85  VAL A CG1 1 
ATOM   601  C CG2 . VAL A 1 101 ? -2.291  -1.548  1.695   1.00 34.41 ? 85  VAL A CG2 1 
ATOM   602  N N   . VAL A 1 102 ? -6.742  -1.877  3.444   1.00 37.74 ? 86  VAL A N   1 
ATOM   603  C CA  . VAL A 1 102 ? -8.130  -1.522  3.692   1.00 39.89 ? 86  VAL A CA  1 
ATOM   604  C C   . VAL A 1 102 ? -8.171  -0.594  4.876   1.00 41.48 ? 86  VAL A C   1 
ATOM   605  O O   . VAL A 1 102 ? -7.585  -0.881  5.903   1.00 43.37 ? 86  VAL A O   1 
ATOM   606  C CB  . VAL A 1 102 ? -9.023  -2.767  3.979   1.00 43.01 ? 86  VAL A CB  1 
ATOM   607  C CG1 . VAL A 1 102 ? -10.464 -2.349  4.320   1.00 40.72 ? 86  VAL A CG1 1 
ATOM   608  C CG2 . VAL A 1 102 ? -9.017  -3.718  2.804   1.00 40.07 ? 86  VAL A CG2 1 
ATOM   609  N N   . ILE A 1 103 ? -8.843  0.531   4.697   1.00 42.32 ? 87  ILE A N   1 
ATOM   610  C CA  . ILE A 1 103 ? -9.121  1.475   5.745   1.00 40.44 ? 87  ILE A CA  1 
ATOM   611  C C   . ILE A 1 103 ? -10.561 1.278   6.223   1.00 42.88 ? 87  ILE A C   1 
ATOM   612  O O   . ILE A 1 103 ? -11.536 1.310   5.438   1.00 44.39 ? 87  ILE A O   1 
ATOM   613  C CB  . ILE A 1 103 ? -8.927  2.910   5.291   1.00 37.53 ? 87  ILE A CB  1 
ATOM   614  C CG1 . ILE A 1 103 ? -7.520  3.109   4.730   1.00 39.32 ? 87  ILE A CG1 1 
ATOM   615  C CG2 . ILE A 1 103 ? -9.155  3.862   6.454   1.00 42.26 ? 87  ILE A CG2 1 
ATOM   616  C CD1 . ILE A 1 103 ? -7.288  4.507   4.277   1.00 37.32 ? 87  ILE A CD1 1 
ATOM   617  N N   . LEU A 1 104 ? -10.648 1.086   7.531   1.00 44.56 ? 88  LEU A N   1 
ATOM   618  C CA  . LEU A 1 104 ? -11.872 0.788   8.261   1.00 48.75 ? 88  LEU A CA  1 
ATOM   619  C C   . LEU A 1 104 ? -12.200 1.898   9.239   1.00 47.17 ? 88  LEU A C   1 
ATOM   620  O O   . LEU A 1 104 ? -11.304 2.452   9.854   1.00 44.38 ? 88  LEU A O   1 
ATOM   621  C CB  . LEU A 1 104 ? -11.721 -0.534  9.027   1.00 48.64 ? 88  LEU A CB  1 
ATOM   622  C CG  . LEU A 1 104 ? -11.213 -1.749  8.242   1.00 49.77 ? 88  LEU A CG  1 
ATOM   623  C CD1 . LEU A 1 104 ? -10.479 -2.709  9.159   1.00 53.46 ? 88  LEU A CD1 1 
ATOM   624  C CD2 . LEU A 1 104 ? -12.358 -2.441  7.568   1.00 49.83 ? 88  LEU A CD2 1 
ATOM   625  N N   . ASP A 1 105 ? -13.474 2.235   9.383   1.00 51.83 ? 89  ASP A N   1 
ATOM   626  C CA  . ASP A 1 105 ? -13.888 2.954   10.581  1.00 53.15 ? 89  ASP A CA  1 
ATOM   627  C C   . ASP A 1 105 ? -13.805 1.948   11.732  1.00 54.05 ? 89  ASP A C   1 
ATOM   628  O O   . ASP A 1 105 ? -13.709 0.749   11.472  1.00 57.93 ? 89  ASP A O   1 
ATOM   629  C CB  . ASP A 1 105 ? -15.288 3.528   10.402  1.00 56.93 ? 89  ASP A CB  1 
ATOM   630  C CG  . ASP A 1 105 ? -16.284 2.503   9.883   1.00 52.44 ? 89  ASP A CG  1 
ATOM   631  O OD1 . ASP A 1 105 ? -16.120 1.297   10.163  1.00 53.18 ? 89  ASP A OD1 1 
ATOM   632  O OD2 . ASP A 1 105 ? -17.246 2.910   9.204   1.00 50.52 ? 89  ASP A OD2 1 
ATOM   633  N N   . LYS A 1 106 ? -13.842 2.385   12.991  1.00 61.08 ? 90  LYS A N   1 
ATOM   634  C CA  . LYS A 1 106 ? -13.784 1.396   14.091  1.00 64.77 ? 90  LYS A CA  1 
ATOM   635  C C   . LYS A 1 106 ? -15.058 0.597   14.295  1.00 64.57 ? 90  LYS A C   1 
ATOM   636  O O   . LYS A 1 106 ? -15.149 -0.168  15.263  1.00 72.40 ? 90  LYS A O   1 
ATOM   637  C CB  . LYS A 1 106 ? -13.397 2.019   15.441  1.00 64.17 ? 90  LYS A CB  1 
ATOM   638  C CG  . LYS A 1 106 ? -11.973 2.536   15.453  1.00 68.13 ? 90  LYS A CG  1 
ATOM   639  C CD  . LYS A 1 106 ? -11.072 2.155   16.626  1.00 65.56 ? 90  LYS A CD  1 
ATOM   640  C CE  . LYS A 1 106 ? -10.421 0.775   16.489  1.00 69.33 ? 90  LYS A CE  1 
ATOM   641  N NZ  . LYS A 1 106 ? -9.084  0.786   17.192  1.00 69.15 ? 90  LYS A NZ  1 
ATOM   642  N N   . GLU A 1 107 ? -16.023 0.744   13.388  1.00 63.21 ? 91  GLU A N   1 
ATOM   643  C CA  . GLU A 1 107 ? -17.080 -0.254  13.248  1.00 61.86 ? 91  GLU A CA  1 
ATOM   644  C C   . GLU A 1 107 ? -16.530 -1.433  12.454  1.00 62.28 ? 91  GLU A C   1 
ATOM   645  O O   . GLU A 1 107 ? -17.212 -2.435  12.247  1.00 66.39 ? 91  GLU A O   1 
ATOM   646  C CB  . GLU A 1 107 ? -18.310 0.330   12.569  1.00 60.14 ? 91  GLU A CB  1 
ATOM   647  C CG  . GLU A 1 107 ? -19.300 0.976   13.541  1.00 70.19 ? 91  GLU A CG  1 
ATOM   648  C CD  . GLU A 1 107 ? -18.853 2.340   14.039  1.00 69.84 ? 91  GLU A CD  1 
ATOM   649  O OE1 . GLU A 1 107 ? -18.088 3.022   13.312  1.00 66.38 ? 91  GLU A OE1 1 
ATOM   650  O OE2 . GLU A 1 107 ? -19.266 2.720   15.163  1.00 68.77 ? 91  GLU A OE2 1 
ATOM   651  N N   . HIS A 1 108 ? -15.275 -1.286  12.025  1.00 63.68 ? 92  HIS A N   1 
ATOM   652  C CA  . HIS A 1 108 ? -14.530 -2.294  11.277  1.00 60.19 ? 92  HIS A CA  1 
ATOM   653  C C   . HIS A 1 108 ? -15.222 -2.556  9.938   1.00 58.20 ? 92  HIS A C   1 
ATOM   654  O O   . HIS A 1 108 ? -15.177 -3.656  9.403   1.00 60.90 ? 92  HIS A O   1 
ATOM   655  C CB  . HIS A 1 108 ? -14.366 -3.582  12.112  1.00 61.40 ? 92  HIS A CB  1 
ATOM   656  C CG  . HIS A 1 108 ? -12.983 -4.161  12.064  1.00 68.28 ? 92  HIS A CG  1 
ATOM   657  N ND1 . HIS A 1 108 ? -12.663 -5.273  11.309  1.00 68.46 ? 92  HIS A ND1 1 
ATOM   658  C CD2 . HIS A 1 108 ? -11.827 -3.758  12.644  1.00 69.79 ? 92  HIS A CD2 1 
ATOM   659  C CE1 . HIS A 1 108 ? -11.374 -5.535  11.435  1.00 70.53 ? 92  HIS A CE1 1 
ATOM   660  N NE2 . HIS A 1 108 ? -10.844 -4.631  12.243  1.00 73.18 ? 92  HIS A NE2 1 
ATOM   661  N N   . ARG A 1 109 ? -15.856 -1.509  9.414   1.00 56.82 ? 93  ARG A N   1 
ATOM   662  C CA  . ARG A 1 109 ? -16.361 -1.477  8.046   1.00 54.52 ? 93  ARG A CA  1 
ATOM   663  C C   . ARG A 1 109 ? -15.300 -0.902  7.095   1.00 56.24 ? 93  ARG A C   1 
ATOM   664  O O   . ARG A 1 109 ? -14.644 0.083   7.427   1.00 53.67 ? 93  ARG A O   1 
ATOM   665  C CB  . ARG A 1 109 ? -17.637 -0.628  7.963   1.00 62.02 ? 93  ARG A CB  1 
ATOM   666  C CG  . ARG A 1 109 ? -18.723 -0.995  8.979   1.00 65.79 ? 93  ARG A CG  1 
ATOM   667  C CD  . ARG A 1 109 ? -20.057 -0.292  8.687   1.00 65.74 ? 93  ARG A CD  1 
ATOM   668  N NE  . ARG A 1 109 ? -20.014 1.153   8.911   1.00 61.01 ? 93  ARG A NE  1 
ATOM   669  C CZ  . ARG A 1 109 ? -20.597 1.761   9.939   1.00 67.57 ? 93  ARG A CZ  1 
ATOM   670  N NH1 . ARG A 1 109 ? -21.266 1.046   10.836  1.00 69.24 ? 93  ARG A NH1 1 
ATOM   671  N NH2 . ARG A 1 109 ? -20.516 3.080   10.074  1.00 61.65 ? 93  ARG A NH2 1 
ATOM   672  N N   . PRO A 1 110 ? -15.110 -1.526  5.920   1.00 56.70 ? 94  PRO A N   1 
ATOM   673  C CA  . PRO A 1 110 ? -14.238 -0.938  4.891   1.00 54.08 ? 94  PRO A CA  1 
ATOM   674  C C   . PRO A 1 110 ? -14.772 0.366   4.349   1.00 51.81 ? 94  PRO A C   1 
ATOM   675  O O   . PRO A 1 110 ? -15.866 0.387   3.795   1.00 52.01 ? 94  PRO A O   1 
ATOM   676  C CB  . PRO A 1 110 ? -14.216 -1.999  3.785   1.00 50.47 ? 94  PRO A CB  1 
ATOM   677  C CG  . PRO A 1 110 ? -15.380 -2.910  4.098   1.00 59.88 ? 94  PRO A CG  1 
ATOM   678  C CD  . PRO A 1 110 ? -15.471 -2.912  5.589   1.00 59.99 ? 94  PRO A CD  1 
ATOM   679  N N   . VAL A 1 111 ? -14.007 1.442   4.489   1.00 45.47 ? 95  VAL A N   1 
ATOM   680  C CA  . VAL A 1 111 ? -14.454 2.711   3.939   1.00 43.43 ? 95  VAL A CA  1 
ATOM   681  C C   . VAL A 1 111 ? -13.565 3.107   2.773   1.00 46.47 ? 95  VAL A C   1 
ATOM   682  O O   . VAL A 1 111 ? -13.999 3.854   1.899   1.00 43.31 ? 95  VAL A O   1 
ATOM   683  C CB  . VAL A 1 111 ? -14.476 3.829   5.012   1.00 47.01 ? 95  VAL A CB  1 
ATOM   684  C CG1 . VAL A 1 111 ? -15.570 3.538   6.075   1.00 47.45 ? 95  VAL A CG1 1 
ATOM   685  C CG2 . VAL A 1 111 ? -13.118 3.986   5.667   1.00 41.16 ? 95  VAL A CG2 1 
ATOM   686  N N   . GLU A 1 112 ? -12.325 2.602   2.769   1.00 43.64 ? 96  GLU A N   1 
ATOM   687  C CA  . GLU A 1 112 ? -11.413 2.819   1.638   1.00 44.35 ? 96  GLU A CA  1 
ATOM   688  C C   . GLU A 1 112 ? -10.551 1.584   1.330   1.00 41.60 ? 96  GLU A C   1 
ATOM   689  O O   . GLU A 1 112 ? -10.065 0.922   2.233   1.00 39.52 ? 96  GLU A O   1 
ATOM   690  C CB  . GLU A 1 112 ? -10.505 4.027   1.892   1.00 42.85 ? 96  GLU A CB  1 
ATOM   691  C CG  . GLU A 1 112 ? -11.241 5.346   1.780   1.00 45.77 ? 96  GLU A CG  1 
ATOM   692  C CD  . GLU A 1 112 ? -10.445 6.533   2.280   1.00 51.64 ? 96  GLU A CD  1 
ATOM   693  O OE1 . GLU A 1 112 ? -9.222  6.408   2.493   1.00 47.82 ? 96  GLU A OE1 1 
ATOM   694  O OE2 . GLU A 1 112 ? -11.058 7.604   2.452   1.00 56.69 ? 96  GLU A OE2 1 
ATOM   695  N N   . LYS A 1 113 ? -10.362 1.292   0.048   1.00 40.61 ? 97  LYS A N   1 
ATOM   696  C CA  . LYS A 1 113 ? -9.656  0.089   -0.382  1.00 38.20 ? 97  LYS A CA  1 
ATOM   697  C C   . LYS A 1 113 ? -8.584  0.421   -1.411  1.00 42.00 ? 97  LYS A C   1 
ATOM   698  O O   . LYS A 1 113 ? -8.902  0.709   -2.578  1.00 38.45 ? 97  LYS A O   1 
ATOM   699  C CB  . LYS A 1 113 ? -10.636 -0.920  -0.993  1.00 40.29 ? 97  LYS A CB  1 
ATOM   700  C CG  . LYS A 1 113 ? -10.994 -2.086  -0.105  1.00 52.89 ? 97  LYS A CG  1 
ATOM   701  C CD  . LYS A 1 113 ? -12.374 -2.613  -0.441  1.00 47.71 ? 97  LYS A CD  1 
ATOM   702  C CE  . LYS A 1 113 ? -12.353 -4.054  -0.920  1.00 54.26 ? 97  LYS A CE  1 
ATOM   703  N NZ  . LYS A 1 113 ? -13.667 -4.411  -1.587  1.00 45.75 ? 97  LYS A NZ  1 
ATOM   704  N N   . PHE A 1 114 ? -7.327  0.342   -0.983  1.00 38.00 ? 98  PHE A N   1 
ATOM   705  C CA  . PHE A 1 114 ? -6.176  0.516   -1.862  1.00 31.88 ? 98  PHE A CA  1 
ATOM   706  C C   . PHE A 1 114 ? -5.686  -0.808  -2.430  1.00 32.45 ? 98  PHE A C   1 
ATOM   707  O O   . PHE A 1 114 ? -4.988  -1.562  -1.754  1.00 38.81 ? 98  PHE A O   1 
ATOM   708  C CB  . PHE A 1 114 ? -5.035  1.215   -1.107  1.00 31.64 ? 98  PHE A CB  1 
ATOM   709  C CG  . PHE A 1 114 ? -5.187  2.691   -1.060  1.00 29.62 ? 98  PHE A CG  1 
ATOM   710  C CD1 . PHE A 1 114 ? -5.928  3.290   -0.055  1.00 32.93 ? 98  PHE A CD1 1 
ATOM   711  C CD2 . PHE A 1 114 ? -4.618  3.484   -2.046  1.00 32.44 ? 98  PHE A CD2 1 
ATOM   712  C CE1 . PHE A 1 114 ? -6.099  4.664   -0.027  1.00 35.88 ? 98  PHE A CE1 1 
ATOM   713  C CE2 . PHE A 1 114 ? -4.780  4.856   -2.024  1.00 37.92 ? 98  PHE A CE2 1 
ATOM   714  C CZ  . PHE A 1 114 ? -5.522  5.450   -1.007  1.00 35.20 ? 98  PHE A CZ  1 
ATOM   715  N N   . VAL A 1 115 ? -6.036  -1.087  -3.678  1.00 32.99 ? 99  VAL A N   1 
ATOM   716  C CA  . VAL A 1 115 ? -5.721  -2.380  -4.263  1.00 35.29 ? 99  VAL A CA  1 
ATOM   717  C C   . VAL A 1 115 ? -4.441  -2.351  -5.091  1.00 37.96 ? 99  VAL A C   1 
ATOM   718  O O   . VAL A 1 115 ? -4.307  -1.561  -6.029  1.00 45.65 ? 99  VAL A O   1 
ATOM   719  C CB  . VAL A 1 115 ? -6.862  -2.889  -5.167  1.00 38.98 ? 99  VAL A CB  1 
ATOM   720  C CG1 . VAL A 1 115 ? -6.484  -4.220  -5.784  1.00 38.54 ? 99  VAL A CG1 1 
ATOM   721  C CG2 . VAL A 1 115 ? -8.155  -3.001  -4.389  1.00 36.03 ? 99  VAL A CG2 1 
ATOM   722  N N   . PHE A 1 116 ? -3.511  -3.228  -4.754  1.00 33.00 ? 100 PHE A N   1 
ATOM   723  C CA  . PHE A 1 116 ? -2.291  -3.364  -5.508  1.00 36.79 ? 100 PHE A CA  1 
ATOM   724  C C   . PHE A 1 116 ? -2.289  -4.687  -6.227  1.00 42.36 ? 100 PHE A C   1 
ATOM   725  O O   . PHE A 1 116 ? -1.968  -5.717  -5.639  1.00 37.10 ? 100 PHE A O   1 
ATOM   726  C CB  . PHE A 1 116 ? -1.063  -3.265  -4.608  1.00 34.03 ? 100 PHE A CB  1 
ATOM   727  C CG  . PHE A 1 116 ? -0.857  -1.912  -4.015  1.00 38.82 ? 100 PHE A CG  1 
ATOM   728  C CD1 . PHE A 1 116 ? -0.154  -0.927  -4.726  1.00 34.47 ? 100 PHE A CD1 1 
ATOM   729  C CD2 . PHE A 1 116 ? -1.337  -1.619  -2.736  1.00 34.87 ? 100 PHE A CD2 1 
ATOM   730  C CE1 . PHE A 1 116 ? 0.039   0.317   -4.177  1.00 35.70 ? 100 PHE A CE1 1 
ATOM   731  C CE2 . PHE A 1 116 ? -1.124  -0.372  -2.167  1.00 32.32 ? 100 PHE A CE2 1 
ATOM   732  C CZ  . PHE A 1 116 ? -0.456  0.597   -2.885  1.00 34.47 ? 100 PHE A CZ  1 
ATOM   733  N N   . GLU A 1 117 ? -2.644  -4.639  -7.510  1.00 42.31 ? 101 GLU A N   1 
ATOM   734  C CA  . GLU A 1 117 ? -2.604  -5.809  -8.368  1.00 42.62 ? 101 GLU A CA  1 
ATOM   735  C C   . GLU A 1 117 ? -1.187  -6.146  -8.831  1.00 46.10 ? 101 GLU A C   1 
ATOM   736  O O   . GLU A 1 117 ? -0.442  -5.295  -9.305  1.00 44.70 ? 101 GLU A O   1 
ATOM   737  C CB  . GLU A 1 117 ? -3.516  -5.598  -9.568  1.00 48.84 ? 101 GLU A CB  1 
ATOM   738  C CG  . GLU A 1 117 ? -4.948  -5.300  -9.186  1.00 46.80 ? 101 GLU A CG  1 
ATOM   739  C CD  . GLU A 1 117 ? -5.856  -5.220  -10.397 1.00 53.75 ? 101 GLU A CD  1 
ATOM   740  O OE1 . GLU A 1 117 ? -6.547  -4.192  -10.557 1.00 50.43 ? 101 GLU A OE1 1 
ATOM   741  O OE2 . GLU A 1 117 ? -5.881  -6.193  -11.181 1.00 52.68 ? 101 GLU A OE2 1 
ATOM   742  N N   . ILE A 1 118 ? -0.841  -7.414  -8.691  1.00 47.87 ? 102 ILE A N   1 
ATOM   743  C CA  . ILE A 1 118 ? 0.460   -7.934  -9.064  1.00 51.91 ? 102 ILE A CA  1 
ATOM   744  C C   . ILE A 1 118 ? 0.409   -8.601  -10.447 1.00 59.65 ? 102 ILE A C   1 
ATOM   745  O O   . ILE A 1 118 ? -0.039  -9.754  -10.582 1.00 57.73 ? 102 ILE A O   1 
ATOM   746  C CB  . ILE A 1 118 ? 0.933   -8.967  -8.041  1.00 52.84 ? 102 ILE A CB  1 
ATOM   747  C CG1 . ILE A 1 118 ? 0.792   -8.408  -6.634  1.00 51.45 ? 102 ILE A CG1 1 
ATOM   748  C CG2 . ILE A 1 118 ? 2.355   -9.419  -8.337  1.00 55.22 ? 102 ILE A CG2 1 
ATOM   749  C CD1 . ILE A 1 118 ? 1.930   -7.494  -6.236  1.00 49.40 ? 102 ILE A CD1 1 
ATOM   750  N N   . THR A 1 119 ? 0.873   -7.873  -11.462 1.00 61.04 ? 103 THR A N   1 
ATOM   751  C CA  . THR A 1 119 ? 0.971   -8.357  -12.849 1.00 62.77 ? 103 THR A CA  1 
ATOM   752  C C   . THR A 1 119 ? 2.309   -7.885  -13.394 1.00 62.43 ? 103 THR A C   1 
ATOM   753  O O   . THR A 1 119 ? 3.373   -8.273  -12.867 1.00 64.21 ? 103 THR A O   1 
ATOM   754  C CB  . THR A 1 119 ? -0.243  -7.864  -13.781 1.00 73.10 ? 103 THR A CB  1 
ATOM   755  O OG1 . THR A 1 119 ? -0.728  -6.590  -13.308 1.00 73.26 ? 103 THR A OG1 1 
ATOM   756  C CG2 . THR A 1 119 ? -1.363  -8.920  -13.864 1.00 65.40 ? 103 THR A CG2 1 
ATOM   757  N N   . ILE A 1 126 ? 14.598  -2.651  -17.935 1.00 75.20 ? 110 ILE A N   1 
ATOM   758  C CA  . ILE A 1 126 ? 13.427  -1.924  -18.405 1.00 71.42 ? 110 ILE A CA  1 
ATOM   759  C C   . ILE A 1 126 ? 13.527  -0.430  -18.047 1.00 65.84 ? 110 ILE A C   1 
ATOM   760  O O   . ILE A 1 126 ? 12.924  0.416   -18.712 1.00 68.66 ? 110 ILE A O   1 
ATOM   761  C CB  . ILE A 1 126 ? 12.122  -2.545  -17.837 1.00 74.06 ? 110 ILE A CB  1 
ATOM   762  C CG1 . ILE A 1 126 ? 12.073  -4.044  -18.149 1.00 77.22 ? 110 ILE A CG1 1 
ATOM   763  C CG2 . ILE A 1 126 ? 10.893  -1.866  -18.421 1.00 76.57 ? 110 ILE A CG2 1 
ATOM   764  C CD1 . ILE A 1 126 ? 10.721  -4.701  -17.901 1.00 79.46 ? 110 ILE A CD1 1 
ATOM   765  N N   . SER A 1 127 ? 14.303  -0.093  -17.018 1.00 63.84 ? 111 SER A N   1 
ATOM   766  C CA  . SER A 1 127 ? 14.608  1.314   -16.754 1.00 57.92 ? 111 SER A CA  1 
ATOM   767  C C   . SER A 1 127 ? 15.910  1.486   -15.963 1.00 58.28 ? 111 SER A C   1 
ATOM   768  O O   . SER A 1 127 ? 16.292  0.627   -15.170 1.00 62.31 ? 111 SER A O   1 
ATOM   769  C CB  . SER A 1 127 ? 13.452  1.993   -16.016 1.00 56.08 ? 111 SER A CB  1 
ATOM   770  O OG  . SER A 1 127 ? 13.430  1.619   -14.653 1.00 65.98 ? 111 SER A OG  1 
ATOM   771  N N   . SER A 1 128 ? 16.587  2.603   -16.179 1.00 56.24 ? 112 SER A N   1 
ATOM   772  C CA  . SER A 1 128 ? 17.895  2.806   -15.577 1.00 58.92 ? 112 SER A CA  1 
ATOM   773  C C   . SER A 1 128 ? 17.789  3.283   -14.134 1.00 60.08 ? 112 SER A C   1 
ATOM   774  O O   . SER A 1 128 ? 16.814  3.954   -13.760 1.00 55.01 ? 112 SER A O   1 
ATOM   775  C CB  . SER A 1 128 ? 18.711  3.813   -16.393 1.00 60.20 ? 112 SER A CB  1 
ATOM   776  O OG  . SER A 1 128 ? 18.276  5.140   -16.147 1.00 59.01 ? 112 SER A OG  1 
ATOM   777  N N   . ASP A 1 129 ? 18.814  2.949   -13.344 1.00 58.95 ? 113 ASP A N   1 
ATOM   778  C CA  . ASP A 1 129 ? 18.947  3.396   -11.957 1.00 54.11 ? 113 ASP A CA  1 
ATOM   779  C C   . ASP A 1 129 ? 19.395  4.841   -11.883 1.00 55.17 ? 113 ASP A C   1 
ATOM   780  O O   . ASP A 1 129 ? 19.639  5.362   -10.794 1.00 57.39 ? 113 ASP A O   1 
ATOM   781  C CB  . ASP A 1 129 ? 19.984  2.550   -11.203 1.00 63.19 ? 113 ASP A CB  1 
ATOM   782  C CG  . ASP A 1 129 ? 19.801  1.058   -11.414 1.00 71.39 ? 113 ASP A CG  1 
ATOM   783  O OD1 . ASP A 1 129 ? 19.093  0.667   -12.369 1.00 69.25 ? 113 ASP A OD1 1 
ATOM   784  O OD2 . ASP A 1 129 ? 20.384  0.276   -10.631 1.00 78.43 ? 113 ASP A OD2 1 
ATOM   785  N N   . SER A 1 130 ? 19.544  5.479   -13.035 1.00 52.81 ? 114 SER A N   1 
ATOM   786  C CA  . SER A 1 130 ? 20.386  6.670   -13.112 1.00 58.30 ? 114 SER A CA  1 
ATOM   787  C C   . SER A 1 130 ? 19.858  7.845   -12.290 1.00 53.41 ? 114 SER A C   1 
ATOM   788  O O   . SER A 1 130 ? 20.641  8.570   -11.688 1.00 49.46 ? 114 SER A O   1 
ATOM   789  C CB  . SER A 1 130 ? 20.581  7.080   -14.575 1.00 57.90 ? 114 SER A CB  1 
ATOM   790  O OG  . SER A 1 130 ? 19.352  7.017   -15.289 1.00 64.97 ? 114 SER A OG  1 
ATOM   791  N N   . LEU A 1 131 ? 18.543  8.029   -12.249 1.00 50.60 ? 115 LEU A N   1 
ATOM   792  C CA  . LEU A 1 131 ? 17.977  9.139   -11.489 1.00 47.96 ? 115 LEU A CA  1 
ATOM   793  C C   . LEU A 1 131 ? 17.201  8.621   -10.273 1.00 48.75 ? 115 LEU A C   1 
ATOM   794  O O   . LEU A 1 131 ? 17.214  9.233   -9.197  1.00 43.02 ? 115 LEU A O   1 
ATOM   795  C CB  . LEU A 1 131 ? 17.076  9.991   -12.383 1.00 45.06 ? 115 LEU A CB  1 
ATOM   796  C CG  . LEU A 1 131 ? 17.708  10.510  -13.685 1.00 45.61 ? 115 LEU A CG  1 
ATOM   797  C CD1 . LEU A 1 131 ? 16.799  10.270  -14.877 1.00 41.88 ? 115 LEU A CD1 1 
ATOM   798  C CD2 . LEU A 1 131 ? 18.063  11.986  -13.570 1.00 44.40 ? 115 LEU A CD2 1 
ATOM   799  N N   . LEU A 1 132 ? 16.528  7.488   -10.465 1.00 49.89 ? 116 LEU A N   1 
ATOM   800  C CA  . LEU A 1 132 ? 15.759  6.830   -9.406  1.00 44.56 ? 116 LEU A CA  1 
ATOM   801  C C   . LEU A 1 132 ? 15.972  5.321   -9.417  1.00 42.07 ? 116 LEU A C   1 
ATOM   802  O O   . LEU A 1 132 ? 15.980  4.696   -10.473 1.00 41.69 ? 116 LEU A O   1 
ATOM   803  C CB  . LEU A 1 132 ? 14.263  7.123   -9.550  1.00 40.37 ? 116 LEU A CB  1 
ATOM   804  C CG  . LEU A 1 132 ? 13.733  8.542   -9.365  1.00 44.05 ? 116 LEU A CG  1 
ATOM   805  C CD1 . LEU A 1 132 ? 12.232  8.583   -9.645  1.00 37.39 ? 116 LEU A CD1 1 
ATOM   806  C CD2 . LEU A 1 132 ? 14.038  9.058   -7.971  1.00 37.98 ? 116 LEU A CD2 1 
ATOM   807  N N   . SER A 1 133 ? 16.121  4.730   -8.242  1.00 40.37 ? 117 SER A N   1 
ATOM   808  C CA  . SER A 1 133 ? 16.111  3.272   -8.140  1.00 39.70 ? 117 SER A CA  1 
ATOM   809  C C   . SER A 1 133 ? 14.728  2.741   -8.481  1.00 36.10 ? 117 SER A C   1 
ATOM   810  O O   . SER A 1 133 ? 13.756  3.497   -8.540  1.00 36.94 ? 117 SER A O   1 
ATOM   811  C CB  . SER A 1 133 ? 16.526  2.817   -6.734  1.00 40.35 ? 117 SER A CB  1 
ATOM   812  O OG  . SER A 1 133 ? 15.685  3.379   -5.743  1.00 39.37 ? 117 SER A OG  1 
ATOM   813  N N   . HIS A 1 134 ? 14.647  1.440   -8.713  1.00 38.99 ? 118 HIS A N   1 
ATOM   814  C CA  . HIS A 1 134 ? 13.399  0.798   -9.083  1.00 42.61 ? 118 HIS A CA  1 
ATOM   815  C C   . HIS A 1 134 ? 12.312  0.992   -8.025  1.00 40.80 ? 118 HIS A C   1 
ATOM   816  O O   . HIS A 1 134 ? 11.119  1.211   -8.348  1.00 37.35 ? 118 HIS A O   1 
ATOM   817  C CB  . HIS A 1 134 ? 13.658  -0.679  -9.335  1.00 45.48 ? 118 HIS A CB  1 
ATOM   818  C CG  . HIS A 1 134 ? 14.506  -0.928  -10.544 1.00 54.56 ? 118 HIS A CG  1 
ATOM   819  N ND1 . HIS A 1 134 ? 15.228  -2.089  -10.729 1.00 66.42 ? 118 HIS A ND1 1 
ATOM   820  C CD2 . HIS A 1 134 ? 14.751  -0.156  -11.627 1.00 58.97 ? 118 HIS A CD2 1 
ATOM   821  C CE1 . HIS A 1 134 ? 15.878  -2.022  -11.878 1.00 63.70 ? 118 HIS A CE1 1 
ATOM   822  N NE2 . HIS A 1 134 ? 15.605  -0.859  -12.442 1.00 62.28 ? 118 HIS A NE2 1 
ATOM   823  N N   . VAL A 1 135 ? 12.747  0.949   -6.762  1.00 39.74 ? 119 VAL A N   1 
ATOM   824  C CA  . VAL A 1 135 ? 11.861  1.131   -5.633  1.00 37.22 ? 119 VAL A CA  1 
ATOM   825  C C   . VAL A 1 135 ? 11.346  2.550   -5.658  1.00 31.20 ? 119 VAL A C   1 
ATOM   826  O O   . VAL A 1 135 ? 10.153  2.791   -5.498  1.00 31.74 ? 119 VAL A O   1 
ATOM   827  C CB  . VAL A 1 135 ? 12.566  0.846   -4.293  1.00 41.48 ? 119 VAL A CB  1 
ATOM   828  C CG1 . VAL A 1 135 ? 11.764  1.435   -3.133  1.00 39.00 ? 119 VAL A CG1 1 
ATOM   829  C CG2 . VAL A 1 135 ? 12.770  -0.644  -4.103  1.00 40.90 ? 119 VAL A CG2 1 
ATOM   830  N N   . GLU A 1 136 ? 12.255  3.484   -5.893  1.00 32.30 ? 120 GLU A N   1 
ATOM   831  C CA  . GLU A 1 136 ? 11.918  4.901   -5.947  1.00 32.05 ? 120 GLU A CA  1 
ATOM   832  C C   . GLU A 1 136 ? 11.001  5.206   -7.127  1.00 31.56 ? 120 GLU A C   1 
ATOM   833  O O   . GLU A 1 136 ? 10.185  6.112   -7.055  1.00 33.23 ? 120 GLU A O   1 
ATOM   834  C CB  . GLU A 1 136 ? 13.193  5.757   -6.030  1.00 36.91 ? 120 GLU A CB  1 
ATOM   835  C CG  . GLU A 1 136 ? 14.024  5.802   -4.730  1.00 37.28 ? 120 GLU A CG  1 
ATOM   836  C CD  . GLU A 1 136 ? 15.364  6.481   -4.914  1.00 39.02 ? 120 GLU A CD  1 
ATOM   837  O OE1 . GLU A 1 136 ? 15.936  6.416   -6.039  1.00 42.36 ? 120 GLU A OE1 1 
ATOM   838  O OE2 . GLU A 1 136 ? 15.831  7.117   -3.942  1.00 38.83 ? 120 GLU A OE2 1 
ATOM   839  N N   . GLN A 1 137 ? 11.131  4.463   -8.217  1.00 28.91 ? 121 GLN A N   1 
ATOM   840  C CA  . GLN A 1 137 ? 10.223  4.647   -9.348  1.00 35.62 ? 121 GLN A CA  1 
ATOM   841  C C   . GLN A 1 137 ? 8.783   4.198   -9.026  1.00 31.35 ? 121 GLN A C   1 
ATOM   842  O O   . GLN A 1 137 ? 7.811   4.946   -9.279  1.00 31.39 ? 121 GLN A O   1 
ATOM   843  C CB  . GLN A 1 137 ? 10.779  3.927   -10.570 1.00 35.52 ? 121 GLN A CB  1 
ATOM   844  C CG  . GLN A 1 137 ? 11.993  4.711   -11.066 1.00 44.66 ? 121 GLN A CG  1 
ATOM   845  C CD  . GLN A 1 137 ? 12.706  4.079   -12.232 1.00 44.99 ? 121 GLN A CD  1 
ATOM   846  O OE1 . GLN A 1 137 ? 12.076  3.539   -13.150 1.00 43.10 ? 121 GLN A OE1 1 
ATOM   847  N NE2 . GLN A 1 137 ? 14.037  4.128   -12.195 1.00 38.45 ? 121 GLN A NE2 1 
ATOM   848  N N   . LEU A 1 138 ? 8.645   3.014   -8.430  1.00 31.31 ? 122 LEU A N   1 
ATOM   849  C CA  . LEU A 1 138 ? 7.321   2.637   -7.933  1.00 30.17 ? 122 LEU A CA  1 
ATOM   850  C C   . LEU A 1 138 ? 6.785   3.678   -6.915  1.00 28.69 ? 122 LEU A C   1 
ATOM   851  O O   . LEU A 1 138 ? 5.613   4.091   -6.975  1.00 27.62 ? 122 LEU A O   1 
ATOM   852  C CB  . LEU A 1 138 ? 7.358   1.235   -7.312  1.00 37.23 ? 122 LEU A CB  1 
ATOM   853  C CG  . LEU A 1 138 ? 7.840   0.084   -8.206  1.00 37.51 ? 122 LEU A CG  1 
ATOM   854  C CD1 . LEU A 1 138 ? 8.021   -1.188  -7.380  1.00 41.73 ? 122 LEU A CD1 1 
ATOM   855  C CD2 . LEU A 1 138 ? 6.852   -0.153  -9.343  1.00 42.88 ? 122 LEU A CD2 1 
ATOM   856  N N   . LEU A 1 139 ? 7.654   4.150   -6.023  1.00 30.89 ? 123 LEU A N   1 
ATOM   857  C CA  . LEU A 1 139 ? 7.249   5.188   -5.083  1.00 28.47 ? 123 LEU A CA  1 
ATOM   858  C C   . LEU A 1 139 ? 6.769   6.465   -5.765  1.00 32.22 ? 123 LEU A C   1 
ATOM   859  O O   . LEU A 1 139 ? 5.744   7.000   -5.386  1.00 31.64 ? 123 LEU A O   1 
ATOM   860  C CB  . LEU A 1 139 ? 8.383   5.535   -4.142  1.00 31.00 ? 123 LEU A CB  1 
ATOM   861  C CG  . LEU A 1 139 ? 8.688   4.542   -3.031  1.00 33.64 ? 123 LEU A CG  1 
ATOM   862  C CD1 . LEU A 1 139 ? 9.865   5.085   -2.185  1.00 35.24 ? 123 LEU A CD1 1 
ATOM   863  C CD2 . LEU A 1 139 ? 7.423   4.265   -2.195  1.00 27.67 ? 123 LEU A CD2 1 
ATOM   864  N N   . ALA A 1 140 ? 7.514   6.956   -6.752  1.00 30.25 ? 124 ALA A N   1 
ATOM   865  C CA  . ALA A 1 140 ? 7.150   8.171   -7.499  1.00 30.25 ? 124 ALA A CA  1 
ATOM   866  C C   . ALA A 1 140 ? 5.788   8.040   -8.166  1.00 31.30 ? 124 ALA A C   1 
ATOM   867  O O   . ALA A 1 140 ? 4.945   8.947   -8.127  1.00 32.16 ? 124 ALA A O   1 
ATOM   868  C CB  . ALA A 1 140 ? 8.226   8.489   -8.560  1.00 28.42 ? 124 ALA A CB  1 
ATOM   869  N N   . ALA A 1 141 ? 5.567   6.898   -8.785  1.00 31.85 ? 125 ALA A N   1 
ATOM   870  C CA  . ALA A 1 141 ? 4.294   6.704   -9.443  1.00 33.43 ? 125 ALA A CA  1 
ATOM   871  C C   . ALA A 1 141 ? 3.164   6.751   -8.398  1.00 34.28 ? 125 ALA A C   1 
ATOM   872  O O   . ALA A 1 141 ? 2.176   7.513   -8.543  1.00 33.70 ? 125 ALA A O   1 
ATOM   873  C CB  . ALA A 1 141 ? 4.302   5.411   -10.190 1.00 31.12 ? 125 ALA A CB  1 
ATOM   874  N N   . PHE A 1 142 ? 3.344   5.991   -7.314  1.00 33.06 ? 126 PHE A N   1 
ATOM   875  C CA  . PHE A 1 142 ? 2.315   5.930   -6.278  1.00 35.85 ? 126 PHE A CA  1 
ATOM   876  C C   . PHE A 1 142 ? 2.122   7.290   -5.596  1.00 33.55 ? 126 PHE A C   1 
ATOM   877  O O   . PHE A 1 142 ? 1.017   7.651   -5.244  1.00 32.79 ? 126 PHE A O   1 
ATOM   878  C CB  . PHE A 1 142 ? 2.653   4.847   -5.250  1.00 31.09 ? 126 PHE A CB  1 
ATOM   879  C CG  . PHE A 1 142 ? 1.626   4.698   -4.150  1.00 35.88 ? 126 PHE A CG  1 
ATOM   880  C CD1 . PHE A 1 142 ? 0.316   4.335   -4.439  1.00 33.32 ? 126 PHE A CD1 1 
ATOM   881  C CD2 . PHE A 1 142 ? 1.984   4.908   -2.820  1.00 32.75 ? 126 PHE A CD2 1 
ATOM   882  C CE1 . PHE A 1 142 ? -0.614  4.185   -3.416  1.00 39.63 ? 126 PHE A CE1 1 
ATOM   883  C CE2 . PHE A 1 142 ? 1.074   4.767   -1.810  1.00 36.04 ? 126 PHE A CE2 1 
ATOM   884  C CZ  . PHE A 1 142 ? -0.231  4.398   -2.096  1.00 36.84 ? 126 PHE A CZ  1 
ATOM   885  N N   . ILE A 1 143 ? 3.187   8.063   -5.453  1.00 31.60 ? 127 ILE A N   1 
ATOM   886  C CA  . ILE A 1 143 ? 3.111   9.379   -4.839  1.00 32.18 ? 127 ILE A CA  1 
ATOM   887  C C   . ILE A 1 143 ? 2.324   10.339  -5.707  1.00 35.08 ? 127 ILE A C   1 
ATOM   888  O O   . ILE A 1 143 ? 1.542   11.165  -5.195  1.00 35.78 ? 127 ILE A O   1 
ATOM   889  C CB  . ILE A 1 143 ? 4.518   9.951   -4.570  1.00 36.33 ? 127 ILE A CB  1 
ATOM   890  C CG1 . ILE A 1 143 ? 5.113   9.274   -3.341  1.00 32.49 ? 127 ILE A CG1 1 
ATOM   891  C CG2 . ILE A 1 143 ? 4.472   11.448  -4.321  1.00 29.51 ? 127 ILE A CG2 1 
ATOM   892  C CD1 . ILE A 1 143 ? 6.447   9.773   -3.021  1.00 32.84 ? 127 ILE A CD1 1 
ATOM   893  N N   . LEU A 1 144 ? 2.534   10.235  -7.024  1.00 36.00 ? 128 LEU A N   1 
ATOM   894  C CA  . LEU A 1 144 ? 1.718   10.989  -7.971  1.00 33.70 ? 128 LEU A CA  1 
ATOM   895  C C   . LEU A 1 144 ? 0.245   10.647  -7.780  1.00 34.20 ? 128 LEU A C   1 
ATOM   896  O O   . LEU A 1 144 ? -0.598  11.541  -7.795  1.00 35.85 ? 128 LEU A O   1 
ATOM   897  C CB  . LEU A 1 144 ? 2.143   10.715  -9.413  1.00 35.40 ? 128 LEU A CB  1 
ATOM   898  C CG  . LEU A 1 144 ? 3.531   11.240  -9.785  1.00 38.58 ? 128 LEU A CG  1 
ATOM   899  C CD1 . LEU A 1 144 ? 3.841   10.970  -11.258 1.00 34.06 ? 128 LEU A CD1 1 
ATOM   900  C CD2 . LEU A 1 144 ? 3.640   12.726  -9.467  1.00 38.11 ? 128 LEU A CD2 1 
ATOM   901  N N   . LYS A 1 145 ? -0.073  9.364   -7.584  1.00 34.75 ? 129 LYS A N   1 
ATOM   902  C CA  . LYS A 1 145 ? -1.488  8.981   -7.394  1.00 37.59 ? 129 LYS A CA  1 
ATOM   903  C C   . LYS A 1 145 ? -2.099  9.425   -6.061  1.00 39.25 ? 129 LYS A C   1 
ATOM   904  O O   . LYS A 1 145 ? -3.240  9.929   -6.004  1.00 48.43 ? 129 LYS A O   1 
ATOM   905  C CB  . LYS A 1 145 ? -1.664  7.469   -7.535  1.00 35.07 ? 129 LYS A CB  1 
ATOM   906  C CG  . LYS A 1 145 ? -1.296  6.979   -8.900  1.00 41.28 ? 129 LYS A CG  1 
ATOM   907  C CD  . LYS A 1 145 ? -1.770  5.594   -9.207  1.00 37.23 ? 129 LYS A CD  1 
ATOM   908  C CE  . LYS A 1 145 ? -3.075  5.655   -9.989  1.00 52.47 ? 129 LYS A CE  1 
ATOM   909  N NZ  . LYS A 1 145 ? -2.983  6.528   -11.174 1.00 46.62 ? 129 LYS A NZ  1 
ATOM   910  N N   . ILE A 1 146 ? -1.342  9.251   -4.989  1.00 39.84 ? 130 ILE A N   1 
ATOM   911  C CA  . ILE A 1 146 ? -1.861  9.500   -3.645  1.00 43.73 ? 130 ILE A CA  1 
ATOM   912  C C   . ILE A 1 146 ? -1.960  11.014  -3.385  1.00 48.20 ? 130 ILE A C   1 
ATOM   913  O O   . ILE A 1 146 ? -2.704  11.454  -2.496  1.00 50.37 ? 130 ILE A O   1 
ATOM   914  C CB  . ILE A 1 146 ? -0.983  8.796   -2.566  1.00 37.56 ? 130 ILE A CB  1 
ATOM   915  C CG1 . ILE A 1 146 ? -1.740  8.635   -1.248  1.00 50.32 ? 130 ILE A CG1 1 
ATOM   916  C CG2 . ILE A 1 146 ? 0.323   9.530   -2.340  1.00 35.51 ? 130 ILE A CG2 1 
ATOM   917  C CD1 . ILE A 1 146 ? -2.830  7.612   -1.281  1.00 48.15 ? 130 ILE A CD1 1 
ATOM   918  N N   . SER A 1 147 ? -1.226  11.805  -4.178  1.00 42.06 ? 131 SER A N   1 
ATOM   919  C CA  . SER A 1 147 ? -1.328  13.264  -4.092  1.00 43.74 ? 131 SER A CA  1 
ATOM   920  C C   . SER A 1 147 ? -2.647  13.800  -4.669  1.00 45.22 ? 131 SER A C   1 
ATOM   921  O O   . SER A 1 147 ? -3.165  14.809  -4.210  1.00 48.03 ? 131 SER A O   1 
ATOM   922  C CB  . SER A 1 147 ? -0.144  13.921  -4.822  1.00 43.34 ? 131 SER A CB  1 
ATOM   923  O OG  . SER A 1 147 ? 1.092   13.372  -4.400  1.00 42.21 ? 131 SER A OG  1 
ATOM   924  N N   . VAL A 1 148 ? -3.151  13.148  -5.712  1.00 46.97 ? 132 VAL A N   1 
ATOM   925  C CA  . VAL A 1 148 ? -4.450  13.471  -6.305  1.00 48.67 ? 132 VAL A CA  1 
ATOM   926  C C   . VAL A 1 148 ? -5.506  13.045  -5.328  1.00 58.14 ? 132 VAL A C   1 
ATOM   927  O O   . VAL A 1 148 ? -6.513  13.738  -5.077  1.00 60.05 ? 132 VAL A O   1 
ATOM   928  C CB  . VAL A 1 148 ? -4.672  12.741  -7.649  1.00 48.55 ? 132 VAL A CB  1 
ATOM   929  C CG1 . VAL A 1 148 ? -6.116  12.812  -8.074  1.00 48.23 ? 132 VAL A CG1 1 
ATOM   930  C CG2 . VAL A 1 148 ? -3.764  13.331  -8.737  1.00 54.77 ? 132 VAL A CG2 1 
ATOM   931  N N   . CYS A 1 149 ? -5.246  11.865  -4.788  1.00 56.45 ? 133 CYS A N   1 
ATOM   932  C CA  . CYS A 1 149 ? -6.063  11.284  -3.749  1.00 53.90 ? 133 CYS A CA  1 
ATOM   933  C C   . CYS A 1 149 ? -6.329  12.292  -2.642  1.00 55.60 ? 133 CYS A C   1 
ATOM   934  O O   . CYS A 1 149 ? -7.480  12.512  -2.243  1.00 57.95 ? 133 CYS A O   1 
ATOM   935  C CB  . CYS A 1 149 ? -5.351  10.045  -3.224  1.00 49.55 ? 133 CYS A CB  1 
ATOM   936  S SG  . CYS A 1 149 ? -6.089  9.267   -1.900  1.00 59.03 ? 133 CYS A SG  1 
ATOM   937  N N   . ASP A 1 150 ? -5.260  12.938  -2.183  1.00 61.70 ? 134 ASP A N   1 
ATOM   938  C CA  . ASP A 1 150 ? -5.351  13.923  -1.098  1.00 63.85 ? 134 ASP A CA  1 
ATOM   939  C C   . ASP A 1 150 ? -6.310  15.094  -1.388  1.00 66.41 ? 134 ASP A C   1 
ATOM   940  O O   . ASP A 1 150 ? -6.637  15.883  -0.493  1.00 63.45 ? 134 ASP A O   1 
ATOM   941  C CB  . ASP A 1 150 ? -3.962  14.478  -0.788  1.00 58.34 ? 134 ASP A CB  1 
ATOM   942  C CG  . ASP A 1 150 ? -3.885  15.130  0.578   1.00 61.65 ? 134 ASP A CG  1 
ATOM   943  O OD1 . ASP A 1 150 ? -4.912  15.158  1.288   1.00 60.70 ? 134 ASP A OD1 1 
ATOM   944  O OD2 . ASP A 1 150 ? -2.800  15.637  0.931   1.00 64.37 ? 134 ASP A OD2 1 
ATOM   945  N N   . ALA A 1 151 ? -6.756  15.201  -2.638  1.00 65.86 ? 135 ALA A N   1 
ATOM   946  C CA  . ALA A 1 151 ? -7.522  16.361  -3.076  1.00 64.53 ? 135 ALA A CA  1 
ATOM   947  C C   . ALA A 1 151 ? -8.933  15.990  -3.486  1.00 61.19 ? 135 ALA A C   1 
ATOM   948  O O   . ALA A 1 151 ? -9.849  16.797  -3.347  1.00 65.16 ? 135 ALA A O   1 
ATOM   949  C CB  . ALA A 1 151 ? -6.803  17.057  -4.230  1.00 66.07 ? 135 ALA A CB  1 
ATOM   950  N N   . VAL A 1 152 ? -9.104  14.771  -3.994  1.00 64.24 ? 136 VAL A N   1 
ATOM   951  C CA  . VAL A 1 152 ? -10.424 14.297  -4.416  1.00 60.36 ? 136 VAL A CA  1 
ATOM   952  C C   . VAL A 1 152 ? -11.231 13.700  -3.255  1.00 63.51 ? 136 VAL A C   1 
ATOM   953  O O   . VAL A 1 152 ? -12.461 13.675  -3.287  1.00 64.79 ? 136 VAL A O   1 
ATOM   954  C CB  . VAL A 1 152 ? -10.301 13.234  -5.535  1.00 61.74 ? 136 VAL A CB  1 
ATOM   955  C CG1 . VAL A 1 152 ? -9.463  12.054  -5.060  1.00 64.72 ? 136 VAL A CG1 1 
ATOM   956  C CG2 . VAL A 1 152 ? -11.674 12.766  -6.011  1.00 59.12 ? 136 VAL A CG2 1 
ATOM   957  N N   . LEU A 1 153 ? -10.541 13.224  -2.225  1.00 63.99 ? 137 LEU A N   1 
ATOM   958  C CA  . LEU A 1 153 ? -11.220 12.507  -1.155  1.00 62.32 ? 137 LEU A CA  1 
ATOM   959  C C   . LEU A 1 153 ? -11.466 13.359  0.078   1.00 63.53 ? 137 LEU A C   1 
ATOM   960  O O   . LEU A 1 153 ? -10.590 14.090  0.536   1.00 66.31 ? 137 LEU A O   1 
ATOM   961  C CB  . LEU A 1 153 ? -10.425 11.274  -0.750  1.00 58.98 ? 137 LEU A CB  1 
ATOM   962  C CG  . LEU A 1 153 ? -10.333 10.175  -1.803  1.00 60.28 ? 137 LEU A CG  1 
ATOM   963  C CD1 . LEU A 1 153 ? -9.843  8.906   -1.128  1.00 63.11 ? 137 LEU A CD1 1 
ATOM   964  C CD2 . LEU A 1 153 ? -11.674 9.949   -2.462  1.00 59.01 ? 137 LEU A CD2 1 
ATOM   965  N N   . ASP A 1 154 ? -12.674 13.238  0.618   1.00 61.75 ? 138 ASP A N   1 
ATOM   966  C CA  . ASP A 1 154 ? -13.018 13.864  1.877   1.00 66.98 ? 138 ASP A CA  1 
ATOM   967  C C   . ASP A 1 154 ? -12.171 13.302  2.998   1.00 61.66 ? 138 ASP A C   1 
ATOM   968  O O   . ASP A 1 154 ? -11.552 12.251  2.859   1.00 62.74 ? 138 ASP A O   1 
ATOM   969  C CB  . ASP A 1 154 ? -14.496 13.651  2.199   1.00 64.90 ? 138 ASP A CB  1 
ATOM   970  C CG  . ASP A 1 154 ? -15.384 14.687  1.559   1.00 65.66 ? 138 ASP A CG  1 
ATOM   971  O OD1 . ASP A 1 154 ? -15.247 15.878  1.910   1.00 70.40 ? 138 ASP A OD1 1 
ATOM   972  O OD2 . ASP A 1 154 ? -16.227 14.308  0.723   1.00 64.90 ? 138 ASP A OD2 1 
ATOM   973  N N   . HIS A 1 155 ? -12.159 14.000  4.121   1.00 63.22 ? 139 HIS A N   1 
ATOM   974  C CA  . HIS A 1 155 ? -11.498 13.481  5.301   1.00 66.46 ? 139 HIS A CA  1 
ATOM   975  C C   . HIS A 1 155 ? -12.234 12.237  5.803   1.00 65.57 ? 139 HIS A C   1 
ATOM   976  O O   . HIS A 1 155 ? -13.455 12.160  5.719   1.00 64.96 ? 139 HIS A O   1 
ATOM   977  C CB  . HIS A 1 155 ? -11.442 14.551  6.383   1.00 70.75 ? 139 HIS A CB  1 
ATOM   978  C CG  . HIS A 1 155 ? -10.164 14.559  7.159   1.00 78.29 ? 139 HIS A CG  1 
ATOM   979  N ND1 . HIS A 1 155 ? -9.699  15.678  7.814   1.00 85.76 ? 139 HIS A ND1 1 
ATOM   980  C CD2 . HIS A 1 155 ? -9.254  13.582  7.386   1.00 77.74 ? 139 HIS A CD2 1 
ATOM   981  C CE1 . HIS A 1 155 ? -8.555  15.392  8.413   1.00 85.98 ? 139 HIS A CE1 1 
ATOM   982  N NE2 . HIS A 1 155 ? -8.265  14.128  8.169   1.00 83.78 ? 139 HIS A NE2 1 
ATOM   983  N N   . ASN A 1 156 ? -11.485 11.254  6.287   1.00 65.13 ? 140 ASN A N   1 
ATOM   984  C CA  . ASN A 1 156 ? -12.065 10.094  6.950   1.00 61.75 ? 140 ASN A CA  1 
ATOM   985  C C   . ASN A 1 156 ? -12.511 10.467  8.358   1.00 63.36 ? 140 ASN A C   1 
ATOM   986  O O   . ASN A 1 156 ? -11.936 11.367  8.972   1.00 67.10 ? 140 ASN A O   1 
ATOM   987  C CB  . ASN A 1 156 ? -11.057 8.943   7.002   1.00 60.80 ? 140 ASN A CB  1 
ATOM   988  C CG  . ASN A 1 156 ? -10.923 8.218   5.677   1.00 60.78 ? 140 ASN A CG  1 
ATOM   989  O OD1 . ASN A 1 156 ? -9.814  7.884   5.256   1.00 57.74 ? 140 ASN A OD1 1 
ATOM   990  N ND2 . ASN A 1 156 ? -12.056 7.954   5.018   1.00 59.05 ? 140 ASN A ND2 1 
ATOM   991  N N   . PRO A 1 157 ? -13.540 9.783   8.882   1.00 60.26 ? 141 PRO A N   1 
ATOM   992  C CA  . PRO A 1 157 ? -13.933 9.998   10.282  1.00 63.68 ? 141 PRO A CA  1 
ATOM   993  C C   . PRO A 1 157 ? -12.783 9.694   11.243  1.00 62.76 ? 141 PRO A C   1 
ATOM   994  O O   . PRO A 1 157 ? -11.855 8.966   10.873  1.00 59.62 ? 141 PRO A O   1 
ATOM   995  C CB  . PRO A 1 157 ? -15.083 9.010   10.482  1.00 61.87 ? 141 PRO A CB  1 
ATOM   996  C CG  . PRO A 1 157 ? -15.576 8.706   9.102   1.00 68.64 ? 141 PRO A CG  1 
ATOM   997  C CD  . PRO A 1 157 ? -14.388 8.786   8.213   1.00 60.12 ? 141 PRO A CD  1 
ATOM   998  N N   . PRO A 1 158 ? -12.833 10.242  12.468  1.00 66.26 ? 142 PRO A N   1 
ATOM   999  C CA  . PRO A 1 158 ? -11.788 9.921   13.446  1.00 59.72 ? 142 PRO A CA  1 
ATOM   1000 C C   . PRO A 1 158 ? -11.824 8.455   13.843  1.00 55.41 ? 142 PRO A C   1 
ATOM   1001 O O   . PRO A 1 158 ? -12.835 7.764   13.630  1.00 55.71 ? 142 PRO A O   1 
ATOM   1002 C CB  . PRO A 1 158 ? -12.121 10.814  14.644  1.00 62.13 ? 142 PRO A CB  1 
ATOM   1003 C CG  . PRO A 1 158 ? -13.035 11.859  14.110  1.00 63.60 ? 142 PRO A CG  1 
ATOM   1004 C CD  . PRO A 1 158 ? -13.797 11.222  12.992  1.00 63.71 ? 142 PRO A CD  1 
ATOM   1005 N N   . GLY A 1 159 ? -10.718 7.990   14.407  1.00 53.84 ? 143 GLY A N   1 
ATOM   1006 C CA  . GLY A 1 159 ? -10.625 6.616   14.856  1.00 53.48 ? 143 GLY A CA  1 
ATOM   1007 C C   . GLY A 1 159 ? -10.730 5.599   13.739  1.00 57.91 ? 143 GLY A C   1 
ATOM   1008 O O   . GLY A 1 159 ? -11.383 4.609   13.892  1.00 54.02 ? 143 GLY A O   1 
ATOM   1009 N N   . CYS A 1 160 ? -10.105 5.841   12.599  1.00 50.30 ? 144 CYS A N   1 
ATOM   1010 C CA  . CYS A 1 160 ? -10.043 4.805   11.574  1.00 47.53 ? 144 CYS A CA  1 
ATOM   1011 C C   . CYS A 1 160 ? -8.857  3.875   11.846  1.00 39.73 ? 144 CYS A C   1 
ATOM   1012 O O   . CYS A 1 160 ? -7.876  4.261   12.452  1.00 47.01 ? 144 CYS A O   1 
ATOM   1013 C CB  . CYS A 1 160 ? -9.921  5.414   10.172  1.00 46.44 ? 144 CYS A CB  1 
ATOM   1014 S SG  . CYS A 1 160 ? -11.456 6.027   9.470   1.00 57.14 ? 144 CYS A SG  1 
ATOM   1015 N N   . THR A 1 161 ? -8.948  2.643   11.391  1.00 43.73 ? 145 THR A N   1 
ATOM   1016 C CA  . THR A 1 161 ? -7.832  1.722   11.480  1.00 42.47 ? 145 THR A CA  1 
ATOM   1017 C C   . THR A 1 161 ? -7.631  1.073   10.094  1.00 43.97 ? 145 THR A C   1 
ATOM   1018 O O   . THR A 1 161 ? -8.310  1.433   9.122   1.00 45.06 ? 145 THR A O   1 
ATOM   1019 C CB  . THR A 1 161 ? -8.090  0.662   12.581  1.00 44.94 ? 145 THR A CB  1 
ATOM   1020 O OG1 . THR A 1 161 ? -6.953  -0.190  12.705  1.00 57.25 ? 145 THR A OG1 1 
ATOM   1021 C CG2 . THR A 1 161 ? -9.312  -0.169  12.263  1.00 41.09 ? 145 THR A CG2 1 
ATOM   1022 N N   . PHE A 1 162 ? -6.718  0.119   9.985   1.00 33.44 ? 146 PHE A N   1 
ATOM   1023 C CA  . PHE A 1 162 ? -6.508  -0.523  8.702   1.00 39.13 ? 146 PHE A CA  1 
ATOM   1024 C C   . PHE A 1 162 ? -6.180  -1.988  8.871   1.00 35.91 ? 146 PHE A C   1 
ATOM   1025 O O   . PHE A 1 162 ? -5.768  -2.416  9.936   1.00 38.85 ? 146 PHE A O   1 
ATOM   1026 C CB  . PHE A 1 162 ? -5.349  0.149   7.920   1.00 33.31 ? 146 PHE A CB  1 
ATOM   1027 C CG  . PHE A 1 162 ? -3.984  -0.274  8.408   1.00 33.74 ? 146 PHE A CG  1 
ATOM   1028 C CD1 . PHE A 1 162 ? -3.483  0.220   9.598   1.00 35.72 ? 146 PHE A CD1 1 
ATOM   1029 C CD2 . PHE A 1 162 ? -3.238  -1.204  7.710   1.00 35.87 ? 146 PHE A CD2 1 
ATOM   1030 C CE1 . PHE A 1 162 ? -2.259  -0.180  10.063  1.00 39.51 ? 146 PHE A CE1 1 
ATOM   1031 C CE2 . PHE A 1 162 ? -2.008  -1.612  8.164   1.00 31.42 ? 146 PHE A CE2 1 
ATOM   1032 C CZ  . PHE A 1 162 ? -1.506  -1.103  9.336   1.00 35.27 ? 146 PHE A CZ  1 
ATOM   1033 N N   . THR A 1 163 ? -6.308  -2.744  7.792   1.00 38.13 ? 147 THR A N   1 
ATOM   1034 C CA  . THR A 1 163 ? -5.682  -4.052  7.738   1.00 36.62 ? 147 THR A CA  1 
ATOM   1035 C C   . THR A 1 163 ? -5.256  -4.329  6.310   1.00 42.47 ? 147 THR A C   1 
ATOM   1036 O O   . THR A 1 163 ? -5.612  -3.596  5.398   1.00 42.17 ? 147 THR A O   1 
ATOM   1037 C CB  . THR A 1 163 ? -6.607  -5.179  8.221   1.00 39.51 ? 147 THR A CB  1 
ATOM   1038 O OG1 . THR A 1 163 ? -5.877  -6.413  8.229   1.00 44.11 ? 147 THR A OG1 1 
ATOM   1039 C CG2 . THR A 1 163 ? -7.826  -5.312  7.309   1.00 35.11 ? 147 THR A CG2 1 
ATOM   1040 N N   . VAL A 1 164 ? -4.491  -5.398  6.135   1.00 41.38 ? 148 VAL A N   1 
ATOM   1041 C CA  . VAL A 1 164 ? -4.015  -5.810  4.840   1.00 39.66 ? 148 VAL A CA  1 
ATOM   1042 C C   . VAL A 1 164 ? -4.619  -7.155  4.438   1.00 41.89 ? 148 VAL A C   1 
ATOM   1043 O O   . VAL A 1 164 ? -4.581  -8.115  5.208   1.00 43.59 ? 148 VAL A O   1 
ATOM   1044 C CB  . VAL A 1 164 ? -2.489  -5.886  4.854   1.00 41.99 ? 148 VAL A CB  1 
ATOM   1045 C CG1 . VAL A 1 164 ? -1.959  -6.326  3.505   1.00 34.49 ? 148 VAL A CG1 1 
ATOM   1046 C CG2 . VAL A 1 164 ? -1.914  -4.524  5.267   1.00 34.12 ? 148 VAL A CG2 1 
ATOM   1047 N N   . LEU A 1 165 ? -5.182  -7.210  3.228   1.00 44.07 ? 149 LEU A N   1 
ATOM   1048 C CA  . LEU A 1 165 ? -5.717  -8.444  2.662   1.00 44.04 ? 149 LEU A CA  1 
ATOM   1049 C C   . LEU A 1 165 ? -4.807  -8.989  1.572   1.00 43.47 ? 149 LEU A C   1 
ATOM   1050 O O   . LEU A 1 165 ? -4.358  -8.243  0.706   1.00 49.48 ? 149 LEU A O   1 
ATOM   1051 C CB  . LEU A 1 165 ? -7.128  -8.223  2.092   1.00 47.16 ? 149 LEU A CB  1 
ATOM   1052 C CG  . LEU A 1 165 ? -8.257  -7.807  3.045   1.00 48.80 ? 149 LEU A CG  1 
ATOM   1053 C CD1 . LEU A 1 165 ? -9.591  -7.756  2.299   1.00 50.05 ? 149 LEU A CD1 1 
ATOM   1054 C CD2 . LEU A 1 165 ? -8.349  -8.741  4.233   1.00 48.98 ? 149 LEU A CD2 1 
ATOM   1055 N N   . VAL A 1 166 ? -4.525  -10.288 1.611   1.00 46.04 ? 150 VAL A N   1 
ATOM   1056 C CA  . VAL A 1 166 ? -3.697  -10.910 0.577   1.00 43.13 ? 150 VAL A CA  1 
ATOM   1057 C C   . VAL A 1 166 ? -4.479  -11.949 -0.236  1.00 47.01 ? 150 VAL A C   1 
ATOM   1058 O O   . VAL A 1 166 ? -5.016  -12.912 0.287   1.00 52.81 ? 150 VAL A O   1 
ATOM   1059 C CB  . VAL A 1 166 ? -2.445  -11.561 1.180   1.00 45.15 ? 150 VAL A CB  1 
ATOM   1060 C CG1 . VAL A 1 166 ? -1.658  -12.282 0.088   1.00 45.39 ? 150 VAL A CG1 1 
ATOM   1061 C CG2 . VAL A 1 166 ? -1.597  -10.523 1.836   1.00 40.00 ? 150 VAL A CG2 1 
ATOM   1062 N N   . HIS A 1 167 ? -4.458  -11.712 -1.532  1.00 51.54 ? 151 HIS A N   1 
ATOM   1063 C CA  . HIS A 1 167 ? -5.267  -12.307 -2.550  1.00 52.25 ? 151 HIS A CA  1 
ATOM   1064 C C   . HIS A 1 167 ? -4.320  -13.153 -3.382  1.00 55.24 ? 151 HIS A C   1 
ATOM   1065 O O   . HIS A 1 167 ? -3.576  -12.621 -4.196  1.00 55.87 ? 151 HIS A O   1 
ATOM   1066 C CB  . HIS A 1 167 ? -5.918  -11.123 -3.265  1.00 56.85 ? 151 HIS A CB  1 
ATOM   1067 C CG  . HIS A 1 167 ? -7.233  -10.678 -2.675  1.00 55.94 ? 151 HIS A CG  1 
ATOM   1068 N ND1 . HIS A 1 167 ? -7.815  -9.487  -3.033  1.00 67.65 ? 151 HIS A ND1 1 
ATOM   1069 C CD2 . HIS A 1 167 ? -8.219  -11.402 -2.105  1.00 56.28 ? 151 HIS A CD2 1 
ATOM   1070 C CE1 . HIS A 1 167 ? -9.024  -9.404  -2.494  1.00 60.07 ? 151 HIS A CE1 1 
ATOM   1071 N NE2 . HIS A 1 167 ? -9.300  -10.561 -1.944  1.00 57.86 ? 151 HIS A NE2 1 
ATOM   1072 N N   . THR A 1 168 ? -4.329  -14.463 -3.130  1.00 56.67 ? 152 THR A N   1 
ATOM   1073 C CA  . THR A 1 168 ? -3.441  -15.422 -3.797  1.00 58.37 ? 152 THR A CA  1 
ATOM   1074 C C   . THR A 1 168 ? -4.011  -15.785 -5.183  1.00 60.44 ? 152 THR A C   1 
ATOM   1075 O O   . THR A 1 168 ? -5.201  -15.616 -5.431  1.00 64.57 ? 152 THR A O   1 
ATOM   1076 C CB  . THR A 1 168 ? -3.249  -16.696 -2.917  1.00 63.69 ? 152 THR A CB  1 
ATOM   1077 O OG1 . THR A 1 168 ? -2.767  -16.319 -1.619  1.00 60.15 ? 152 THR A OG1 1 
ATOM   1078 C CG2 . THR A 1 168 ? -2.264  -17.683 -3.528  1.00 67.33 ? 152 THR A CG2 1 
ATOM   1079 N N   . ARG A 1 169 ? -3.175  -16.259 -6.101  1.00 58.93 ? 153 ARG A N   1 
ATOM   1080 C CA  . ARG A 1 169 ? -3.681  -16.643 -7.421  1.00 66.93 ? 153 ARG A CA  1 
ATOM   1081 C C   . ARG A 1 169 ? -4.345  -18.017 -7.383  1.00 73.10 ? 153 ARG A C   1 
ATOM   1082 O O   . ARG A 1 169 ? -4.166  -18.762 -6.421  1.00 72.45 ? 153 ARG A O   1 
ATOM   1083 C CB  . ARG A 1 169 ? -2.563  -16.646 -8.458  1.00 63.77 ? 153 ARG A CB  1 
ATOM   1084 C CG  . ARG A 1 169 ? -1.858  -15.318 -8.634  1.00 59.71 ? 153 ARG A CG  1 
ATOM   1085 C CD  . ARG A 1 169 ? -1.047  -15.320 -9.919  1.00 54.70 ? 153 ARG A CD  1 
ATOM   1086 N NE  . ARG A 1 169 ? 0.004   -14.316 -9.903  1.00 52.83 ? 153 ARG A NE  1 
ATOM   1087 C CZ  . ARG A 1 169 ? -0.164  -13.049 -10.259 1.00 52.67 ? 153 ARG A CZ  1 
ATOM   1088 N NH1 . ARG A 1 169 ? -1.343  -12.626 -10.675 1.00 49.40 ? 153 ARG A NH1 1 
ATOM   1089 N NH2 . ARG A 1 169 ? 0.858   -12.210 -10.207 1.00 55.64 ? 153 ARG A NH2 1 
ATOM   1090 N N   . GLU A 1 170 ? -5.114  -18.348 -8.421  1.00 79.44 ? 154 GLU A N   1 
ATOM   1091 C CA  . GLU A 1 170 ? -5.633  -19.711 -8.569  1.00 84.10 ? 154 GLU A CA  1 
ATOM   1092 C C   . GLU A 1 170 ? -4.418  -20.635 -8.745  1.00 84.67 ? 154 GLU A C   1 
ATOM   1093 O O   . GLU A 1 170 ? -3.597  -20.451 -9.655  1.00 75.28 ? 154 GLU A O   1 
ATOM   1094 C CB  . GLU A 1 170 ? -6.647  -19.808 -9.736  1.00 88.57 ? 154 GLU A CB  1 
ATOM   1095 C CG  . GLU A 1 170 ? -6.127  -20.427 -11.045 1.00 93.43 ? 154 GLU A CG  1 
ATOM   1096 C CD  . GLU A 1 170 ? -6.947  -20.041 -12.271 1.00 94.85 ? 154 GLU A CD  1 
ATOM   1097 O OE1 . GLU A 1 170 ? -7.698  -19.042 -12.199 1.00 97.48 ? 154 GLU A OE1 1 
ATOM   1098 O OE2 . GLU A 1 170 ? -6.826  -20.725 -13.311 1.00 93.78 ? 154 GLU A OE2 1 
ATOM   1099 N N   . ALA A 1 171 ? -4.293  -21.591 -7.825  1.00 83.52 ? 155 ALA A N   1 
ATOM   1100 C CA  . ALA A 1 171 ? -3.076  -22.395 -7.652  1.00 82.90 ? 155 ALA A CA  1 
ATOM   1101 C C   . ALA A 1 171 ? -1.863  -21.519 -7.323  1.00 81.67 ? 155 ALA A C   1 
ATOM   1102 O O   . ALA A 1 171 ? -1.347  -21.545 -6.199  1.00 73.14 ? 155 ALA A O   1 
ATOM   1103 C CB  . ALA A 1 171 ? -2.797  -23.238 -8.891  1.00 75.61 ? 155 ALA A CB  1 
ATOM   1104 N N   . VAL A 1 181 ? 4.765   -18.349 8.854   1.00 77.75 ? 165 VAL A N   1 
ATOM   1105 C CA  . VAL A 1 181 ? 6.180   -18.003 8.967   1.00 71.53 ? 165 VAL A CA  1 
ATOM   1106 C C   . VAL A 1 181 ? 6.514   -17.462 10.356  1.00 82.63 ? 165 VAL A C   1 
ATOM   1107 O O   . VAL A 1 181 ? 6.924   -18.218 11.240  1.00 89.14 ? 165 VAL A O   1 
ATOM   1108 C CB  . VAL A 1 181 ? 6.595   -16.959 7.908   1.00 70.26 ? 165 VAL A CB  1 
ATOM   1109 C CG1 . VAL A 1 181 ? 8.087   -16.636 8.017   1.00 74.52 ? 165 VAL A CG1 1 
ATOM   1110 C CG2 . VAL A 1 181 ? 6.257   -17.457 6.514   1.00 69.86 ? 165 VAL A CG2 1 
ATOM   1111 N N   . ILE A 1 182 ? 6.325   -16.158 10.547  1.00 82.48 ? 166 ILE A N   1 
ATOM   1112 C CA  . ILE A 1 182 ? 6.765   -15.470 11.761  1.00 77.95 ? 166 ILE A CA  1 
ATOM   1113 C C   . ILE A 1 182 ? 6.056   -15.999 13.013  1.00 81.78 ? 166 ILE A C   1 
ATOM   1114 O O   . ILE A 1 182 ? 4.881   -16.379 12.964  1.00 76.62 ? 166 ILE A O   1 
ATOM   1115 C CB  . ILE A 1 182 ? 6.552   -13.932 11.634  1.00 72.56 ? 166 ILE A CB  1 
ATOM   1116 C CG1 . ILE A 1 182 ? 7.628   -13.315 10.738  1.00 76.99 ? 166 ILE A CG1 1 
ATOM   1117 C CG2 . ILE A 1 182 ? 6.624   -13.237 12.978  1.00 70.42 ? 166 ILE A CG2 1 
ATOM   1118 C CD1 . ILE A 1 182 ? 7.286   -13.296 9.284   1.00 75.11 ? 166 ILE A CD1 1 
ATOM   1119 N N   . LYS A 1 183 ? 6.805   -16.056 14.116  1.00 87.42 ? 167 LYS A N   1 
ATOM   1120 C CA  . LYS A 1 183 ? 6.283   -16.398 15.437  1.00 81.37 ? 167 LYS A CA  1 
ATOM   1121 C C   . LYS A 1 183 ? 5.050   -15.580 15.807  1.00 78.56 ? 167 LYS A C   1 
ATOM   1122 O O   . LYS A 1 183 ? 5.029   -14.363 15.628  1.00 79.10 ? 167 LYS A O   1 
ATOM   1123 C CB  . LYS A 1 183 ? 7.391   -16.207 16.479  1.00 84.93 ? 167 LYS A CB  1 
ATOM   1124 C CG  . LYS A 1 183 ? 6.980   -15.503 17.777  1.00 89.98 ? 167 LYS A CG  1 
ATOM   1125 C CD  . LYS A 1 183 ? 6.310   -16.437 18.785  1.00 81.85 ? 167 LYS A CD  1 
ATOM   1126 C CE  . LYS A 1 183 ? 5.955   -15.679 20.055  1.00 85.90 ? 167 LYS A CE  1 
ATOM   1127 N NZ  . LYS A 1 183 ? 5.147   -16.494 21.004  1.00 88.40 ? 167 LYS A NZ  1 
ATOM   1128 N N   . ASP A 1 184 ? 4.032   -16.276 16.310  1.00 78.97 ? 168 ASP A N   1 
ATOM   1129 C CA  . ASP A 1 184 ? 2.769   -15.673 16.751  1.00 81.32 ? 168 ASP A CA  1 
ATOM   1130 C C   . ASP A 1 184 ? 2.285   -14.494 15.902  1.00 73.25 ? 168 ASP A C   1 
ATOM   1131 O O   . ASP A 1 184 ? 1.758   -13.514 16.434  1.00 71.55 ? 168 ASP A O   1 
ATOM   1132 C CB  . ASP A 1 184 ? 2.873   -15.237 18.222  1.00 82.94 ? 168 ASP A CB  1 
ATOM   1133 C CG  . ASP A 1 184 ? 2.251   -16.259 19.185  1.00 89.77 ? 168 ASP A CG  1 
ATOM   1134 O OD1 . ASP A 1 184 ? 1.002   -16.357 19.228  1.00 92.57 ? 168 ASP A OD1 1 
ATOM   1135 O OD2 . ASP A 1 184 ? 3.002   -16.970 19.890  1.00 94.10 ? 168 ASP A OD2 1 
ATOM   1136 N N   . PHE A 1 185 ? 2.493   -14.583 14.591  1.00 70.09 ? 169 PHE A N   1 
ATOM   1137 C CA  . PHE A 1 185 ? 1.855   -13.668 13.656  1.00 65.32 ? 169 PHE A CA  1 
ATOM   1138 C C   . PHE A 1 185 ? 1.138   -14.495 12.594  1.00 58.67 ? 169 PHE A C   1 
ATOM   1139 O O   . PHE A 1 185 ? 1.568   -14.543 11.445  1.00 60.20 ? 169 PHE A O   1 
ATOM   1140 C CB  . PHE A 1 185 ? 2.864   -12.709 13.004  1.00 62.35 ? 169 PHE A CB  1 
ATOM   1141 C CG  . PHE A 1 185 ? 2.231   -11.451 12.468  1.00 54.02 ? 169 PHE A CG  1 
ATOM   1142 C CD1 . PHE A 1 185 ? 1.740   -11.398 11.180  1.00 48.01 ? 169 PHE A CD1 1 
ATOM   1143 C CD2 . PHE A 1 185 ? 2.081   -10.342 13.275  1.00 51.73 ? 169 PHE A CD2 1 
ATOM   1144 C CE1 . PHE A 1 185 ? 1.142   -10.253 10.705  1.00 51.25 ? 169 PHE A CE1 1 
ATOM   1145 C CE2 . PHE A 1 185 ? 1.476   -9.199  12.803  1.00 48.92 ? 169 PHE A CE2 1 
ATOM   1146 C CZ  . PHE A 1 185 ? 1.012   -9.153  11.516  1.00 49.06 ? 169 PHE A CZ  1 
ATOM   1147 N N   . PRO A 1 186 ? 0.033   -15.151 12.982  1.00 62.32 ? 170 PRO A N   1 
ATOM   1148 C CA  . PRO A 1 186 ? -0.680  -16.047 12.075  1.00 53.73 ? 170 PRO A CA  1 
ATOM   1149 C C   . PRO A 1 186 ? -1.524  -15.271 11.086  1.00 50.93 ? 170 PRO A C   1 
ATOM   1150 O O   . PRO A 1 186 ? -1.738  -14.072 11.269  1.00 51.04 ? 170 PRO A O   1 
ATOM   1151 C CB  . PRO A 1 186 ? -1.565  -16.849 13.026  1.00 59.51 ? 170 PRO A CB  1 
ATOM   1152 C CG  . PRO A 1 186 ? -1.911  -15.854 14.080  1.00 53.46 ? 170 PRO A CG  1 
ATOM   1153 C CD  . PRO A 1 186 ? -0.680  -15.011 14.266  1.00 59.00 ? 170 PRO A CD  1 
ATOM   1154 N N   . TRP A 1 187 ? -2.004  -15.955 10.055  1.00 55.92 ? 171 TRP A N   1 
ATOM   1155 C CA  . TRP A 1 187 ? -2.946  -15.364 9.111   1.00 53.66 ? 171 TRP A CA  1 
ATOM   1156 C C   . TRP A 1 187 ? -4.214  -16.192 9.098   1.00 51.08 ? 171 TRP A C   1 
ATOM   1157 O O   . TRP A 1 187 ? -4.153  -17.410 8.992   1.00 53.90 ? 171 TRP A O   1 
ATOM   1158 C CB  . TRP A 1 187 ? -2.344  -15.284 7.695   1.00 50.81 ? 171 TRP A CB  1 
ATOM   1159 C CG  . TRP A 1 187 ? -1.265  -14.251 7.559   1.00 47.77 ? 171 TRP A CG  1 
ATOM   1160 C CD1 . TRP A 1 187 ? -0.058  -14.250 8.185   1.00 48.78 ? 171 TRP A CD1 1 
ATOM   1161 C CD2 . TRP A 1 187 ? -1.299  -13.065 6.741   1.00 47.57 ? 171 TRP A CD2 1 
ATOM   1162 N NE1 . TRP A 1 187 ? 0.666   -13.142 7.813   1.00 49.47 ? 171 TRP A NE1 1 
ATOM   1163 C CE2 . TRP A 1 187 ? -0.069  -12.398 6.931   1.00 47.80 ? 171 TRP A CE2 1 
ATOM   1164 C CE3 . TRP A 1 187 ? -2.244  -12.509 5.865   1.00 48.10 ? 171 TRP A CE3 1 
ATOM   1165 C CZ2 . TRP A 1 187 ? 0.242   -11.194 6.274   1.00 48.95 ? 171 TRP A CZ2 1 
ATOM   1166 C CZ3 . TRP A 1 187 ? -1.938  -11.308 5.219   1.00 42.36 ? 171 TRP A CZ3 1 
ATOM   1167 C CH2 . TRP A 1 187 ? -0.704  -10.670 5.426   1.00 45.92 ? 171 TRP A CH2 1 
ATOM   1168 N N   . ILE A 1 188 ? -5.354  -15.525 9.204   1.00 47.96 ? 172 ILE A N   1 
ATOM   1169 C CA  . ILE A 1 188 ? -6.648  -16.173 9.078   1.00 49.93 ? 172 ILE A CA  1 
ATOM   1170 C C   . ILE A 1 188 ? -7.285  -15.846 7.735   1.00 51.51 ? 172 ILE A C   1 
ATOM   1171 O O   . ILE A 1 188 ? -6.823  -14.956 7.034   1.00 51.88 ? 172 ILE A O   1 
ATOM   1172 C CB  . ILE A 1 188 ? -7.605  -15.735 10.199  1.00 49.57 ? 172 ILE A CB  1 
ATOM   1173 C CG1 . ILE A 1 188 ? -7.727  -14.206 10.212  1.00 50.17 ? 172 ILE A CG1 1 
ATOM   1174 C CG2 . ILE A 1 188 ? -7.121  -16.242 11.556  1.00 54.34 ? 172 ILE A CG2 1 
ATOM   1175 C CD1 . ILE A 1 188 ? -8.851  -13.688 11.075  1.00 54.98 ? 172 ILE A CD1 1 
ATOM   1176 N N   . LEU A 1 189 ? -8.341  -16.574 7.384   1.00 51.17 ? 173 LEU A N   1 
ATOM   1177 C CA  . LEU A 1 189 ? -9.177  -16.235 6.238   1.00 52.30 ? 173 LEU A CA  1 
ATOM   1178 C C   . LEU A 1 189 ? -10.024 -15.012 6.549   1.00 55.39 ? 173 LEU A C   1 
ATOM   1179 O O   . LEU A 1 189 ? -10.695 -14.971 7.578   1.00 51.89 ? 173 LEU A O   1 
ATOM   1180 C CB  . LEU A 1 189 ? -10.091 -17.393 5.868   1.00 59.24 ? 173 LEU A CB  1 
ATOM   1181 C CG  . LEU A 1 189 ? -9.675  -18.332 4.741   1.00 63.75 ? 173 LEU A CG  1 
ATOM   1182 C CD1 . LEU A 1 189 ? -10.933 -18.887 4.084   1.00 62.87 ? 173 LEU A CD1 1 
ATOM   1183 C CD2 . LEU A 1 189 ? -8.802  -17.605 3.742   1.00 65.11 ? 173 LEU A CD2 1 
ATOM   1184 N N   . ALA A 1 190 ? -10.003 -14.018 5.664   1.00 56.50 ? 174 ALA A N   1 
ATOM   1185 C CA  . ALA A 1 190 ? -10.777 -12.801 5.894   1.00 54.64 ? 174 ALA A CA  1 
ATOM   1186 C C   . ALA A 1 190 ? -12.265 -13.100 5.932   1.00 58.27 ? 174 ALA A C   1 
ATOM   1187 O O   . ALA A 1 190 ? -12.737 -14.011 5.259   1.00 53.46 ? 174 ALA A O   1 
ATOM   1188 C CB  . ALA A 1 190 ? -10.485 -11.771 4.832   1.00 48.82 ? 174 ALA A CB  1 
ATOM   1189 N N   . ASP A 1 191 ? -13.002 -12.319 6.719   1.00 62.49 ? 175 ASP A N   1 
ATOM   1190 C CA  . ASP A 1 191 ? -14.457 -12.376 6.677   1.00 68.88 ? 175 ASP A CA  1 
ATOM   1191 C C   . ASP A 1 191 ? -14.977 -11.628 5.440   1.00 65.27 ? 175 ASP A C   1 
ATOM   1192 O O   . ASP A 1 191 ? -14.243 -10.871 4.820   1.00 64.76 ? 175 ASP A O   1 
ATOM   1193 C CB  . ASP A 1 191 ? -15.053 -11.782 7.957   1.00 70.52 ? 175 ASP A CB  1 
ATOM   1194 C CG  . ASP A 1 191 ? -16.546 -12.032 8.070   1.00 74.82 ? 175 ASP A CG  1 
ATOM   1195 O OD1 . ASP A 1 191 ? -16.938 -13.207 8.220   1.00 77.73 ? 175 ASP A OD1 1 
ATOM   1196 O OD2 . ASP A 1 191 ? -17.327 -11.063 8.004   1.00 74.00 ? 175 ASP A OD2 1 
ATOM   1197 N N   . GLU A 1 192 ? -16.238 -11.825 5.084   1.00 70.11 ? 176 GLU A N   1 
ATOM   1198 C CA  . GLU A 1 192 ? -16.809 -11.058 3.989   1.00 72.87 ? 176 GLU A CA  1 
ATOM   1199 C C   . GLU A 1 192 ? -17.450 -9.757  4.481   1.00 70.62 ? 176 GLU A C   1 
ATOM   1200 O O   . GLU A 1 192 ? -18.182 -9.102  3.739   1.00 69.75 ? 176 GLU A O   1 
ATOM   1201 C CB  . GLU A 1 192 ? -17.810 -11.909 3.210   1.00 72.35 ? 176 GLU A CB  1 
ATOM   1202 C CG  . GLU A 1 192 ? -17.476 -11.994 1.719   1.00 77.23 ? 176 GLU A CG  1 
ATOM   1203 C CD  . GLU A 1 192 ? -18.530 -12.736 0.892   1.00 84.99 ? 176 GLU A CD  1 
ATOM   1204 O OE1 . GLU A 1 192 ? -19.217 -12.109 0.046   1.00 80.70 ? 176 GLU A OE1 1 
ATOM   1205 O OE2 . GLU A 1 192 ? -18.653 -13.969 1.079   1.00 86.32 ? 176 GLU A OE2 1 
ATOM   1206 N N   . GLN A 1 193 ? -17.151 -9.364  5.718   1.00 65.83 ? 177 GLN A N   1 
ATOM   1207 C CA  . GLN A 1 193 ? -17.563 -8.047  6.195   1.00 63.17 ? 177 GLN A CA  1 
ATOM   1208 C C   . GLN A 1 193 ? -16.497 -7.002  5.862   1.00 68.41 ? 177 GLN A C   1 
ATOM   1209 O O   . GLN A 1 193 ? -16.831 -5.856  5.546   1.00 67.47 ? 177 GLN A O   1 
ATOM   1210 C CB  . GLN A 1 193 ? -17.844 -8.042  7.702   1.00 70.24 ? 177 GLN A CB  1 
ATOM   1211 C CG  . GLN A 1 193 ? -16.591 -7.981  8.568   1.00 76.88 ? 177 GLN A CG  1 
ATOM   1212 C CD  . GLN A 1 193 ? -16.877 -7.642  10.014  1.00 80.78 ? 177 GLN A CD  1 
ATOM   1213 O OE1 . GLN A 1 193 ? -17.886 -8.074  10.575  1.00 79.60 ? 177 GLN A OE1 1 
ATOM   1214 N NE2 . GLN A 1 193 ? -15.988 -6.857  10.629  1.00 74.76 ? 177 GLN A NE2 1 
ATOM   1215 N N   . ASP A 1 194 ? -15.221 -7.384  5.921   1.00 61.33 ? 178 ASP A N   1 
ATOM   1216 C CA  . ASP A 1 194 ? -14.160 -6.427  5.616   1.00 70.83 ? 178 ASP A CA  1 
ATOM   1217 C C   . ASP A 1 194 ? -13.695 -6.586  4.170   1.00 66.65 ? 178 ASP A C   1 
ATOM   1218 O O   . ASP A 1 194 ? -12.606 -6.150  3.804   1.00 70.54 ? 178 ASP A O   1 
ATOM   1219 C CB  . ASP A 1 194 ? -12.977 -6.556  6.602   1.00 70.18 ? 178 ASP A CB  1 
ATOM   1220 C CG  . ASP A 1 194 ? -12.277 -7.908  6.533   1.00 67.50 ? 178 ASP A CG  1 
ATOM   1221 O OD1 . ASP A 1 194 ? -12.076 -8.446  5.420   1.00 67.91 ? 178 ASP A OD1 1 
ATOM   1222 O OD2 . ASP A 1 194 ? -11.914 -8.433  7.608   1.00 61.16 ? 178 ASP A OD2 1 
ATOM   1223 N N   . VAL A 1 195 ? -14.518 -7.214  3.344   1.00 63.74 ? 179 VAL A N   1 
ATOM   1224 C CA  . VAL A 1 195 ? -14.185 -7.281  1.935   1.00 67.92 ? 179 VAL A CA  1 
ATOM   1225 C C   . VAL A 1 195 ? -15.156 -6.417  1.127   1.00 67.56 ? 179 VAL A C   1 
ATOM   1226 O O   . VAL A 1 195 ? -14.726 -5.599  0.310   1.00 65.96 ? 179 VAL A O   1 
ATOM   1227 C CB  . VAL A 1 195 ? -14.194 -8.727  1.404   1.00 68.78 ? 179 VAL A CB  1 
ATOM   1228 C CG1 . VAL A 1 195 ? -13.892 -8.734  -0.085  1.00 64.15 ? 179 VAL A CG1 1 
ATOM   1229 C CG2 . VAL A 1 195 ? -13.164 -9.567  2.153   1.00 68.04 ? 179 VAL A CG2 1 
ATOM   1230 N N   . HIS A 1 196 ? -16.452 -6.559  1.380   1.00 61.52 ? 180 HIS A N   1 
ATOM   1231 C CA  . HIS A 1 196 ? -17.429 -5.926  0.511   1.00 61.54 ? 180 HIS A CA  1 
ATOM   1232 C C   . HIS A 1 196 ? -17.993 -4.619  1.026   1.00 59.15 ? 180 HIS A C   1 
ATOM   1233 O O   . HIS A 1 196 ? -17.963 -4.325  2.215   1.00 56.66 ? 180 HIS A O   1 
ATOM   1234 C CB  . HIS A 1 196 ? -18.570 -6.892  0.225   1.00 60.52 ? 180 HIS A CB  1 
ATOM   1235 C CG  . HIS A 1 196 ? -18.129 -8.123  -0.485  1.00 62.47 ? 180 HIS A CG  1 
ATOM   1236 N ND1 . HIS A 1 196 ? -17.264 -8.097  -1.564  1.00 67.36 ? 180 HIS A ND1 1 
ATOM   1237 C CD2 . HIS A 1 196 ? -18.376 -9.428  -0.241  1.00 66.15 ? 180 HIS A CD2 1 
ATOM   1238 C CE1 . HIS A 1 196 ? -17.026 -9.328  -1.964  1.00 65.92 ? 180 HIS A CE1 1 
ATOM   1239 N NE2 . HIS A 1 196 ? -17.689 -10.159 -1.179  1.00 69.65 ? 180 HIS A NE2 1 
ATOM   1240 N N   . MET A 1 197 ? -18.541 -3.857  0.094   1.00 56.86 ? 181 MET A N   1 
ATOM   1241 C CA  . MET A 1 197 ? -18.954 -2.503  0.361   1.00 54.84 ? 181 MET A CA  1 
ATOM   1242 C C   . MET A 1 197 ? -20.414 -2.284  -0.017  1.00 49.63 ? 181 MET A C   1 
ATOM   1243 O O   . MET A 1 197 ? -20.945 -2.939  -0.904  1.00 49.01 ? 181 MET A O   1 
ATOM   1244 C CB  . MET A 1 197 ? -18.060 -1.505  -0.404  1.00 55.08 ? 181 MET A CB  1 
ATOM   1245 C CG  . MET A 1 197 ? -16.627 -1.351  0.119   1.00 55.11 ? 181 MET A CG  1 
ATOM   1246 S SD  . MET A 1 197 ? -15.659 -0.033  -0.711  1.00 52.72 ? 181 MET A SD  1 
ATOM   1247 C CE  . MET A 1 197 ? -14.304 0.172   0.446   1.00 47.51 ? 181 MET A CE  1 
ATOM   1248 N N   . HIS A 1 198 ? -21.066 -1.373  0.689   1.00 50.57 ? 182 HIS A N   1 
ATOM   1249 C CA  . HIS A 1 198 ? -22.336 -0.842  0.235   1.00 51.96 ? 182 HIS A CA  1 
ATOM   1250 C C   . HIS A 1 198 ? -22.009 0.140   -0.876  1.00 58.40 ? 182 HIS A C   1 
ATOM   1251 O O   . HIS A 1 198 ? -21.666 1.293   -0.600  1.00 63.34 ? 182 HIS A O   1 
ATOM   1252 C CB  . HIS A 1 198 ? -23.103 -0.098  1.335   1.00 55.48 ? 182 HIS A CB  1 
ATOM   1253 C CG  . HIS A 1 198 ? -23.652 -0.958  2.433   1.00 54.06 ? 182 HIS A CG  1 
ATOM   1254 N ND1 . HIS A 1 198 ? -22.860 -1.701  3.285   1.00 60.39 ? 182 HIS A ND1 1 
ATOM   1255 C CD2 . HIS A 1 198 ? -24.922 -1.117  2.873   1.00 51.64 ? 182 HIS A CD2 1 
ATOM   1256 C CE1 . HIS A 1 198 ? -23.622 -2.311  4.177   1.00 47.03 ? 182 HIS A CE1 1 
ATOM   1257 N NE2 . HIS A 1 198 ? -24.878 -1.978  3.945   1.00 47.52 ? 182 HIS A NE2 1 
ATOM   1258 N N   . ASP A 1 199 ? -22.087 -0.302  -2.120  1.00 55.45 ? 183 ASP A N   1 
ATOM   1259 C CA  . ASP A 1 199 ? -21.887 0.613   -3.231  1.00 52.39 ? 183 ASP A CA  1 
ATOM   1260 C C   . ASP A 1 199 ? -20.469 1.239   -3.276  1.00 51.17 ? 183 ASP A C   1 
ATOM   1261 O O   . ASP A 1 199 ? -20.297 2.430   -3.033  1.00 50.08 ? 183 ASP A O   1 
ATOM   1262 C CB  . ASP A 1 199 ? -22.955 1.713   -3.169  1.00 52.84 ? 183 ASP A CB  1 
ATOM   1263 C CG  . ASP A 1 199 ? -23.396 2.165   -4.536  1.00 55.01 ? 183 ASP A CG  1 
ATOM   1264 O OD1 . ASP A 1 199 ? -23.055 1.469   -5.511  1.00 55.36 ? 183 ASP A OD1 1 
ATOM   1265 O OD2 . ASP A 1 199 ? -24.087 3.203   -4.631  1.00 57.11 ? 183 ASP A OD2 1 
ATOM   1266 N N   . PRO A 1 200 ? -19.452 0.432   -3.603  1.00 49.63 ? 184 PRO A N   1 
ATOM   1267 C CA  . PRO A 1 200 ? -18.118 0.990   -3.836  1.00 42.87 ? 184 PRO A CA  1 
ATOM   1268 C C   . PRO A 1 200 ? -18.031 1.820   -5.117  1.00 46.45 ? 184 PRO A C   1 
ATOM   1269 O O   . PRO A 1 200 ? -18.631 1.482   -6.149  1.00 44.19 ? 184 PRO A O   1 
ATOM   1270 C CB  . PRO A 1 200 ? -17.233 -0.251  -3.946  1.00 44.89 ? 184 PRO A CB  1 
ATOM   1271 C CG  . PRO A 1 200 ? -18.177 -1.322  -4.466  1.00 48.12 ? 184 PRO A CG  1 
ATOM   1272 C CD  . PRO A 1 200 ? -19.469 -1.036  -3.743  1.00 51.72 ? 184 PRO A CD  1 
ATOM   1273 N N   . ARG A 1 201 ? -17.273 2.907   -5.023  1.00 46.70 ? 185 ARG A N   1 
ATOM   1274 C CA  . ARG A 1 201 ? -17.010 3.804   -6.129  1.00 45.72 ? 185 ARG A CA  1 
ATOM   1275 C C   . ARG A 1 201 ? -15.507 3.750   -6.455  1.00 50.55 ? 185 ARG A C   1 
ATOM   1276 O O   . ARG A 1 201 ? -14.659 4.044   -5.606  1.00 43.03 ? 185 ARG A O   1 
ATOM   1277 C CB  . ARG A 1 201 ? -17.462 5.230   -5.761  1.00 54.80 ? 185 ARG A CB  1 
ATOM   1278 C CG  . ARG A 1 201 ? -17.539 6.232   -6.924  1.00 54.14 ? 185 ARG A CG  1 
ATOM   1279 C CD  . ARG A 1 201 ? -18.134 7.589   -6.483  1.00 61.47 ? 185 ARG A CD  1 
ATOM   1280 N NE  . ARG A 1 201 ? -17.559 8.089   -5.230  1.00 72.00 ? 185 ARG A NE  1 
ATOM   1281 C CZ  . ARG A 1 201 ? -18.213 8.150   -4.068  1.00 71.86 ? 185 ARG A CZ  1 
ATOM   1282 N NH1 . ARG A 1 201 ? -19.478 7.759   -3.996  1.00 69.59 ? 185 ARG A NH1 1 
ATOM   1283 N NH2 . ARG A 1 201 ? -17.605 8.615   -2.978  1.00 70.49 ? 185 ARG A NH2 1 
ATOM   1284 N N   . LEU A 1 202 ? -15.179 3.323   -7.668  1.00 46.71 ? 186 LEU A N   1 
ATOM   1285 C CA  . LEU A 1 202 ? -13.801 3.353   -8.133  1.00 45.31 ? 186 LEU A CA  1 
ATOM   1286 C C   . LEU A 1 202 ? -13.408 4.800   -8.383  1.00 48.86 ? 186 LEU A C   1 
ATOM   1287 O O   . LEU A 1 202 ? -14.037 5.486   -9.175  1.00 45.98 ? 186 LEU A O   1 
ATOM   1288 C CB  . LEU A 1 202 ? -13.617 2.508   -9.405  1.00 45.14 ? 186 LEU A CB  1 
ATOM   1289 C CG  . LEU A 1 202 ? -12.265 2.401   -10.148 1.00 48.42 ? 186 LEU A CG  1 
ATOM   1290 C CD1 . LEU A 1 202 ? -12.152 3.426   -11.246 1.00 44.83 ? 186 LEU A CD1 1 
ATOM   1291 C CD2 . LEU A 1 202 ? -11.061 2.506   -9.225  1.00 44.41 ? 186 LEU A CD2 1 
ATOM   1292 N N   . ILE A 1 203 ? -12.390 5.270   -7.666  1.00 44.47 ? 187 ILE A N   1 
ATOM   1293 C CA  . ILE A 1 203 ? -11.897 6.618   -7.881  1.00 46.01 ? 187 ILE A CA  1 
ATOM   1294 C C   . ILE A 1 203 ? -10.649 6.526   -8.712  1.00 47.04 ? 187 ILE A C   1 
ATOM   1295 O O   . ILE A 1 203 ? -9.626  6.017   -8.250  1.00 42.47 ? 187 ILE A O   1 
ATOM   1296 C CB  . ILE A 1 203 ? -11.614 7.360   -6.573  1.00 44.59 ? 187 ILE A CB  1 
ATOM   1297 C CG1 . ILE A 1 203 ? -12.927 7.836   -5.967  1.00 50.24 ? 187 ILE A CG1 1 
ATOM   1298 C CG2 . ILE A 1 203 ? -10.777 8.580   -6.828  1.00 48.25 ? 187 ILE A CG2 1 
ATOM   1299 C CD1 . ILE A 1 203 ? -13.396 7.007   -4.896  1.00 48.97 ? 187 ILE A CD1 1 
ATOM   1300 N N   . PRO A 1 204 ? -10.752 6.967   -9.974  1.00 49.81 ? 188 PRO A N   1 
ATOM   1301 C CA  . PRO A 1 204 ? -9.609  7.010   -10.883 1.00 52.78 ? 188 PRO A CA  1 
ATOM   1302 C C   . PRO A 1 204 ? -8.661  8.085   -10.386 1.00 52.09 ? 188 PRO A C   1 
ATOM   1303 O O   . PRO A 1 204 ? -9.045  9.254   -10.286 1.00 57.92 ? 188 PRO A O   1 
ATOM   1304 C CB  . PRO A 1 204 ? -10.236 7.376   -12.232 1.00 49.56 ? 188 PRO A CB  1 
ATOM   1305 C CG  . PRO A 1 204 ? -11.440 8.150   -11.873 1.00 51.85 ? 188 PRO A CG  1 
ATOM   1306 C CD  . PRO A 1 204 ? -11.960 7.545   -10.584 1.00 52.44 ? 188 PRO A CD  1 
ATOM   1307 N N   . LEU A 1 205 ? -7.457  7.713   -10.010 1.00 45.58 ? 189 LEU A N   1 
ATOM   1308 C CA  . LEU A 1 205 ? -6.572  8.763   -9.526  1.00 54.32 ? 189 LEU A CA  1 
ATOM   1309 C C   . LEU A 1 205 ? -5.727  9.179   -10.721 1.00 54.07 ? 189 LEU A C   1 
ATOM   1310 O O   . LEU A 1 205 ? -4.633  8.657   -10.934 1.00 52.11 ? 189 LEU A O   1 
ATOM   1311 C CB  . LEU A 1 205 ? -5.729  8.299   -8.336  1.00 46.08 ? 189 LEU A CB  1 
ATOM   1312 C CG  . LEU A 1 205 ? -6.481  7.847   -7.071  1.00 45.84 ? 189 LEU A CG  1 
ATOM   1313 C CD1 . LEU A 1 205 ? -5.608  6.949   -6.236  1.00 41.81 ? 189 LEU A CD1 1 
ATOM   1314 C CD2 . LEU A 1 205 ? -6.939  9.019   -6.229  1.00 47.78 ? 189 LEU A CD2 1 
ATOM   1315 N N   . LYS A 1 206 ? -6.277  10.069  -11.544 1.00 50.81 ? 190 LYS A N   1 
ATOM   1316 C CA  . LYS A 1 206 ? -5.543  10.500  -12.719 1.00 57.19 ? 190 LYS A CA  1 
ATOM   1317 C C   . LYS A 1 206 ? -4.548  11.591  -12.296 1.00 56.64 ? 190 LYS A C   1 
ATOM   1318 O O   . LYS A 1 206 ? -4.911  12.644  -11.747 1.00 55.75 ? 190 LYS A O   1 
ATOM   1319 C CB  . LYS A 1 206 ? -6.494  10.952  -13.851 1.00 54.74 ? 190 LYS A CB  1 
ATOM   1320 C CG  . LYS A 1 206 ? -7.161  12.310  -13.693 1.00 59.27 ? 190 LYS A CG  1 
ATOM   1321 C CD  . LYS A 1 206 ? -7.749  12.787  -15.014 1.00 68.08 ? 190 LYS A CD  1 
ATOM   1322 C CE  . LYS A 1 206 ? -6.773  12.579  -16.159 1.00 65.92 ? 190 LYS A CE  1 
ATOM   1323 N NZ  . LYS A 1 206 ? -7.153  13.344  -17.383 1.00 70.09 ? 190 LYS A NZ  1 
ATOM   1324 N N   . THR A 1 207 ? -3.276  11.276  -12.515 1.00 55.01 ? 191 THR A N   1 
ATOM   1325 C CA  . THR A 1 207 ? -2.163  12.139  -12.168 1.00 54.89 ? 191 THR A CA  1 
ATOM   1326 C C   . THR A 1 207 ? -2.271  13.544  -12.748 1.00 54.10 ? 191 THR A C   1 
ATOM   1327 O O   . THR A 1 207 ? -3.038  13.798  -13.679 1.00 57.97 ? 191 THR A O   1 
ATOM   1328 C CB  . THR A 1 207 ? -0.829  11.527  -12.646 1.00 54.03 ? 191 THR A CB  1 
ATOM   1329 O OG1 . THR A 1 207 ? -0.799  11.521  -14.077 1.00 54.45 ? 191 THR A OG1 1 
ATOM   1330 C CG2 . THR A 1 207 ? -0.681  10.100  -12.126 1.00 49.66 ? 191 THR A CG2 1 
ATOM   1331 N N   . MET A 1 208 ? -1.486  14.448  -12.175 1.00 54.50 ? 192 MET A N   1 
ATOM   1332 C CA  . MET A 1 208 ? -1.339  15.812  -12.663 1.00 59.98 ? 192 MET A CA  1 
ATOM   1333 C C   . MET A 1 208 ? -0.991  15.910  -14.161 1.00 58.98 ? 192 MET A C   1 
ATOM   1334 O O   . MET A 1 208 ? -1.649  16.634  -14.937 1.00 63.04 ? 192 MET A O   1 
ATOM   1335 C CB  . MET A 1 208 ? -0.253  16.516  -11.843 1.00 63.14 ? 192 MET A CB  1 
ATOM   1336 C CG  . MET A 1 208 ? -0.770  17.483  -10.782 1.00 69.55 ? 192 MET A CG  1 
ATOM   1337 S SD  . MET A 1 208 ? -1.827  18.780  -11.489 1.00 94.94 ? 192 MET A SD  1 
ATOM   1338 C CE  . MET A 1 208 ? -2.622  19.437  -10.020 1.00 70.25 ? 192 MET A CE  1 
ATOM   1339 N N   . THR A 1 209 ? 0.056   15.182  -14.552 1.00 55.84 ? 193 THR A N   1 
ATOM   1340 C CA  . THR A 1 209 ? 0.646   15.322  -15.883 1.00 61.69 ? 193 THR A CA  1 
ATOM   1341 C C   . THR A 1 209 ? -0.357  14.906  -16.935 1.00 64.35 ? 193 THR A C   1 
ATOM   1342 O O   . THR A 1 209 ? -0.509  15.573  -17.964 1.00 66.05 ? 193 THR A O   1 
ATOM   1343 C CB  . THR A 1 209 ? 1.933   14.480  -16.036 1.00 59.46 ? 193 THR A CB  1 
ATOM   1344 O OG1 . THR A 1 209 ? 2.302   14.404  -17.426 1.00 56.14 ? 193 THR A OG1 1 
ATOM   1345 C CG2 . THR A 1 209 ? 1.704   13.068  -15.491 1.00 61.63 ? 193 THR A CG2 1 
ATOM   1346 N N   . SER A 1 210 ? -1.043  13.803  -16.639 1.00 63.66 ? 194 SER A N   1 
ATOM   1347 C CA  . SER A 1 210 ? -2.052  13.220  -17.498 1.00 63.02 ? 194 SER A CA  1 
ATOM   1348 C C   . SER A 1 210 ? -3.014  14.285  -17.974 1.00 66.90 ? 194 SER A C   1 
ATOM   1349 O O   . SER A 1 210 ? -3.365  14.333  -19.153 1.00 68.89 ? 194 SER A O   1 
ATOM   1350 C CB  . SER A 1 210 ? -2.797  12.113  -16.754 1.00 64.24 ? 194 SER A CB  1 
ATOM   1351 O OG  . SER A 1 210 ? -3.999  11.787  -17.414 1.00 73.91 ? 194 SER A OG  1 
ATOM   1352 N N   . ASP A 1 211 ? -3.415  15.159  -17.056 1.00 64.86 ? 195 ASP A N   1 
ATOM   1353 C CA  . ASP A 1 211 ? -4.232  16.310  -17.418 1.00 66.84 ? 195 ASP A CA  1 
ATOM   1354 C C   . ASP A 1 211 ? -3.419  17.291  -18.248 1.00 65.91 ? 195 ASP A C   1 
ATOM   1355 O O   . ASP A 1 211 ? -3.785  17.598  -19.377 1.00 69.11 ? 195 ASP A O   1 
ATOM   1356 C CB  . ASP A 1 211 ? -4.790  17.008  -16.175 1.00 66.74 ? 195 ASP A CB  1 
ATOM   1357 C CG  . ASP A 1 211 ? -6.018  16.299  -15.604 1.00 77.12 ? 195 ASP A CG  1 
ATOM   1358 O OD1 . ASP A 1 211 ? -6.823  15.745  -16.395 1.00 75.89 ? 195 ASP A OD1 1 
ATOM   1359 O OD2 . ASP A 1 211 ? -6.181  16.303  -14.359 1.00 79.15 ? 195 ASP A OD2 1 
ATOM   1360 N N   . ILE A 1 212 ? -2.296  17.758  -17.706 1.00 65.29 ? 196 ILE A N   1 
ATOM   1361 C CA  . ILE A 1 212 ? -1.590  18.889  -18.322 1.00 61.29 ? 196 ILE A CA  1 
ATOM   1362 C C   . ILE A 1 212 ? -0.863  18.614  -19.658 1.00 55.93 ? 196 ILE A C   1 
ATOM   1363 O O   . ILE A 1 212 ? -0.864  19.444  -20.563 1.00 54.49 ? 196 ILE A O   1 
ATOM   1364 C CB  . ILE A 1 212 ? -0.539  19.451  -17.345 1.00 60.93 ? 196 ILE A CB  1 
ATOM   1365 C CG1 . ILE A 1 212 ? -1.125  19.572  -15.942 1.00 64.08 ? 196 ILE A CG1 1 
ATOM   1366 C CG2 . ILE A 1 212 ? -0.033  20.799  -17.809 1.00 55.51 ? 196 ILE A CG2 1 
ATOM   1367 C CD1 . ILE A 1 212 ? -0.139  20.126  -14.925 1.00 66.20 ? 196 ILE A CD1 1 
ATOM   1368 N N   . LEU A 1 213 ? -0.220  17.459  -19.765 1.00 57.11 ? 197 LEU A N   1 
ATOM   1369 C CA  . LEU A 1 213 ? 0.794   17.255  -20.790 1.00 52.65 ? 197 LEU A CA  1 
ATOM   1370 C C   . LEU A 1 213 ? 0.801   15.826  -21.269 1.00 53.06 ? 197 LEU A C   1 
ATOM   1371 O O   . LEU A 1 213 ? 0.827   14.901  -20.455 1.00 54.10 ? 197 LEU A O   1 
ATOM   1372 C CB  . LEU A 1 213 ? 2.192   17.585  -20.252 1.00 50.35 ? 197 LEU A CB  1 
ATOM   1373 C CG  . LEU A 1 213 ? 2.599   19.037  -20.025 1.00 53.46 ? 197 LEU A CG  1 
ATOM   1374 C CD1 . LEU A 1 213 ? 4.031   19.112  -19.539 1.00 44.72 ? 197 LEU A CD1 1 
ATOM   1375 C CD2 . LEU A 1 213 ? 2.447   19.809  -21.301 1.00 55.17 ? 197 LEU A CD2 1 
ATOM   1376 N N   . LYS A 1 214 ? 0.807   15.641  -22.583 1.00 47.67 ? 198 LYS A N   1 
ATOM   1377 C CA  . LYS A 1 214 ? 1.079   14.329  -23.125 1.00 49.01 ? 198 LYS A CA  1 
ATOM   1378 C C   . LYS A 1 214 ? 2.443   14.369  -23.814 1.00 44.78 ? 198 LYS A C   1 
ATOM   1379 O O   . LYS A 1 214 ? 2.739   15.222  -24.646 1.00 49.89 ? 198 LYS A O   1 
ATOM   1380 C CB  . LYS A 1 214 ? -0.026  13.848  -24.086 1.00 47.10 ? 198 LYS A CB  1 
ATOM   1381 C CG  . LYS A 1 214 ? 0.400   12.582  -24.882 1.00 51.56 ? 198 LYS A CG  1 
ATOM   1382 C CD  . LYS A 1 214 ? -0.725  11.866  -25.645 1.00 48.99 ? 198 LYS A CD  1 
ATOM   1383 C CE  . LYS A 1 214 ? -1.463  12.776  -26.612 1.00 60.55 ? 198 LYS A CE  1 
ATOM   1384 N NZ  . LYS A 1 214 ? -2.379  12.005  -27.510 1.00 50.73 ? 198 LYS A NZ  1 
ATOM   1385 N N   . MET A 1 215 ? 3.247   13.386  -23.461 1.00 43.76 ? 199 MET A N   1 
ATOM   1386 C CA  . MET A 1 215 ? 4.654   13.335  -23.755 1.00 43.97 ? 199 MET A CA  1 
ATOM   1387 C C   . MET A 1 215 ? 4.951   12.157  -24.670 1.00 43.92 ? 199 MET A C   1 
ATOM   1388 O O   . MET A 1 215 ? 4.770   11.004  -24.287 1.00 50.48 ? 199 MET A O   1 
ATOM   1389 C CB  . MET A 1 215 ? 5.413   13.255  -22.423 1.00 45.48 ? 199 MET A CB  1 
ATOM   1390 C CG  . MET A 1 215 ? 6.862   12.777  -22.446 1.00 46.37 ? 199 MET A CG  1 
ATOM   1391 S SD  . MET A 1 215 ? 7.832   13.156  -23.896 1.00 47.31 ? 199 MET A SD  1 
ATOM   1392 C CE  . MET A 1 215 ? 8.363   11.505  -24.285 1.00 42.73 ? 199 MET A CE  1 
ATOM   1393 N N   . GLN A 1 216 ? 5.413   12.439  -25.885 1.00 43.82 ? 200 GLN A N   1 
ATOM   1394 C CA  . GLN A 1 216 ? 5.731   11.359  -26.826 1.00 44.29 ? 200 GLN A CA  1 
ATOM   1395 C C   . GLN A 1 216 ? 7.121   11.446  -27.474 1.00 39.18 ? 200 GLN A C   1 
ATOM   1396 O O   . GLN A 1 216 ? 7.626   12.518  -27.772 1.00 35.82 ? 200 GLN A O   1 
ATOM   1397 C CB  . GLN A 1 216 ? 4.663   11.281  -27.919 1.00 45.68 ? 200 GLN A CB  1 
ATOM   1398 C CG  . GLN A 1 216 ? 3.713   10.111  -27.701 1.00 55.87 ? 200 GLN A CG  1 
ATOM   1399 C CD  . GLN A 1 216 ? 2.305   10.374  -28.213 1.00 62.57 ? 200 GLN A CD  1 
ATOM   1400 O OE1 . GLN A 1 216 ? 1.989   11.482  -28.668 1.00 63.23 ? 200 GLN A OE1 1 
ATOM   1401 N NE2 . GLN A 1 216 ? 1.454   9.347   -28.157 1.00 56.65 ? 200 GLN A NE2 1 
ATOM   1402 N N   . LEU A 1 217 ? 7.719   10.277  -27.664 1.00 37.34 ? 201 LEU A N   1 
ATOM   1403 C CA  . LEU A 1 217 ? 9.059   10.141  -28.187 1.00 39.57 ? 201 LEU A CA  1 
ATOM   1404 C C   . LEU A 1 217 ? 9.008   9.486   -29.562 1.00 43.42 ? 201 LEU A C   1 
ATOM   1405 O O   . LEU A 1 217 ? 8.488   8.370   -29.712 1.00 33.72 ? 201 LEU A O   1 
ATOM   1406 C CB  . LEU A 1 217 ? 9.926   9.303   -27.247 1.00 35.59 ? 201 LEU A CB  1 
ATOM   1407 C CG  . LEU A 1 217 ? 11.342  9.023   -27.757 1.00 39.18 ? 201 LEU A CG  1 
ATOM   1408 C CD1 . LEU A 1 217 ? 12.082  10.316  -28.073 1.00 33.48 ? 201 LEU A CD1 1 
ATOM   1409 C CD2 . LEU A 1 217 ? 12.122  8.190   -26.737 1.00 36.20 ? 201 LEU A CD2 1 
ATOM   1410 N N   . TYR A 1 218 ? 9.555   10.191  -30.551 1.00 39.02 ? 202 TYR A N   1 
ATOM   1411 C CA  . TYR A 1 218 ? 9.685   9.658   -31.893 1.00 41.14 ? 202 TYR A CA  1 
ATOM   1412 C C   . TYR A 1 218 ? 11.159  9.535   -32.233 1.00 43.64 ? 202 TYR A C   1 
ATOM   1413 O O   . TYR A 1 218 ? 11.936  10.480  -32.043 1.00 44.67 ? 202 TYR A O   1 
ATOM   1414 C CB  . TYR A 1 218 ? 8.956   10.553  -32.906 1.00 43.50 ? 202 TYR A CB  1 
ATOM   1415 C CG  . TYR A 1 218 ? 7.472   10.637  -32.658 1.00 42.89 ? 202 TYR A CG  1 
ATOM   1416 C CD1 . TYR A 1 218 ? 6.599   9.685   -33.199 1.00 47.23 ? 202 TYR A CD1 1 
ATOM   1417 C CD2 . TYR A 1 218 ? 6.935   11.649  -31.876 1.00 39.54 ? 202 TYR A CD2 1 
ATOM   1418 C CE1 . TYR A 1 218 ? 5.234   9.744   -32.963 1.00 42.12 ? 202 TYR A CE1 1 
ATOM   1419 C CE2 . TYR A 1 218 ? 5.585   11.716  -31.636 1.00 40.52 ? 202 TYR A CE2 1 
ATOM   1420 C CZ  . TYR A 1 218 ? 4.740   10.765  -32.182 1.00 40.54 ? 202 TYR A CZ  1 
ATOM   1421 O OH  . TYR A 1 218 ? 3.396   10.841  -31.940 1.00 54.06 ? 202 TYR A OH  1 
ATOM   1422 N N   . VAL A 1 219 ? 11.541  8.365   -32.734 1.00 44.78 ? 203 VAL A N   1 
ATOM   1423 C CA  . VAL A 1 219 ? 12.919  8.120   -33.146 1.00 47.13 ? 203 VAL A CA  1 
ATOM   1424 C C   . VAL A 1 219 ? 13.040  7.682   -34.624 1.00 50.03 ? 203 VAL A C   1 
ATOM   1425 O O   . VAL A 1 219 ? 12.115  7.104   -35.218 1.00 39.50 ? 203 VAL A O   1 
ATOM   1426 C CB  . VAL A 1 219 ? 13.572  7.081   -32.193 1.00 50.09 ? 203 VAL A CB  1 
ATOM   1427 C CG1 . VAL A 1 219 ? 14.863  6.490   -32.745 1.00 55.65 ? 203 VAL A CG1 1 
ATOM   1428 C CG2 . VAL A 1 219 ? 13.833  7.733   -30.858 1.00 48.44 ? 203 VAL A CG2 1 
ATOM   1429 N N   . GLU A 1 220 ? 14.199  8.025   -35.190 1.00 56.10 ? 204 GLU A N   1 
ATOM   1430 C CA  . GLU A 1 220 ? 14.630  7.755   -36.563 1.00 52.29 ? 204 GLU A CA  1 
ATOM   1431 C C   . GLU A 1 220 ? 14.928  6.311   -36.965 1.00 59.65 ? 204 GLU A C   1 
ATOM   1432 O O   . GLU A 1 220 ? 15.726  5.632   -36.319 1.00 59.77 ? 204 GLU A O   1 
ATOM   1433 C CB  . GLU A 1 220 ? 15.893  8.556   -36.820 1.00 53.45 ? 204 GLU A CB  1 
ATOM   1434 C CG  . GLU A 1 220 ? 16.534  8.250   -38.118 1.00 59.83 ? 204 GLU A CG  1 
ATOM   1435 C CD  . GLU A 1 220 ? 15.844  8.976   -39.243 1.00 67.83 ? 204 GLU A CD  1 
ATOM   1436 O OE1 . GLU A 1 220 ? 14.765  8.521   -39.697 1.00 54.77 ? 204 GLU A OE1 1 
ATOM   1437 O OE2 . GLU A 1 220 ? 16.374  10.032  -39.662 1.00 66.30 ? 204 GLU A OE2 1 
ATOM   1438 N N   . GLU A 1 221 ? 14.327  5.888   -38.075 1.00 58.82 ? 205 GLU A N   1 
ATOM   1439 C CA  . GLU A 1 221 ? 14.614  4.608   -38.735 1.00 62.80 ? 205 GLU A CA  1 
ATOM   1440 C C   . GLU A 1 221 ? 14.717  3.454   -37.769 1.00 66.38 ? 205 GLU A C   1 
ATOM   1441 O O   . GLU A 1 221 ? 13.695  2.982   -37.284 1.00 70.94 ? 205 GLU A O   1 
ATOM   1442 C CB  . GLU A 1 221 ? 15.896  4.701   -39.574 1.00 64.82 ? 205 GLU A CB  1 
ATOM   1443 C CG  . GLU A 1 221 ? 15.863  5.821   -40.615 1.00 64.00 ? 205 GLU A CG  1 
ATOM   1444 C CD  . GLU A 1 221 ? 17.004  5.751   -41.621 1.00 72.26 ? 205 GLU A CD  1 
ATOM   1445 O OE1 . GLU A 1 221 ? 17.505  4.631   -41.866 1.00 80.45 ? 205 GLU A OE1 1 
ATOM   1446 O OE2 . GLU A 1 221 ? 17.402  6.817   -42.156 1.00 63.42 ? 205 GLU A OE2 1 
ATOM   1447 N N   . SER B 2 8   ? -6.868  -18.874 -2.715  1.00 77.81 ? 331 SER B N   1 
ATOM   1448 C CA  . SER B 2 8   ? -7.074  -17.494 -3.144  1.00 75.79 ? 331 SER B CA  1 
ATOM   1449 C C   . SER B 2 8   ? -7.395  -16.567 -1.969  1.00 72.51 ? 331 SER B C   1 
ATOM   1450 O O   . SER B 2 8   ? -7.110  -15.364 -2.022  1.00 66.45 ? 331 SER B O   1 
ATOM   1451 C CB  . SER B 2 8   ? -8.190  -17.427 -4.187  1.00 72.28 ? 331 SER B CB  1 
ATOM   1452 O OG  . SER B 2 8   ? -7.799  -18.084 -5.375  1.00 76.90 ? 331 SER B OG  1 
ATOM   1453 N N   . GLY B 2 9   ? -7.989  -17.127 -0.914  1.00 67.33 ? 332 GLY B N   1 
ATOM   1454 C CA  . GLY B 2 9   ? -8.334  -16.354 0.262   1.00 62.95 ? 332 GLY B CA  1 
ATOM   1455 C C   . GLY B 2 9   ? -9.589  -15.528 0.076   1.00 61.66 ? 332 GLY B C   1 
ATOM   1456 O O   . GLY B 2 9   ? -10.605 -16.056 -0.376  1.00 64.11 ? 332 GLY B O   1 
ATOM   1457 N N   . PRO B 2 10  ? -9.531  -14.222 0.409   1.00 60.37 ? 333 PRO B N   1 
ATOM   1458 C CA  . PRO B 2 10  ? -8.357  -13.473 0.885   1.00 59.57 ? 333 PRO B CA  1 
ATOM   1459 C C   . PRO B 2 10  ? -7.946  -13.770 2.313   1.00 54.93 ? 333 PRO B C   1 
ATOM   1460 O O   . PRO B 2 10  ? -8.751  -14.273 3.090   1.00 57.19 ? 333 PRO B O   1 
ATOM   1461 C CB  . PRO B 2 10  ? -8.807  -12.015 0.796   1.00 57.20 ? 333 PRO B CB  1 
ATOM   1462 C CG  . PRO B 2 10  ? -10.290 -12.071 0.900   1.00 57.43 ? 333 PRO B CG  1 
ATOM   1463 C CD  . PRO B 2 10  ? -10.710 -13.352 0.261   1.00 55.10 ? 333 PRO B CD  1 
ATOM   1464 N N   . TRP B 2 11  ? -6.706  -13.427 2.644   1.00 52.52 ? 334 TRP B N   1 
ATOM   1465 C CA  . TRP B 2 11  ? -6.152  -13.643 3.973   1.00 51.76 ? 334 TRP B CA  1 
ATOM   1466 C C   . TRP B 2 11  ? -5.747  -12.316 4.612   1.00 52.95 ? 334 TRP B C   1 
ATOM   1467 O O   . TRP B 2 11  ? -5.325  -11.375 3.916   1.00 50.05 ? 334 TRP B O   1 
ATOM   1468 C CB  . TRP B 2 11  ? -4.932  -14.570 3.910   1.00 54.49 ? 334 TRP B CB  1 
ATOM   1469 C CG  . TRP B 2 11  ? -5.136  -15.858 3.135   1.00 63.76 ? 334 TRP B CG  1 
ATOM   1470 C CD1 . TRP B 2 11  ? -5.105  -16.019 1.778   1.00 57.93 ? 334 TRP B CD1 1 
ATOM   1471 C CD2 . TRP B 2 11  ? -5.365  -17.166 3.686   1.00 68.18 ? 334 TRP B CD2 1 
ATOM   1472 N NE1 . TRP B 2 11  ? -5.314  -17.337 1.451   1.00 62.48 ? 334 TRP B NE1 1 
ATOM   1473 C CE2 . TRP B 2 11  ? -5.478  -18.062 2.602   1.00 65.49 ? 334 TRP B CE2 1 
ATOM   1474 C CE3 . TRP B 2 11  ? -5.491  -17.663 4.991   1.00 63.88 ? 334 TRP B CE3 1 
ATOM   1475 C CZ2 . TRP B 2 11  ? -5.712  -19.424 2.780   1.00 69.44 ? 334 TRP B CZ2 1 
ATOM   1476 C CZ3 . TRP B 2 11  ? -5.719  -19.019 5.165   1.00 65.80 ? 334 TRP B CZ3 1 
ATOM   1477 C CH2 . TRP B 2 11  ? -5.827  -19.884 4.065   1.00 70.76 ? 334 TRP B CH2 1 
ATOM   1478 N N   . LYS B 2 12  ? -5.851  -12.253 5.934   1.00 46.89 ? 335 LYS B N   1 
ATOM   1479 C CA  . LYS B 2 12  ? -5.452  -11.071 6.678   1.00 42.25 ? 335 LYS B CA  1 
ATOM   1480 C C   . LYS B 2 12  ? -4.683  -11.481 7.919   1.00 49.59 ? 335 LYS B C   1 
ATOM   1481 O O   . LYS B 2 12  ? -4.747  -12.636 8.339   1.00 51.49 ? 335 LYS B O   1 
ATOM   1482 C CB  . LYS B 2 12  ? -6.672  -10.240 7.060   1.00 45.72 ? 335 LYS B CB  1 
ATOM   1483 C CG  . LYS B 2 12  ? -7.543  -10.861 8.155   1.00 51.88 ? 335 LYS B CG  1 
ATOM   1484 C CD  . LYS B 2 12  ? -8.698  -9.940  8.518   1.00 46.45 ? 335 LYS B CD  1 
ATOM   1485 C CE  . LYS B 2 12  ? -9.532  -10.519 9.624   1.00 57.31 ? 335 LYS B CE  1 
ATOM   1486 N NZ  . LYS B 2 12  ? -10.640 -9.605  9.990   1.00 70.15 ? 335 LYS B NZ  1 
ATOM   1487 N N   . PRO B 2 13  ? -3.936  -10.544 8.511   1.00 47.36 ? 336 PRO B N   1 
ATOM   1488 C CA  . PRO B 2 13  ? -3.371  -10.834 9.835   1.00 48.32 ? 336 PRO B CA  1 
ATOM   1489 C C   . PRO B 2 13  ? -4.459  -11.076 10.881  1.00 46.51 ? 336 PRO B C   1 
ATOM   1490 O O   . PRO B 2 13  ? -5.410  -10.306 10.980  1.00 44.69 ? 336 PRO B O   1 
ATOM   1491 C CB  . PRO B 2 13  ? -2.575  -9.575  10.164  1.00 43.22 ? 336 PRO B CB  1 
ATOM   1492 C CG  . PRO B 2 13  ? -2.264  -8.969  8.802   1.00 44.18 ? 336 PRO B CG  1 
ATOM   1493 C CD  . PRO B 2 13  ? -3.483  -9.247  7.986   1.00 43.06 ? 336 PRO B CD  1 
ATOM   1494 N N   . ALA B 2 14  ? -4.308  -12.161 11.628  1.00 45.74 ? 337 ALA B N   1 
ATOM   1495 C CA  . ALA B 2 14  ? -5.145  -12.448 12.782  1.00 51.59 ? 337 ALA B CA  1 
ATOM   1496 C C   . ALA B 2 14  ? -5.134  -11.295 13.792  1.00 50.38 ? 337 ALA B C   1 
ATOM   1497 O O   . ALA B 2 14  ? -6.188  -10.791 14.187  1.00 50.56 ? 337 ALA B O   1 
ATOM   1498 C CB  . ALA B 2 14  ? -4.677  -13.726 13.442  1.00 47.68 ? 337 ALA B CB  1 
ATOM   1499 N N   . LYS B 2 15  ? -3.934  -10.890 14.197  1.00 47.00 ? 338 LYS B N   1 
ATOM   1500 C CA  . LYS B 2 15  ? -3.751  -9.773  15.120  1.00 56.27 ? 338 LYS B CA  1 
ATOM   1501 C C   . LYS B 2 15  ? -4.035  -8.445  14.424  1.00 56.13 ? 338 LYS B C   1 
ATOM   1502 O O   . LYS B 2 15  ? -3.529  -8.202  13.328  1.00 53.80 ? 338 LYS B O   1 
ATOM   1503 C CB  . LYS B 2 15  ? -2.324  -9.753  15.693  1.00 53.57 ? 338 LYS B CB  1 
ATOM   1504 C CG  . LYS B 2 15  ? -2.106  -10.635 16.900  1.00 63.41 ? 338 LYS B CG  1 
ATOM   1505 C CD  . LYS B 2 15  ? -0.614  -10.769 17.212  1.00 75.02 ? 338 LYS B CD  1 
ATOM   1506 C CE  . LYS B 2 15  ? -0.367  -11.694 18.403  1.00 78.19 ? 338 LYS B CE  1 
ATOM   1507 N NZ  . LYS B 2 15  ? 0.887   -12.492 18.280  1.00 72.86 ? 338 LYS B NZ  1 
ATOM   1508 N N   . PRO B 2 16  ? -4.812  -7.566  15.079  1.00 54.86 ? 339 PRO B N   1 
ATOM   1509 C CA  . PRO B 2 16  ? -5.159  -6.285  14.469  1.00 49.28 ? 339 PRO B CA  1 
ATOM   1510 C C   . PRO B 2 16  ? -3.972  -5.330  14.549  1.00 48.84 ? 339 PRO B C   1 
ATOM   1511 O O   . PRO B 2 16  ? -3.046  -5.573  15.323  1.00 50.63 ? 339 PRO B O   1 
ATOM   1512 C CB  . PRO B 2 16  ? -6.319  -5.804  15.336  1.00 45.47 ? 339 PRO B CB  1 
ATOM   1513 C CG  . PRO B 2 16  ? -5.913  -6.273  16.700  1.00 48.13 ? 339 PRO B CG  1 
ATOM   1514 C CD  . PRO B 2 16  ? -5.177  -7.592  16.507  1.00 49.19 ? 339 PRO B CD  1 
ATOM   1515 N N   . ALA B 2 17  ? -3.990  -4.270  13.749  1.00 48.29 ? 340 ALA B N   1 
ATOM   1516 C CA  . ALA B 2 17  ? -2.956  -3.249  13.832  1.00 47.63 ? 340 ALA B CA  1 
ATOM   1517 C C   . ALA B 2 17  ? -2.993  -2.650  15.227  1.00 51.80 ? 340 ALA B C   1 
ATOM   1518 O O   . ALA B 2 17  ? -4.077  -2.492  15.797  1.00 48.28 ? 340 ALA B O   1 
ATOM   1519 C CB  . ALA B 2 17  ? -3.171  -2.174  12.781  1.00 47.91 ? 340 ALA B CB  1 
ATOM   1520 N N   . PRO B 2 18  ? -1.813  -2.323  15.784  1.00 53.09 ? 341 PRO B N   1 
ATOM   1521 C CA  . PRO B 2 18  ? -1.716  -1.724  17.120  1.00 51.26 ? 341 PRO B CA  1 
ATOM   1522 C C   . PRO B 2 18  ? -2.541  -0.454  17.220  1.00 50.96 ? 341 PRO B C   1 
ATOM   1523 O O   . PRO B 2 18  ? -2.905  0.126   16.198  1.00 55.57 ? 341 PRO B O   1 
ATOM   1524 C CB  . PRO B 2 18  ? -0.226  -1.405  17.262  1.00 53.22 ? 341 PRO B CB  1 
ATOM   1525 C CG  . PRO B 2 18  ? 0.454   -2.317  16.299  1.00 54.14 ? 341 PRO B CG  1 
ATOM   1526 C CD  . PRO B 2 18  ? -0.488  -2.494  15.156  1.00 48.56 ? 341 PRO B CD  1 
ATOM   1527 N N   . SER B 2 19  ? -2.842  -0.033  18.437  1.00 53.27 ? 342 SER B N   1 
ATOM   1528 C CA  . SER B 2 19  ? -3.480  1.256   18.640  1.00 57.41 ? 342 SER B CA  1 
ATOM   1529 C C   . SER B 2 19  ? -2.438  2.307   19.010  1.00 56.12 ? 342 SER B C   1 
ATOM   1530 O O   . SER B 2 19  ? -1.281  1.973   19.312  1.00 52.07 ? 342 SER B O   1 
ATOM   1531 C CB  . SER B 2 19  ? -4.550  1.165   19.722  1.00 56.24 ? 342 SER B CB  1 
ATOM   1532 O OG  . SER B 2 19  ? -5.077  2.450   19.990  1.00 66.17 ? 342 SER B OG  1 
ATOM   1533 N N   . VAL B 2 20  ? -2.838  3.576   18.966  1.00 61.16 ? 343 VAL B N   1 
ATOM   1534 C CA  . VAL B 2 20  ? -1.971  4.656   19.444  1.00 65.12 ? 343 VAL B CA  1 
ATOM   1535 C C   . VAL B 2 20  ? -2.775  5.859   19.924  1.00 69.13 ? 343 VAL B C   1 
ATOM   1536 O O   . VAL B 2 20  ? -2.657  6.273   21.084  1.00 73.75 ? 343 VAL B O   1 
ATOM   1537 C CB  . VAL B 2 20  ? -0.986  5.126   18.363  1.00 64.05 ? 343 VAL B CB  1 
ATOM   1538 C CG1 . VAL B 2 20  ? -1.720  5.843   17.258  1.00 63.50 ? 343 VAL B CG1 1 
ATOM   1539 C CG2 . VAL B 2 20  ? 0.045   6.048   18.979  1.00 71.37 ? 343 VAL B CG2 1 
HETATM 1540 O O   . HOH C 3 .   ? 1.642   -9.509  -11.461 1.00 60.97 ? 301 HOH A O   1 
HETATM 1541 O O   . HOH C 3 .   ? 5.811   9.615   -23.650 1.00 53.60 ? 302 HOH A O   1 
HETATM 1542 O O   . HOH C 3 .   ? 14.090  10.269  -40.156 1.00 53.64 ? 303 HOH A O   1 
HETATM 1543 O O   . HOH C 3 .   ? -16.680 10.239  -3.675  1.00 66.25 ? 304 HOH A O   1 
HETATM 1544 O O   . HOH C 3 .   ? 5.859   14.224  12.334  1.00 61.09 ? 305 HOH A O   1 
HETATM 1545 O O   . HOH C 3 .   ? -19.568 -10.619 3.850   1.00 73.85 ? 306 HOH A O   1 
HETATM 1546 O O   . HOH C 3 .   ? 16.720  7.120   -12.679 1.00 53.72 ? 307 HOH A O   1 
HETATM 1547 O O   . HOH C 3 .   ? -9.821  9.479   10.873  1.00 63.96 ? 308 HOH A O   1 
HETATM 1548 O O   . HOH C 3 .   ? 15.857  -13.567 -9.482  1.00 66.05 ? 309 HOH A O   1 
HETATM 1549 O O   . HOH C 3 .   ? -0.311  13.903  -10.030 1.00 45.92 ? 310 HOH A O   1 
HETATM 1550 O O   . HOH C 3 .   ? 13.013  13.026  9.202   1.00 43.41 ? 311 HOH A O   1 
HETATM 1551 O O   . HOH C 3 .   ? -3.660  -18.341 -11.171 1.00 74.46 ? 312 HOH A O   1 
HETATM 1552 O O   . HOH C 3 .   ? -11.035 12.259  11.317  1.00 65.13 ? 313 HOH A O   1 
HETATM 1553 O O   . HOH C 3 .   ? -7.954  4.024   -8.867  1.00 45.46 ? 314 HOH A O   1 
HETATM 1554 O O   . HOH C 3 .   ? 3.370   -7.985  15.004  1.00 54.67 ? 315 HOH A O   1 
HETATM 1555 O O   . HOH C 3 .   ? 9.248   15.261  9.051   1.00 55.26 ? 316 HOH A O   1 
HETATM 1556 O O   . HOH C 3 .   ? -14.457 6.631   2.187   1.00 52.31 ? 317 HOH A O   1 
HETATM 1557 O O   . HOH C 3 .   ? 1.318   -14.773 -13.624 1.00 63.27 ? 318 HOH A O   1 
HETATM 1558 O O   . HOH C 3 .   ? 14.707  -4.055  -2.198  1.00 47.76 ? 319 HOH A O   1 
HETATM 1559 O O   . HOH C 3 .   ? 11.795  0.857   4.136   1.00 51.95 ? 320 HOH A O   1 
HETATM 1560 O O   . HOH C 3 .   ? 1.307   6.950   -11.465 1.00 43.07 ? 321 HOH A O   1 
HETATM 1561 O O   . HOH C 3 .   ? 16.347  -0.128  -2.064  1.00 57.84 ? 322 HOH A O   1 
HETATM 1562 O O   . HOH C 3 .   ? -0.538  14.755  15.780  1.00 53.07 ? 323 HOH A O   1 
HETATM 1563 O O   . HOH C 3 .   ? 5.027   14.778  9.356   1.00 54.10 ? 324 HOH A O   1 
HETATM 1564 O O   . HOH C 3 .   ? 7.556   -6.852  1.849   1.00 66.25 ? 325 HOH A O   1 
HETATM 1565 O O   . HOH C 3 .   ? 15.804  2.470   -2.685  1.00 40.55 ? 326 HOH A O   1 
HETATM 1566 O O   . HOH C 3 .   ? 17.762  -3.560  -8.961  1.00 58.03 ? 327 HOH A O   1 
HETATM 1567 O O   . HOH C 3 .   ? 4.020   7.740   -26.383 1.00 57.35 ? 328 HOH A O   1 
HETATM 1568 O O   . HOH C 3 .   ? 3.848   -10.600 -15.470 1.00 66.03 ? 329 HOH A O   1 
HETATM 1569 O O   . HOH C 3 .   ? 18.770  -3.695  -11.083 1.00 65.59 ? 330 HOH A O   1 
HETATM 1570 O O   . HOH C 3 .   ? 4.447   -13.207 -16.303 1.00 67.48 ? 331 HOH A O   1 
HETATM 1571 O O   . HOH C 3 .   ? 18.342  -4.406  -7.377  1.00 67.29 ? 332 HOH A O   1 
# 
loop_
_pdbx_poly_seq_scheme.asym_id 
_pdbx_poly_seq_scheme.entity_id 
_pdbx_poly_seq_scheme.seq_id 
_pdbx_poly_seq_scheme.mon_id 
_pdbx_poly_seq_scheme.ndb_seq_num 
_pdbx_poly_seq_scheme.pdb_seq_num 
_pdbx_poly_seq_scheme.auth_seq_num 
_pdbx_poly_seq_scheme.pdb_mon_id 
_pdbx_poly_seq_scheme.auth_mon_id 
_pdbx_poly_seq_scheme.pdb_strand_id 
_pdbx_poly_seq_scheme.pdb_ins_code 
_pdbx_poly_seq_scheme.hetero 
A 1 1   MET 1   -15 ?   ?   ?   A . n 
A 1 2   GLY 2   -14 ?   ?   ?   A . n 
A 1 3   SER 3   -13 ?   ?   ?   A . n 
A 1 4   SER 4   -12 ?   ?   ?   A . n 
A 1 5   HIS 5   -11 ?   ?   ?   A . n 
A 1 6   HIS 6   -10 ?   ?   ?   A . n 
A 1 7   HIS 7   -9  ?   ?   ?   A . n 
A 1 8   HIS 8   -8  ?   ?   ?   A . n 
A 1 9   HIS 9   -7  ?   ?   ?   A . n 
A 1 10  HIS 10  -6  ?   ?   ?   A . n 
A 1 11  SER 11  -5  ?   ?   ?   A . n 
A 1 12  GLN 12  -4  ?   ?   ?   A . n 
A 1 13  ASP 13  -3  ?   ?   ?   A . n 
A 1 14  PRO 14  -2  ?   ?   ?   A . n 
A 1 15  ASN 15  -1  ?   ?   ?   A . n 
A 1 16  SER 16  0   ?   ?   ?   A . n 
A 1 17  MET 17  1   ?   ?   ?   A . n 
A 1 18  THR 18  2   ?   ?   ?   A . n 
A 1 19  THR 19  3   ?   ?   ?   A . n 
A 1 20  LEU 20  4   ?   ?   ?   A . n 
A 1 21  THR 21  5   ?   ?   ?   A . n 
A 1 22  ARG 22  6   ?   ?   ?   A . n 
A 1 23  GLN 23  7   ?   ?   ?   A . n 
A 1 24  ASP 24  8   ?   ?   ?   A . n 
A 1 25  LEU 25  9   ?   ?   ?   A . n 
A 1 26  ASN 26  10  ?   ?   ?   A . n 
A 1 27  PHE 27  11  ?   ?   ?   A . n 
A 1 28  GLY 28  12  12  GLY GLY A . n 
A 1 29  GLN 29  13  13  GLN GLN A . n 
A 1 30  VAL 30  14  14  VAL VAL A . n 
A 1 31  VAL 31  15  15  VAL VAL A . n 
A 1 32  ALA 32  16  16  ALA ALA A . n 
A 1 33  ASP 33  17  17  ASP ASP A . n 
A 1 34  VAL 34  18  18  VAL VAL A . n 
A 1 35  LEU 35  19  19  LEU LEU A . n 
A 1 36  CYS 36  20  20  CYS CYS A . n 
A 1 37  GLU 37  21  21  GLU GLU A . n 
A 1 38  PHE 38  22  22  PHE PHE A . n 
A 1 39  LEU 39  23  23  LEU LEU A . n 
A 1 40  GLU 40  24  24  GLU GLU A . n 
A 1 41  VAL 41  25  25  VAL VAL A . n 
A 1 42  ALA 42  26  26  ALA ALA A . n 
A 1 43  VAL 43  27  27  VAL VAL A . n 
A 1 44  HIS 44  28  28  HIS HIS A . n 
A 1 45  LEU 45  29  29  LEU LEU A . n 
A 1 46  ILE 46  30  30  ILE ILE A . n 
A 1 47  LEU 47  31  31  LEU LEU A . n 
A 1 48  TYR 48  32  32  TYR TYR A . n 
A 1 49  VAL 49  33  33  VAL VAL A . n 
A 1 50  ARG 50  34  34  ARG ARG A . n 
A 1 51  GLU 51  35  35  GLU GLU A . n 
A 1 52  VAL 52  36  36  VAL VAL A . n 
A 1 53  TYR 53  37  37  TYR TYR A . n 
A 1 54  PRO 54  38  38  PRO PRO A . n 
A 1 55  VAL 55  39  39  VAL VAL A . n 
A 1 56  GLY 56  40  40  GLY GLY A . n 
A 1 57  ILE 57  41  41  ILE ILE A . n 
A 1 58  PHE 58  42  42  PHE PHE A . n 
A 1 59  GLN 59  43  43  GLN GLN A . n 
A 1 60  LYS 60  44  44  LYS LYS A . n 
A 1 61  ARG 61  45  45  ARG ARG A . n 
A 1 62  LYS 62  46  46  LYS LYS A . n 
A 1 63  LYS 63  47  47  LYS LYS A . n 
A 1 64  TYR 64  48  48  TYR TYR A . n 
A 1 65  ASN 65  49  49  ASN ASN A . n 
A 1 66  VAL 66  50  50  VAL VAL A . n 
A 1 67  PRO 67  51  51  PRO PRO A . n 
A 1 68  VAL 68  52  52  VAL VAL A . n 
A 1 69  GLN 69  53  53  GLN GLN A . n 
A 1 70  MET 70  54  54  MET MET A . n 
A 1 71  SER 71  55  55  SER SER A . n 
A 1 72  CYS 72  56  56  CYS CYS A . n 
A 1 73  HIS 73  57  57  HIS HIS A . n 
A 1 74  PRO 74  58  58  PRO PRO A . n 
A 1 75  GLU 75  59  59  GLU GLU A . n 
A 1 76  LEU 76  60  60  LEU LEU A . n 
A 1 77  ASN 77  61  61  ASN ASN A . n 
A 1 78  GLN 78  62  62  GLN GLN A . n 
A 1 79  TYR 79  63  63  TYR TYR A . n 
A 1 80  ILE 80  64  64  ILE ILE A . n 
A 1 81  GLN 81  65  65  GLN GLN A . n 
A 1 82  ASP 82  66  66  ASP ASP A . n 
A 1 83  THR 83  67  67  THR THR A . n 
A 1 84  LEU 84  68  68  LEU LEU A . n 
A 1 85  HIS 85  69  69  HIS HIS A . n 
A 1 86  CYS 86  70  70  CYS CYS A . n 
A 1 87  VAL 87  71  71  VAL VAL A . n 
A 1 88  LYS 88  72  72  LYS LYS A . n 
A 1 89  PRO 89  73  73  PRO PRO A . n 
A 1 90  LEU 90  74  74  LEU LEU A . n 
A 1 91  LEU 91  75  75  LEU LEU A . n 
A 1 92  GLU 92  76  76  GLU GLU A . n 
A 1 93  LYS 93  77  77  LYS LYS A . n 
A 1 94  ASN 94  78  78  ASN ASN A . n 
A 1 95  ASP 95  79  79  ASP ASP A . n 
A 1 96  VAL 96  80  80  VAL VAL A . n 
A 1 97  GLU 97  81  81  GLU GLU A . n 
A 1 98  LYS 98  82  82  LYS LYS A . n 
A 1 99  VAL 99  83  83  VAL VAL A . n 
A 1 100 VAL 100 84  84  VAL VAL A . n 
A 1 101 VAL 101 85  85  VAL VAL A . n 
A 1 102 VAL 102 86  86  VAL VAL A . n 
A 1 103 ILE 103 87  87  ILE ILE A . n 
A 1 104 LEU 104 88  88  LEU LEU A . n 
A 1 105 ASP 105 89  89  ASP ASP A . n 
A 1 106 LYS 106 90  90  LYS LYS A . n 
A 1 107 GLU 107 91  91  GLU GLU A . n 
A 1 108 HIS 108 92  92  HIS HIS A . n 
A 1 109 ARG 109 93  93  ARG ARG A . n 
A 1 110 PRO 110 94  94  PRO PRO A . n 
A 1 111 VAL 111 95  95  VAL VAL A . n 
A 1 112 GLU 112 96  96  GLU GLU A . n 
A 1 113 LYS 113 97  97  LYS LYS A . n 
A 1 114 PHE 114 98  98  PHE PHE A . n 
A 1 115 VAL 115 99  99  VAL VAL A . n 
A 1 116 PHE 116 100 100 PHE PHE A . n 
A 1 117 GLU 117 101 101 GLU GLU A . n 
A 1 118 ILE 118 102 102 ILE ILE A . n 
A 1 119 THR 119 103 103 THR THR A . n 
A 1 120 GLN 120 104 ?   ?   ?   A . n 
A 1 121 PRO 121 105 ?   ?   ?   A . n 
A 1 122 PRO 122 106 ?   ?   ?   A . n 
A 1 123 LEU 123 107 ?   ?   ?   A . n 
A 1 124 LEU 124 108 ?   ?   ?   A . n 
A 1 125 SER 125 109 ?   ?   ?   A . n 
A 1 126 ILE 126 110 110 ILE ILE A . n 
A 1 127 SER 127 111 111 SER SER A . n 
A 1 128 SER 128 112 112 SER SER A . n 
A 1 129 ASP 129 113 113 ASP ASP A . n 
A 1 130 SER 130 114 114 SER SER A . n 
A 1 131 LEU 131 115 115 LEU LEU A . n 
A 1 132 LEU 132 116 116 LEU LEU A . n 
A 1 133 SER 133 117 117 SER SER A . n 
A 1 134 HIS 134 118 118 HIS HIS A . n 
A 1 135 VAL 135 119 119 VAL VAL A . n 
A 1 136 GLU 136 120 120 GLU GLU A . n 
A 1 137 GLN 137 121 121 GLN GLN A . n 
A 1 138 LEU 138 122 122 LEU LEU A . n 
A 1 139 LEU 139 123 123 LEU LEU A . n 
A 1 140 ALA 140 124 124 ALA ALA A . n 
A 1 141 ALA 141 125 125 ALA ALA A . n 
A 1 142 PHE 142 126 126 PHE PHE A . n 
A 1 143 ILE 143 127 127 ILE ILE A . n 
A 1 144 LEU 144 128 128 LEU LEU A . n 
A 1 145 LYS 145 129 129 LYS LYS A . n 
A 1 146 ILE 146 130 130 ILE ILE A . n 
A 1 147 SER 147 131 131 SER SER A . n 
A 1 148 VAL 148 132 132 VAL VAL A . n 
A 1 149 CYS 149 133 133 CYS CYS A . n 
A 1 150 ASP 150 134 134 ASP ASP A . n 
A 1 151 ALA 151 135 135 ALA ALA A . n 
A 1 152 VAL 152 136 136 VAL VAL A . n 
A 1 153 LEU 153 137 137 LEU LEU A . n 
A 1 154 ASP 154 138 138 ASP ASP A . n 
A 1 155 HIS 155 139 139 HIS HIS A . n 
A 1 156 ASN 156 140 140 ASN ASN A . n 
A 1 157 PRO 157 141 141 PRO PRO A . n 
A 1 158 PRO 158 142 142 PRO PRO A . n 
A 1 159 GLY 159 143 143 GLY GLY A . n 
A 1 160 CYS 160 144 144 CYS CYS A . n 
A 1 161 THR 161 145 145 THR THR A . n 
A 1 162 PHE 162 146 146 PHE PHE A . n 
A 1 163 THR 163 147 147 THR THR A . n 
A 1 164 VAL 164 148 148 VAL VAL A . n 
A 1 165 LEU 165 149 149 LEU LEU A . n 
A 1 166 VAL 166 150 150 VAL VAL A . n 
A 1 167 HIS 167 151 151 HIS HIS A . n 
A 1 168 THR 168 152 152 THR THR A . n 
A 1 169 ARG 169 153 153 ARG ARG A . n 
A 1 170 GLU 170 154 154 GLU GLU A . n 
A 1 171 ALA 171 155 155 ALA ALA A . n 
A 1 172 ALA 172 156 ?   ?   ?   A . n 
A 1 173 THR 173 157 ?   ?   ?   A . n 
A 1 174 ARG 174 158 ?   ?   ?   A . n 
A 1 175 ASN 175 159 ?   ?   ?   A . n 
A 1 176 MET 176 160 ?   ?   ?   A . n 
A 1 177 GLU 177 161 ?   ?   ?   A . n 
A 1 178 LYS 178 162 ?   ?   ?   A . n 
A 1 179 ILE 179 163 ?   ?   ?   A . n 
A 1 180 GLN 180 164 ?   ?   ?   A . n 
A 1 181 VAL 181 165 165 VAL VAL A . n 
A 1 182 ILE 182 166 166 ILE ILE A . n 
A 1 183 LYS 183 167 167 LYS LYS A . n 
A 1 184 ASP 184 168 168 ASP ASP A . n 
A 1 185 PHE 185 169 169 PHE PHE A . n 
A 1 186 PRO 186 170 170 PRO PRO A . n 
A 1 187 TRP 187 171 171 TRP TRP A . n 
A 1 188 ILE 188 172 172 ILE ILE A . n 
A 1 189 LEU 189 173 173 LEU LEU A . n 
A 1 190 ALA 190 174 174 ALA ALA A . n 
A 1 191 ASP 191 175 175 ASP ASP A . n 
A 1 192 GLU 192 176 176 GLU GLU A . n 
A 1 193 GLN 193 177 177 GLN GLN A . n 
A 1 194 ASP 194 178 178 ASP ASP A . n 
A 1 195 VAL 195 179 179 VAL VAL A . n 
A 1 196 HIS 196 180 180 HIS HIS A . n 
A 1 197 MET 197 181 181 MET MET A . n 
A 1 198 HIS 198 182 182 HIS HIS A . n 
A 1 199 ASP 199 183 183 ASP ASP A . n 
A 1 200 PRO 200 184 184 PRO PRO A . n 
A 1 201 ARG 201 185 185 ARG ARG A . n 
A 1 202 LEU 202 186 186 LEU LEU A . n 
A 1 203 ILE 203 187 187 ILE ILE A . n 
A 1 204 PRO 204 188 188 PRO PRO A . n 
A 1 205 LEU 205 189 189 LEU LEU A . n 
A 1 206 LYS 206 190 190 LYS LYS A . n 
A 1 207 THR 207 191 191 THR THR A . n 
A 1 208 MET 208 192 192 MET MET A . n 
A 1 209 THR 209 193 193 THR THR A . n 
A 1 210 SER 210 194 194 SER SER A . n 
A 1 211 ASP 211 195 195 ASP ASP A . n 
A 1 212 ILE 212 196 196 ILE ILE A . n 
A 1 213 LEU 213 197 197 LEU LEU A . n 
A 1 214 LYS 214 198 198 LYS LYS A . n 
A 1 215 MET 215 199 199 MET MET A . n 
A 1 216 GLN 216 200 200 GLN GLN A . n 
A 1 217 LEU 217 201 201 LEU LEU A . n 
A 1 218 TYR 218 202 202 TYR TYR A . n 
A 1 219 VAL 219 203 203 VAL VAL A . n 
A 1 220 GLU 220 204 204 GLU GLU A . n 
A 1 221 GLU 221 205 205 GLU GLU A . n 
A 1 222 ARG 222 206 ?   ?   ?   A . n 
A 1 223 ALA 223 207 ?   ?   ?   A . n 
A 1 224 HIS 224 208 ?   ?   ?   A . n 
A 1 225 LYS 225 209 ?   ?   ?   A . n 
A 1 226 GLY 226 210 ?   ?   ?   A . n 
A 1 227 SER 227 211 ?   ?   ?   A . n 
B 2 1   MET 1   324 ?   ?   ?   B . n 
B 2 2   SER 2   325 ?   ?   ?   B . n 
B 2 3   ASN 3   326 ?   ?   ?   B . n 
B 2 4   PRO 4   327 ?   ?   ?   B . n 
B 2 5   SER 5   328 ?   ?   ?   B . n 
B 2 6   ALA 6   329 ?   ?   ?   B . n 
B 2 7   SER 7   330 ?   ?   ?   B . n 
B 2 8   SER 8   331 331 SER SER B . n 
B 2 9   GLY 9   332 332 GLY GLY B . n 
B 2 10  PRO 10  333 333 PRO PRO B . n 
B 2 11  TRP 11  334 334 TRP TRP B . n 
B 2 12  LYS 12  335 335 LYS LYS B . n 
B 2 13  PRO 13  336 336 PRO PRO B . n 
B 2 14  ALA 14  337 337 ALA ALA B . n 
B 2 15  LYS 15  338 338 LYS LYS B . n 
B 2 16  PRO 16  339 339 PRO PRO B . n 
B 2 17  ALA 17  340 340 ALA ALA B . n 
B 2 18  PRO 18  341 341 PRO PRO B . n 
B 2 19  SER 19  342 342 SER SER B . n 
B 2 20  VAL 20  343 343 VAL VAL B . n 
B 2 21  SER 21  344 ?   ?   ?   B . n 
# 
loop_
_pdbx_nonpoly_scheme.asym_id 
_pdbx_nonpoly_scheme.entity_id 
_pdbx_nonpoly_scheme.mon_id 
_pdbx_nonpoly_scheme.ndb_seq_num 
_pdbx_nonpoly_scheme.pdb_seq_num 
_pdbx_nonpoly_scheme.auth_seq_num 
_pdbx_nonpoly_scheme.pdb_mon_id 
_pdbx_nonpoly_scheme.auth_mon_id 
_pdbx_nonpoly_scheme.pdb_strand_id 
_pdbx_nonpoly_scheme.pdb_ins_code 
C 3 HOH 1  301 23 HOH HOH A . 
C 3 HOH 2  302 12 HOH HOH A . 
C 3 HOH 3  303 1  HOH HOH A . 
C 3 HOH 4  304 15 HOH HOH A . 
C 3 HOH 5  305 29 HOH HOH A . 
C 3 HOH 6  306 27 HOH HOH A . 
C 3 HOH 7  307 4  HOH HOH A . 
C 3 HOH 8  308 22 HOH HOH A . 
C 3 HOH 9  309 24 HOH HOH A . 
C 3 HOH 10 310 3  HOH HOH A . 
C 3 HOH 11 311 2  HOH HOH A . 
C 3 HOH 12 312 32 HOH HOH A . 
C 3 HOH 13 313 28 HOH HOH A . 
C 3 HOH 14 314 10 HOH HOH A . 
C 3 HOH 15 315 8  HOH HOH A . 
C 3 HOH 16 316 7  HOH HOH A . 
C 3 HOH 17 317 16 HOH HOH A . 
C 3 HOH 18 318 20 HOH HOH A . 
C 3 HOH 19 319 5  HOH HOH A . 
C 3 HOH 20 320 13 HOH HOH A . 
C 3 HOH 21 321 11 HOH HOH A . 
C 3 HOH 22 322 17 HOH HOH A . 
C 3 HOH 23 323 9  HOH HOH A . 
C 3 HOH 24 324 21 HOH HOH A . 
C 3 HOH 25 325 25 HOH HOH A . 
C 3 HOH 26 326 14 HOH HOH A . 
C 3 HOH 27 327 6  HOH HOH A . 
C 3 HOH 28 328 31 HOH HOH A . 
C 3 HOH 29 329 18 HOH HOH A . 
C 3 HOH 30 330 26 HOH HOH A . 
C 3 HOH 31 331 30 HOH HOH A . 
C 3 HOH 32 332 19 HOH HOH A . 
# 
_pdbx_struct_assembly.id                   1 
_pdbx_struct_assembly.details              author_and_software_defined_assembly 
_pdbx_struct_assembly.method_details       PISA 
_pdbx_struct_assembly.oligomeric_details   dimeric 
_pdbx_struct_assembly.oligomeric_count     2 
# 
_pdbx_struct_assembly_gen.assembly_id       1 
_pdbx_struct_assembly_gen.oper_expression   1 
_pdbx_struct_assembly_gen.asym_id_list      A,B,C 
# 
loop_
_pdbx_struct_assembly_prop.biol_id 
_pdbx_struct_assembly_prop.type 
_pdbx_struct_assembly_prop.value 
_pdbx_struct_assembly_prop.details 
1 'ABSA (A^2)' 1830  ? 
1 MORE         -11   ? 
1 'SSA (A^2)'  12040 ? 
# 
_pdbx_struct_oper_list.id                   1 
_pdbx_struct_oper_list.type                 'identity operation' 
_pdbx_struct_oper_list.name                 1_555 
_pdbx_struct_oper_list.symmetry_operation   x,y,z 
_pdbx_struct_oper_list.matrix[1][1]         1.0000000000 
_pdbx_struct_oper_list.matrix[1][2]         0.0000000000 
_pdbx_struct_oper_list.matrix[1][3]         0.0000000000 
_pdbx_struct_oper_list.vector[1]            0.0000000000 
_pdbx_struct_oper_list.matrix[2][1]         0.0000000000 
_pdbx_struct_oper_list.matrix[2][2]         1.0000000000 
_pdbx_struct_oper_list.matrix[2][3]         0.0000000000 
_pdbx_struct_oper_list.vector[2]            0.0000000000 
_pdbx_struct_oper_list.matrix[3][1]         0.0000000000 
_pdbx_struct_oper_list.matrix[3][2]         0.0000000000 
_pdbx_struct_oper_list.matrix[3][3]         1.0000000000 
_pdbx_struct_oper_list.vector[3]            0.0000000000 
# 
loop_
_pdbx_audit_revision_history.ordinal 
_pdbx_audit_revision_history.data_content_type 
_pdbx_audit_revision_history.major_revision 
_pdbx_audit_revision_history.minor_revision 
_pdbx_audit_revision_history.revision_date 
1 'Structure model' 1 0 2017-09-20 
2 'Structure model' 1 1 2017-12-06 
3 'Structure model' 1 2 2019-12-25 
4 'Structure model' 1 3 2023-11-22 
# 
_pdbx_audit_revision_details.ordinal             1 
_pdbx_audit_revision_details.revision_ordinal    1 
_pdbx_audit_revision_details.data_content_type   'Structure model' 
_pdbx_audit_revision_details.provider            repository 
_pdbx_audit_revision_details.type                'Initial release' 
_pdbx_audit_revision_details.description         ? 
_pdbx_audit_revision_details.details             ? 
# 
loop_
_pdbx_audit_revision_group.ordinal 
_pdbx_audit_revision_group.revision_ordinal 
_pdbx_audit_revision_group.data_content_type 
_pdbx_audit_revision_group.group 
1 2 'Structure model' 'Database references'    
2 3 'Structure model' 'Data collection'        
3 3 'Structure model' 'Derived calculations'   
4 4 'Structure model' 'Data collection'        
5 4 'Structure model' 'Database references'    
6 4 'Structure model' 'Refinement description' 
# 
loop_
_pdbx_audit_revision_category.ordinal 
_pdbx_audit_revision_category.revision_ordinal 
_pdbx_audit_revision_category.data_content_type 
_pdbx_audit_revision_category.category 
1  2 'Structure model' citation                      
2  3 'Structure model' pdbx_struct_assembly          
3  3 'Structure model' pdbx_struct_assembly_gen      
4  3 'Structure model' pdbx_struct_assembly_prop     
5  3 'Structure model' pdbx_struct_oper_list         
6  3 'Structure model' struct_biol                   
7  4 'Structure model' chem_comp_atom                
8  4 'Structure model' chem_comp_bond                
9  4 'Structure model' database_2                    
10 4 'Structure model' pdbx_initial_refinement_model 
# 
loop_
_pdbx_audit_revision_item.ordinal 
_pdbx_audit_revision_item.revision_ordinal 
_pdbx_audit_revision_item.data_content_type 
_pdbx_audit_revision_item.item 
1 2 'Structure model' '_citation.journal_volume'            
2 2 'Structure model' '_citation.page_first'                
3 2 'Structure model' '_citation.page_last'                 
4 2 'Structure model' '_citation.title'                     
5 3 'Structure model' '_pdbx_struct_assembly_prop.biol_id'  
6 4 'Structure model' '_database_2.pdbx_DOI'                
7 4 'Structure model' '_database_2.pdbx_database_accession' 
# 
loop_
_software.citation_id 
_software.classification 
_software.compiler_name 
_software.compiler_version 
_software.contact_author 
_software.contact_author_email 
_software.date 
_software.description 
_software.dependencies 
_software.hardware 
_software.language 
_software.location 
_software.mods 
_software.name 
_software.os 
_software.os_version 
_software.type 
_software.version 
_software.pdbx_ordinal 
? refinement       ? ? ? ? ? ? ? ? ? ? ? PHENIX  ? ? ? 1.9_1692 1 
? 'data reduction' ? ? ? ? ? ? ? ? ? ? ? XDS     ? ? ? .        2 
? 'data scaling'   ? ? ? ? ? ? ? ? ? ? ? Aimless ? ? ? .        3 
? phasing          ? ? ? ? ? ? ? ? ? ? ? PHASER  ? ? ? .        4 
? 'model building' ? ? ? ? ? ? ? ? ? ? ? Coot    ? ? ? .        5 
# 
loop_
_pdbx_validate_close_contact.id 
_pdbx_validate_close_contact.PDB_model_num 
_pdbx_validate_close_contact.auth_atom_id_1 
_pdbx_validate_close_contact.auth_asym_id_1 
_pdbx_validate_close_contact.auth_comp_id_1 
_pdbx_validate_close_contact.auth_seq_id_1 
_pdbx_validate_close_contact.PDB_ins_code_1 
_pdbx_validate_close_contact.label_alt_id_1 
_pdbx_validate_close_contact.auth_atom_id_2 
_pdbx_validate_close_contact.auth_asym_id_2 
_pdbx_validate_close_contact.auth_comp_id_2 
_pdbx_validate_close_contact.auth_seq_id_2 
_pdbx_validate_close_contact.PDB_ins_code_2 
_pdbx_validate_close_contact.label_alt_id_2 
_pdbx_validate_close_contact.dist 
1  1 N   A THR 103 ? ? O A HOH 301 ? ? 1.81 
2  1 C   A ILE 102 ? ? O A HOH 301 ? ? 1.84 
3  1 O   A MET 199 ? ? O A HOH 302 ? ? 1.85 
4  1 SG  A CYS 20  ? ? O A HOH 325 ? ? 1.87 
5  1 O   A HOH 327 ? ? O A HOH 332 ? ? 1.89 
6  1 O   A ILE 102 ? ? O A HOH 301 ? ? 1.91 
7  1 CA  A THR 103 ? ? O A HOH 301 ? ? 1.92 
8  1 OE1 A GLU 204 ? ? O A HOH 303 ? ? 1.93 
9  1 CB  A CYS 20  ? ? O A HOH 325 ? ? 1.95 
10 1 NH2 A ARG 185 ? ? O A HOH 304 ? ? 1.99 
11 1 O   A PHE 42  ? ? O A HOH 305 ? ? 2.00 
12 1 O   A GLU 176 ? ? O A HOH 306 ? ? 2.06 
13 1 N   A LEU 115 ? ? O A HOH 307 ? ? 2.08 
14 1 O   A PRO 141 ? ? O A HOH 308 ? ? 2.10 
# 
_pdbx_validate_symm_contact.id                1 
_pdbx_validate_symm_contact.PDB_model_num     1 
_pdbx_validate_symm_contact.auth_atom_id_1    NH1 
_pdbx_validate_symm_contact.auth_asym_id_1    A 
_pdbx_validate_symm_contact.auth_comp_id_1    ARG 
_pdbx_validate_symm_contact.auth_seq_id_1     185 
_pdbx_validate_symm_contact.PDB_ins_code_1    ? 
_pdbx_validate_symm_contact.label_alt_id_1    ? 
_pdbx_validate_symm_contact.site_symmetry_1   1_555 
_pdbx_validate_symm_contact.auth_atom_id_2    O 
_pdbx_validate_symm_contact.auth_asym_id_2    A 
_pdbx_validate_symm_contact.auth_comp_id_2    GLU 
_pdbx_validate_symm_contact.auth_seq_id_2     205 
_pdbx_validate_symm_contact.PDB_ins_code_2    ? 
_pdbx_validate_symm_contact.label_alt_id_2    ? 
_pdbx_validate_symm_contact.site_symmetry_2   2_55-1 
_pdbx_validate_symm_contact.dist              2.12 
# 
_pdbx_validate_rmsd_bond.id                        1 
_pdbx_validate_rmsd_bond.PDB_model_num             1 
_pdbx_validate_rmsd_bond.auth_atom_id_1            CB 
_pdbx_validate_rmsd_bond.auth_asym_id_1            A 
_pdbx_validate_rmsd_bond.auth_comp_id_1            CYS 
_pdbx_validate_rmsd_bond.auth_seq_id_1             133 
_pdbx_validate_rmsd_bond.PDB_ins_code_1            ? 
_pdbx_validate_rmsd_bond.label_alt_id_1            ? 
_pdbx_validate_rmsd_bond.auth_atom_id_2            SG 
_pdbx_validate_rmsd_bond.auth_asym_id_2            A 
_pdbx_validate_rmsd_bond.auth_comp_id_2            CYS 
_pdbx_validate_rmsd_bond.auth_seq_id_2             133 
_pdbx_validate_rmsd_bond.PDB_ins_code_2            ? 
_pdbx_validate_rmsd_bond.label_alt_id_2            ? 
_pdbx_validate_rmsd_bond.bond_value                1.704 
_pdbx_validate_rmsd_bond.bond_target_value         1.812 
_pdbx_validate_rmsd_bond.bond_deviation            -0.108 
_pdbx_validate_rmsd_bond.bond_standard_deviation   0.016 
_pdbx_validate_rmsd_bond.linker_flag               N 
# 
loop_
_pdbx_validate_torsion.id 
_pdbx_validate_torsion.PDB_model_num 
_pdbx_validate_torsion.auth_comp_id 
_pdbx_validate_torsion.auth_asym_id 
_pdbx_validate_torsion.auth_seq_id 
_pdbx_validate_torsion.PDB_ins_code 
_pdbx_validate_torsion.label_alt_id 
_pdbx_validate_torsion.phi 
_pdbx_validate_torsion.psi 
1 1 HIS A 57  ? ? -55.07 105.48 
2 1 ASP A 168 ? ? 36.66  37.19  
3 1 ASP A 183 ? ? 62.79  70.43  
# 
loop_
_pdbx_unobs_or_zero_occ_residues.id 
_pdbx_unobs_or_zero_occ_residues.PDB_model_num 
_pdbx_unobs_or_zero_occ_residues.polymer_flag 
_pdbx_unobs_or_zero_occ_residues.occupancy_flag 
_pdbx_unobs_or_zero_occ_residues.auth_asym_id 
_pdbx_unobs_or_zero_occ_residues.auth_comp_id 
_pdbx_unobs_or_zero_occ_residues.auth_seq_id 
_pdbx_unobs_or_zero_occ_residues.PDB_ins_code 
_pdbx_unobs_or_zero_occ_residues.label_asym_id 
_pdbx_unobs_or_zero_occ_residues.label_comp_id 
_pdbx_unobs_or_zero_occ_residues.label_seq_id 
1  1 Y 1 A MET -15 ? A MET 1   
2  1 Y 1 A GLY -14 ? A GLY 2   
3  1 Y 1 A SER -13 ? A SER 3   
4  1 Y 1 A SER -12 ? A SER 4   
5  1 Y 1 A HIS -11 ? A HIS 5   
6  1 Y 1 A HIS -10 ? A HIS 6   
7  1 Y 1 A HIS -9  ? A HIS 7   
8  1 Y 1 A HIS -8  ? A HIS 8   
9  1 Y 1 A HIS -7  ? A HIS 9   
10 1 Y 1 A HIS -6  ? A HIS 10  
11 1 Y 1 A SER -5  ? A SER 11  
12 1 Y 1 A GLN -4  ? A GLN 12  
13 1 Y 1 A ASP -3  ? A ASP 13  
14 1 Y 1 A PRO -2  ? A PRO 14  
15 1 Y 1 A ASN -1  ? A ASN 15  
16 1 Y 1 A SER 0   ? A SER 16  
17 1 Y 1 A MET 1   ? A MET 17  
18 1 Y 1 A THR 2   ? A THR 18  
19 1 Y 1 A THR 3   ? A THR 19  
20 1 Y 1 A LEU 4   ? A LEU 20  
21 1 Y 1 A THR 5   ? A THR 21  
22 1 Y 1 A ARG 6   ? A ARG 22  
23 1 Y 1 A GLN 7   ? A GLN 23  
24 1 Y 1 A ASP 8   ? A ASP 24  
25 1 Y 1 A LEU 9   ? A LEU 25  
26 1 Y 1 A ASN 10  ? A ASN 26  
27 1 Y 1 A PHE 11  ? A PHE 27  
28 1 Y 1 A GLN 104 ? A GLN 120 
29 1 Y 1 A PRO 105 ? A PRO 121 
30 1 Y 1 A PRO 106 ? A PRO 122 
31 1 Y 1 A LEU 107 ? A LEU 123 
32 1 Y 1 A LEU 108 ? A LEU 124 
33 1 Y 1 A SER 109 ? A SER 125 
34 1 Y 1 A ALA 156 ? A ALA 172 
35 1 Y 1 A THR 157 ? A THR 173 
36 1 Y 1 A ARG 158 ? A ARG 174 
37 1 Y 1 A ASN 159 ? A ASN 175 
38 1 Y 1 A MET 160 ? A MET 176 
39 1 Y 1 A GLU 161 ? A GLU 177 
40 1 Y 1 A LYS 162 ? A LYS 178 
41 1 Y 1 A ILE 163 ? A ILE 179 
42 1 Y 1 A GLN 164 ? A GLN 180 
43 1 Y 1 A ARG 206 ? A ARG 222 
44 1 Y 1 A ALA 207 ? A ALA 223 
45 1 Y 1 A HIS 208 ? A HIS 224 
46 1 Y 1 A LYS 209 ? A LYS 225 
47 1 Y 1 A GLY 210 ? A GLY 226 
48 1 Y 1 A SER 211 ? A SER 227 
49 1 Y 1 B MET 324 ? B MET 1   
50 1 Y 1 B SER 325 ? B SER 2   
51 1 Y 1 B ASN 326 ? B ASN 3   
52 1 Y 1 B PRO 327 ? B PRO 4   
53 1 Y 1 B SER 328 ? B SER 5   
54 1 Y 1 B ALA 329 ? B ALA 6   
55 1 Y 1 B SER 330 ? B SER 7   
56 1 Y 1 B SER 344 ? B SER 21  
# 
loop_
_chem_comp_atom.comp_id 
_chem_comp_atom.atom_id 
_chem_comp_atom.type_symbol 
_chem_comp_atom.pdbx_aromatic_flag 
_chem_comp_atom.pdbx_stereo_config 
_chem_comp_atom.pdbx_ordinal 
ALA N    N N N 1   
ALA CA   C N S 2   
ALA C    C N N 3   
ALA O    O N N 4   
ALA CB   C N N 5   
ALA OXT  O N N 6   
ALA H    H N N 7   
ALA H2   H N N 8   
ALA HA   H N N 9   
ALA HB1  H N N 10  
ALA HB2  H N N 11  
ALA HB3  H N N 12  
ALA HXT  H N N 13  
ARG N    N N N 14  
ARG CA   C N S 15  
ARG C    C N N 16  
ARG O    O N N 17  
ARG CB   C N N 18  
ARG CG   C N N 19  
ARG CD   C N N 20  
ARG NE   N N N 21  
ARG CZ   C N N 22  
ARG NH1  N N N 23  
ARG NH2  N N N 24  
ARG OXT  O N N 25  
ARG H    H N N 26  
ARG H2   H N N 27  
ARG HA   H N N 28  
ARG HB2  H N N 29  
ARG HB3  H N N 30  
ARG HG2  H N N 31  
ARG HG3  H N N 32  
ARG HD2  H N N 33  
ARG HD3  H N N 34  
ARG HE   H N N 35  
ARG HH11 H N N 36  
ARG HH12 H N N 37  
ARG HH21 H N N 38  
ARG HH22 H N N 39  
ARG HXT  H N N 40  
ASN N    N N N 41  
ASN CA   C N S 42  
ASN C    C N N 43  
ASN O    O N N 44  
ASN CB   C N N 45  
ASN CG   C N N 46  
ASN OD1  O N N 47  
ASN ND2  N N N 48  
ASN OXT  O N N 49  
ASN H    H N N 50  
ASN H2   H N N 51  
ASN HA   H N N 52  
ASN HB2  H N N 53  
ASN HB3  H N N 54  
ASN HD21 H N N 55  
ASN HD22 H N N 56  
ASN HXT  H N N 57  
ASP N    N N N 58  
ASP CA   C N S 59  
ASP C    C N N 60  
ASP O    O N N 61  
ASP CB   C N N 62  
ASP CG   C N N 63  
ASP OD1  O N N 64  
ASP OD2  O N N 65  
ASP OXT  O N N 66  
ASP H    H N N 67  
ASP H2   H N N 68  
ASP HA   H N N 69  
ASP HB2  H N N 70  
ASP HB3  H N N 71  
ASP HD2  H N N 72  
ASP HXT  H N N 73  
CYS N    N N N 74  
CYS CA   C N R 75  
CYS C    C N N 76  
CYS O    O N N 77  
CYS CB   C N N 78  
CYS SG   S N N 79  
CYS OXT  O N N 80  
CYS H    H N N 81  
CYS H2   H N N 82  
CYS HA   H N N 83  
CYS HB2  H N N 84  
CYS HB3  H N N 85  
CYS HG   H N N 86  
CYS HXT  H N N 87  
GLN N    N N N 88  
GLN CA   C N S 89  
GLN C    C N N 90  
GLN O    O N N 91  
GLN CB   C N N 92  
GLN CG   C N N 93  
GLN CD   C N N 94  
GLN OE1  O N N 95  
GLN NE2  N N N 96  
GLN OXT  O N N 97  
GLN H    H N N 98  
GLN H2   H N N 99  
GLN HA   H N N 100 
GLN HB2  H N N 101 
GLN HB3  H N N 102 
GLN HG2  H N N 103 
GLN HG3  H N N 104 
GLN HE21 H N N 105 
GLN HE22 H N N 106 
GLN HXT  H N N 107 
GLU N    N N N 108 
GLU CA   C N S 109 
GLU C    C N N 110 
GLU O    O N N 111 
GLU CB   C N N 112 
GLU CG   C N N 113 
GLU CD   C N N 114 
GLU OE1  O N N 115 
GLU OE2  O N N 116 
GLU OXT  O N N 117 
GLU H    H N N 118 
GLU H2   H N N 119 
GLU HA   H N N 120 
GLU HB2  H N N 121 
GLU HB3  H N N 122 
GLU HG2  H N N 123 
GLU HG3  H N N 124 
GLU HE2  H N N 125 
GLU HXT  H N N 126 
GLY N    N N N 127 
GLY CA   C N N 128 
GLY C    C N N 129 
GLY O    O N N 130 
GLY OXT  O N N 131 
GLY H    H N N 132 
GLY H2   H N N 133 
GLY HA2  H N N 134 
GLY HA3  H N N 135 
GLY HXT  H N N 136 
HIS N    N N N 137 
HIS CA   C N S 138 
HIS C    C N N 139 
HIS O    O N N 140 
HIS CB   C N N 141 
HIS CG   C Y N 142 
HIS ND1  N Y N 143 
HIS CD2  C Y N 144 
HIS CE1  C Y N 145 
HIS NE2  N Y N 146 
HIS OXT  O N N 147 
HIS H    H N N 148 
HIS H2   H N N 149 
HIS HA   H N N 150 
HIS HB2  H N N 151 
HIS HB3  H N N 152 
HIS HD1  H N N 153 
HIS HD2  H N N 154 
HIS HE1  H N N 155 
HIS HE2  H N N 156 
HIS HXT  H N N 157 
HOH O    O N N 158 
HOH H1   H N N 159 
HOH H2   H N N 160 
ILE N    N N N 161 
ILE CA   C N S 162 
ILE C    C N N 163 
ILE O    O N N 164 
ILE CB   C N S 165 
ILE CG1  C N N 166 
ILE CG2  C N N 167 
ILE CD1  C N N 168 
ILE OXT  O N N 169 
ILE H    H N N 170 
ILE H2   H N N 171 
ILE HA   H N N 172 
ILE HB   H N N 173 
ILE HG12 H N N 174 
ILE HG13 H N N 175 
ILE HG21 H N N 176 
ILE HG22 H N N 177 
ILE HG23 H N N 178 
ILE HD11 H N N 179 
ILE HD12 H N N 180 
ILE HD13 H N N 181 
ILE HXT  H N N 182 
LEU N    N N N 183 
LEU CA   C N S 184 
LEU C    C N N 185 
LEU O    O N N 186 
LEU CB   C N N 187 
LEU CG   C N N 188 
LEU CD1  C N N 189 
LEU CD2  C N N 190 
LEU OXT  O N N 191 
LEU H    H N N 192 
LEU H2   H N N 193 
LEU HA   H N N 194 
LEU HB2  H N N 195 
LEU HB3  H N N 196 
LEU HG   H N N 197 
LEU HD11 H N N 198 
LEU HD12 H N N 199 
LEU HD13 H N N 200 
LEU HD21 H N N 201 
LEU HD22 H N N 202 
LEU HD23 H N N 203 
LEU HXT  H N N 204 
LYS N    N N N 205 
LYS CA   C N S 206 
LYS C    C N N 207 
LYS O    O N N 208 
LYS CB   C N N 209 
LYS CG   C N N 210 
LYS CD   C N N 211 
LYS CE   C N N 212 
LYS NZ   N N N 213 
LYS OXT  O N N 214 
LYS H    H N N 215 
LYS H2   H N N 216 
LYS HA   H N N 217 
LYS HB2  H N N 218 
LYS HB3  H N N 219 
LYS HG2  H N N 220 
LYS HG3  H N N 221 
LYS HD2  H N N 222 
LYS HD3  H N N 223 
LYS HE2  H N N 224 
LYS HE3  H N N 225 
LYS HZ1  H N N 226 
LYS HZ2  H N N 227 
LYS HZ3  H N N 228 
LYS HXT  H N N 229 
MET N    N N N 230 
MET CA   C N S 231 
MET C    C N N 232 
MET O    O N N 233 
MET CB   C N N 234 
MET CG   C N N 235 
MET SD   S N N 236 
MET CE   C N N 237 
MET OXT  O N N 238 
MET H    H N N 239 
MET H2   H N N 240 
MET HA   H N N 241 
MET HB2  H N N 242 
MET HB3  H N N 243 
MET HG2  H N N 244 
MET HG3  H N N 245 
MET HE1  H N N 246 
MET HE2  H N N 247 
MET HE3  H N N 248 
MET HXT  H N N 249 
PHE N    N N N 250 
PHE CA   C N S 251 
PHE C    C N N 252 
PHE O    O N N 253 
PHE CB   C N N 254 
PHE CG   C Y N 255 
PHE CD1  C Y N 256 
PHE CD2  C Y N 257 
PHE CE1  C Y N 258 
PHE CE2  C Y N 259 
PHE CZ   C Y N 260 
PHE OXT  O N N 261 
PHE H    H N N 262 
PHE H2   H N N 263 
PHE HA   H N N 264 
PHE HB2  H N N 265 
PHE HB3  H N N 266 
PHE HD1  H N N 267 
PHE HD2  H N N 268 
PHE HE1  H N N 269 
PHE HE2  H N N 270 
PHE HZ   H N N 271 
PHE HXT  H N N 272 
PRO N    N N N 273 
PRO CA   C N S 274 
PRO C    C N N 275 
PRO O    O N N 276 
PRO CB   C N N 277 
PRO CG   C N N 278 
PRO CD   C N N 279 
PRO OXT  O N N 280 
PRO H    H N N 281 
PRO HA   H N N 282 
PRO HB2  H N N 283 
PRO HB3  H N N 284 
PRO HG2  H N N 285 
PRO HG3  H N N 286 
PRO HD2  H N N 287 
PRO HD3  H N N 288 
PRO HXT  H N N 289 
SER N    N N N 290 
SER CA   C N S 291 
SER C    C N N 292 
SER O    O N N 293 
SER CB   C N N 294 
SER OG   O N N 295 
SER OXT  O N N 296 
SER H    H N N 297 
SER H2   H N N 298 
SER HA   H N N 299 
SER HB2  H N N 300 
SER HB3  H N N 301 
SER HG   H N N 302 
SER HXT  H N N 303 
THR N    N N N 304 
THR CA   C N S 305 
THR C    C N N 306 
THR O    O N N 307 
THR CB   C N R 308 
THR OG1  O N N 309 
THR CG2  C N N 310 
THR OXT  O N N 311 
THR H    H N N 312 
THR H2   H N N 313 
THR HA   H N N 314 
THR HB   H N N 315 
THR HG1  H N N 316 
THR HG21 H N N 317 
THR HG22 H N N 318 
THR HG23 H N N 319 
THR HXT  H N N 320 
TRP N    N N N 321 
TRP CA   C N S 322 
TRP C    C N N 323 
TRP O    O N N 324 
TRP CB   C N N 325 
TRP CG   C Y N 326 
TRP CD1  C Y N 327 
TRP CD2  C Y N 328 
TRP NE1  N Y N 329 
TRP CE2  C Y N 330 
TRP CE3  C Y N 331 
TRP CZ2  C Y N 332 
TRP CZ3  C Y N 333 
TRP CH2  C Y N 334 
TRP OXT  O N N 335 
TRP H    H N N 336 
TRP H2   H N N 337 
TRP HA   H N N 338 
TRP HB2  H N N 339 
TRP HB3  H N N 340 
TRP HD1  H N N 341 
TRP HE1  H N N 342 
TRP HE3  H N N 343 
TRP HZ2  H N N 344 
TRP HZ3  H N N 345 
TRP HH2  H N N 346 
TRP HXT  H N N 347 
TYR N    N N N 348 
TYR CA   C N S 349 
TYR C    C N N 350 
TYR O    O N N 351 
TYR CB   C N N 352 
TYR CG   C Y N 353 
TYR CD1  C Y N 354 
TYR CD2  C Y N 355 
TYR CE1  C Y N 356 
TYR CE2  C Y N 357 
TYR CZ   C Y N 358 
TYR OH   O N N 359 
TYR OXT  O N N 360 
TYR H    H N N 361 
TYR H2   H N N 362 
TYR HA   H N N 363 
TYR HB2  H N N 364 
TYR HB3  H N N 365 
TYR HD1  H N N 366 
TYR HD2  H N N 367 
TYR HE1  H N N 368 
TYR HE2  H N N 369 
TYR HH   H N N 370 
TYR HXT  H N N 371 
VAL N    N N N 372 
VAL CA   C N S 373 
VAL C    C N N 374 
VAL O    O N N 375 
VAL CB   C N N 376 
VAL CG1  C N N 377 
VAL CG2  C N N 378 
VAL OXT  O N N 379 
VAL H    H N N 380 
VAL H2   H N N 381 
VAL HA   H N N 382 
VAL HB   H N N 383 
VAL HG11 H N N 384 
VAL HG12 H N N 385 
VAL HG13 H N N 386 
VAL HG21 H N N 387 
VAL HG22 H N N 388 
VAL HG23 H N N 389 
VAL HXT  H N N 390 
# 
loop_
_chem_comp_bond.comp_id 
_chem_comp_bond.atom_id_1 
_chem_comp_bond.atom_id_2 
_chem_comp_bond.value_order 
_chem_comp_bond.pdbx_aromatic_flag 
_chem_comp_bond.pdbx_stereo_config 
_chem_comp_bond.pdbx_ordinal 
ALA N   CA   sing N N 1   
ALA N   H    sing N N 2   
ALA N   H2   sing N N 3   
ALA CA  C    sing N N 4   
ALA CA  CB   sing N N 5   
ALA CA  HA   sing N N 6   
ALA C   O    doub N N 7   
ALA C   OXT  sing N N 8   
ALA CB  HB1  sing N N 9   
ALA CB  HB2  sing N N 10  
ALA CB  HB3  sing N N 11  
ALA OXT HXT  sing N N 12  
ARG N   CA   sing N N 13  
ARG N   H    sing N N 14  
ARG N   H2   sing N N 15  
ARG CA  C    sing N N 16  
ARG CA  CB   sing N N 17  
ARG CA  HA   sing N N 18  
ARG C   O    doub N N 19  
ARG C   OXT  sing N N 20  
ARG CB  CG   sing N N 21  
ARG CB  HB2  sing N N 22  
ARG CB  HB3  sing N N 23  
ARG CG  CD   sing N N 24  
ARG CG  HG2  sing N N 25  
ARG CG  HG3  sing N N 26  
ARG CD  NE   sing N N 27  
ARG CD  HD2  sing N N 28  
ARG CD  HD3  sing N N 29  
ARG NE  CZ   sing N N 30  
ARG NE  HE   sing N N 31  
ARG CZ  NH1  sing N N 32  
ARG CZ  NH2  doub N N 33  
ARG NH1 HH11 sing N N 34  
ARG NH1 HH12 sing N N 35  
ARG NH2 HH21 sing N N 36  
ARG NH2 HH22 sing N N 37  
ARG OXT HXT  sing N N 38  
ASN N   CA   sing N N 39  
ASN N   H    sing N N 40  
ASN N   H2   sing N N 41  
ASN CA  C    sing N N 42  
ASN CA  CB   sing N N 43  
ASN CA  HA   sing N N 44  
ASN C   O    doub N N 45  
ASN C   OXT  sing N N 46  
ASN CB  CG   sing N N 47  
ASN CB  HB2  sing N N 48  
ASN CB  HB3  sing N N 49  
ASN CG  OD1  doub N N 50  
ASN CG  ND2  sing N N 51  
ASN ND2 HD21 sing N N 52  
ASN ND2 HD22 sing N N 53  
ASN OXT HXT  sing N N 54  
ASP N   CA   sing N N 55  
ASP N   H    sing N N 56  
ASP N   H2   sing N N 57  
ASP CA  C    sing N N 58  
ASP CA  CB   sing N N 59  
ASP CA  HA   sing N N 60  
ASP C   O    doub N N 61  
ASP C   OXT  sing N N 62  
ASP CB  CG   sing N N 63  
ASP CB  HB2  sing N N 64  
ASP CB  HB3  sing N N 65  
ASP CG  OD1  doub N N 66  
ASP CG  OD2  sing N N 67  
ASP OD2 HD2  sing N N 68  
ASP OXT HXT  sing N N 69  
CYS N   CA   sing N N 70  
CYS N   H    sing N N 71  
CYS N   H2   sing N N 72  
CYS CA  C    sing N N 73  
CYS CA  CB   sing N N 74  
CYS CA  HA   sing N N 75  
CYS C   O    doub N N 76  
CYS C   OXT  sing N N 77  
CYS CB  SG   sing N N 78  
CYS CB  HB2  sing N N 79  
CYS CB  HB3  sing N N 80  
CYS SG  HG   sing N N 81  
CYS OXT HXT  sing N N 82  
GLN N   CA   sing N N 83  
GLN N   H    sing N N 84  
GLN N   H2   sing N N 85  
GLN CA  C    sing N N 86  
GLN CA  CB   sing N N 87  
GLN CA  HA   sing N N 88  
GLN C   O    doub N N 89  
GLN C   OXT  sing N N 90  
GLN CB  CG   sing N N 91  
GLN CB  HB2  sing N N 92  
GLN CB  HB3  sing N N 93  
GLN CG  CD   sing N N 94  
GLN CG  HG2  sing N N 95  
GLN CG  HG3  sing N N 96  
GLN CD  OE1  doub N N 97  
GLN CD  NE2  sing N N 98  
GLN NE2 HE21 sing N N 99  
GLN NE2 HE22 sing N N 100 
GLN OXT HXT  sing N N 101 
GLU N   CA   sing N N 102 
GLU N   H    sing N N 103 
GLU N   H2   sing N N 104 
GLU CA  C    sing N N 105 
GLU CA  CB   sing N N 106 
GLU CA  HA   sing N N 107 
GLU C   O    doub N N 108 
GLU C   OXT  sing N N 109 
GLU CB  CG   sing N N 110 
GLU CB  HB2  sing N N 111 
GLU CB  HB3  sing N N 112 
GLU CG  CD   sing N N 113 
GLU CG  HG2  sing N N 114 
GLU CG  HG3  sing N N 115 
GLU CD  OE1  doub N N 116 
GLU CD  OE2  sing N N 117 
GLU OE2 HE2  sing N N 118 
GLU OXT HXT  sing N N 119 
GLY N   CA   sing N N 120 
GLY N   H    sing N N 121 
GLY N   H2   sing N N 122 
GLY CA  C    sing N N 123 
GLY CA  HA2  sing N N 124 
GLY CA  HA3  sing N N 125 
GLY C   O    doub N N 126 
GLY C   OXT  sing N N 127 
GLY OXT HXT  sing N N 128 
HIS N   CA   sing N N 129 
HIS N   H    sing N N 130 
HIS N   H2   sing N N 131 
HIS CA  C    sing N N 132 
HIS CA  CB   sing N N 133 
HIS CA  HA   sing N N 134 
HIS C   O    doub N N 135 
HIS C   OXT  sing N N 136 
HIS CB  CG   sing N N 137 
HIS CB  HB2  sing N N 138 
HIS CB  HB3  sing N N 139 
HIS CG  ND1  sing Y N 140 
HIS CG  CD2  doub Y N 141 
HIS ND1 CE1  doub Y N 142 
HIS ND1 HD1  sing N N 143 
HIS CD2 NE2  sing Y N 144 
HIS CD2 HD2  sing N N 145 
HIS CE1 NE2  sing Y N 146 
HIS CE1 HE1  sing N N 147 
HIS NE2 HE2  sing N N 148 
HIS OXT HXT  sing N N 149 
HOH O   H1   sing N N 150 
HOH O   H2   sing N N 151 
ILE N   CA   sing N N 152 
ILE N   H    sing N N 153 
ILE N   H2   sing N N 154 
ILE CA  C    sing N N 155 
ILE CA  CB   sing N N 156 
ILE CA  HA   sing N N 157 
ILE C   O    doub N N 158 
ILE C   OXT  sing N N 159 
ILE CB  CG1  sing N N 160 
ILE CB  CG2  sing N N 161 
ILE CB  HB   sing N N 162 
ILE CG1 CD1  sing N N 163 
ILE CG1 HG12 sing N N 164 
ILE CG1 HG13 sing N N 165 
ILE CG2 HG21 sing N N 166 
ILE CG2 HG22 sing N N 167 
ILE CG2 HG23 sing N N 168 
ILE CD1 HD11 sing N N 169 
ILE CD1 HD12 sing N N 170 
ILE CD1 HD13 sing N N 171 
ILE OXT HXT  sing N N 172 
LEU N   CA   sing N N 173 
LEU N   H    sing N N 174 
LEU N   H2   sing N N 175 
LEU CA  C    sing N N 176 
LEU CA  CB   sing N N 177 
LEU CA  HA   sing N N 178 
LEU C   O    doub N N 179 
LEU C   OXT  sing N N 180 
LEU CB  CG   sing N N 181 
LEU CB  HB2  sing N N 182 
LEU CB  HB3  sing N N 183 
LEU CG  CD1  sing N N 184 
LEU CG  CD2  sing N N 185 
LEU CG  HG   sing N N 186 
LEU CD1 HD11 sing N N 187 
LEU CD1 HD12 sing N N 188 
LEU CD1 HD13 sing N N 189 
LEU CD2 HD21 sing N N 190 
LEU CD2 HD22 sing N N 191 
LEU CD2 HD23 sing N N 192 
LEU OXT HXT  sing N N 193 
LYS N   CA   sing N N 194 
LYS N   H    sing N N 195 
LYS N   H2   sing N N 196 
LYS CA  C    sing N N 197 
LYS CA  CB   sing N N 198 
LYS CA  HA   sing N N 199 
LYS C   O    doub N N 200 
LYS C   OXT  sing N N 201 
LYS CB  CG   sing N N 202 
LYS CB  HB2  sing N N 203 
LYS CB  HB3  sing N N 204 
LYS CG  CD   sing N N 205 
LYS CG  HG2  sing N N 206 
LYS CG  HG3  sing N N 207 
LYS CD  CE   sing N N 208 
LYS CD  HD2  sing N N 209 
LYS CD  HD3  sing N N 210 
LYS CE  NZ   sing N N 211 
LYS CE  HE2  sing N N 212 
LYS CE  HE3  sing N N 213 
LYS NZ  HZ1  sing N N 214 
LYS NZ  HZ2  sing N N 215 
LYS NZ  HZ3  sing N N 216 
LYS OXT HXT  sing N N 217 
MET N   CA   sing N N 218 
MET N   H    sing N N 219 
MET N   H2   sing N N 220 
MET CA  C    sing N N 221 
MET CA  CB   sing N N 222 
MET CA  HA   sing N N 223 
MET C   O    doub N N 224 
MET C   OXT  sing N N 225 
MET CB  CG   sing N N 226 
MET CB  HB2  sing N N 227 
MET CB  HB3  sing N N 228 
MET CG  SD   sing N N 229 
MET CG  HG2  sing N N 230 
MET CG  HG3  sing N N 231 
MET SD  CE   sing N N 232 
MET CE  HE1  sing N N 233 
MET CE  HE2  sing N N 234 
MET CE  HE3  sing N N 235 
MET OXT HXT  sing N N 236 
PHE N   CA   sing N N 237 
PHE N   H    sing N N 238 
PHE N   H2   sing N N 239 
PHE CA  C    sing N N 240 
PHE CA  CB   sing N N 241 
PHE CA  HA   sing N N 242 
PHE C   O    doub N N 243 
PHE C   OXT  sing N N 244 
PHE CB  CG   sing N N 245 
PHE CB  HB2  sing N N 246 
PHE CB  HB3  sing N N 247 
PHE CG  CD1  doub Y N 248 
PHE CG  CD2  sing Y N 249 
PHE CD1 CE1  sing Y N 250 
PHE CD1 HD1  sing N N 251 
PHE CD2 CE2  doub Y N 252 
PHE CD2 HD2  sing N N 253 
PHE CE1 CZ   doub Y N 254 
PHE CE1 HE1  sing N N 255 
PHE CE2 CZ   sing Y N 256 
PHE CE2 HE2  sing N N 257 
PHE CZ  HZ   sing N N 258 
PHE OXT HXT  sing N N 259 
PRO N   CA   sing N N 260 
PRO N   CD   sing N N 261 
PRO N   H    sing N N 262 
PRO CA  C    sing N N 263 
PRO CA  CB   sing N N 264 
PRO CA  HA   sing N N 265 
PRO C   O    doub N N 266 
PRO C   OXT  sing N N 267 
PRO CB  CG   sing N N 268 
PRO CB  HB2  sing N N 269 
PRO CB  HB3  sing N N 270 
PRO CG  CD   sing N N 271 
PRO CG  HG2  sing N N 272 
PRO CG  HG3  sing N N 273 
PRO CD  HD2  sing N N 274 
PRO CD  HD3  sing N N 275 
PRO OXT HXT  sing N N 276 
SER N   CA   sing N N 277 
SER N   H    sing N N 278 
SER N   H2   sing N N 279 
SER CA  C    sing N N 280 
SER CA  CB   sing N N 281 
SER CA  HA   sing N N 282 
SER C   O    doub N N 283 
SER C   OXT  sing N N 284 
SER CB  OG   sing N N 285 
SER CB  HB2  sing N N 286 
SER CB  HB3  sing N N 287 
SER OG  HG   sing N N 288 
SER OXT HXT  sing N N 289 
THR N   CA   sing N N 290 
THR N   H    sing N N 291 
THR N   H2   sing N N 292 
THR CA  C    sing N N 293 
THR CA  CB   sing N N 294 
THR CA  HA   sing N N 295 
THR C   O    doub N N 296 
THR C   OXT  sing N N 297 
THR CB  OG1  sing N N 298 
THR CB  CG2  sing N N 299 
THR CB  HB   sing N N 300 
THR OG1 HG1  sing N N 301 
THR CG2 HG21 sing N N 302 
THR CG2 HG22 sing N N 303 
THR CG2 HG23 sing N N 304 
THR OXT HXT  sing N N 305 
TRP N   CA   sing N N 306 
TRP N   H    sing N N 307 
TRP N   H2   sing N N 308 
TRP CA  C    sing N N 309 
TRP CA  CB   sing N N 310 
TRP CA  HA   sing N N 311 
TRP C   O    doub N N 312 
TRP C   OXT  sing N N 313 
TRP CB  CG   sing N N 314 
TRP CB  HB2  sing N N 315 
TRP CB  HB3  sing N N 316 
TRP CG  CD1  doub Y N 317 
TRP CG  CD2  sing Y N 318 
TRP CD1 NE1  sing Y N 319 
TRP CD1 HD1  sing N N 320 
TRP CD2 CE2  doub Y N 321 
TRP CD2 CE3  sing Y N 322 
TRP NE1 CE2  sing Y N 323 
TRP NE1 HE1  sing N N 324 
TRP CE2 CZ2  sing Y N 325 
TRP CE3 CZ3  doub Y N 326 
TRP CE3 HE3  sing N N 327 
TRP CZ2 CH2  doub Y N 328 
TRP CZ2 HZ2  sing N N 329 
TRP CZ3 CH2  sing Y N 330 
TRP CZ3 HZ3  sing N N 331 
TRP CH2 HH2  sing N N 332 
TRP OXT HXT  sing N N 333 
TYR N   CA   sing N N 334 
TYR N   H    sing N N 335 
TYR N   H2   sing N N 336 
TYR CA  C    sing N N 337 
TYR CA  CB   sing N N 338 
TYR CA  HA   sing N N 339 
TYR C   O    doub N N 340 
TYR C   OXT  sing N N 341 
TYR CB  CG   sing N N 342 
TYR CB  HB2  sing N N 343 
TYR CB  HB3  sing N N 344 
TYR CG  CD1  doub Y N 345 
TYR CG  CD2  sing Y N 346 
TYR CD1 CE1  sing Y N 347 
TYR CD1 HD1  sing N N 348 
TYR CD2 CE2  doub Y N 349 
TYR CD2 HD2  sing N N 350 
TYR CE1 CZ   doub Y N 351 
TYR CE1 HE1  sing N N 352 
TYR CE2 CZ   sing Y N 353 
TYR CE2 HE2  sing N N 354 
TYR CZ  OH   sing N N 355 
TYR OH  HH   sing N N 356 
TYR OXT HXT  sing N N 357 
VAL N   CA   sing N N 358 
VAL N   H    sing N N 359 
VAL N   H2   sing N N 360 
VAL CA  C    sing N N 361 
VAL CA  CB   sing N N 362 
VAL CA  HA   sing N N 363 
VAL C   O    doub N N 364 
VAL C   OXT  sing N N 365 
VAL CB  CG1  sing N N 366 
VAL CB  CG2  sing N N 367 
VAL CB  HB   sing N N 368 
VAL CG1 HG11 sing N N 369 
VAL CG1 HG12 sing N N 370 
VAL CG1 HG13 sing N N 371 
VAL CG2 HG21 sing N N 372 
VAL CG2 HG22 sing N N 373 
VAL CG2 HG23 sing N N 374 
VAL OXT HXT  sing N N 375 
# 
_pdbx_entity_nonpoly.entity_id   3 
_pdbx_entity_nonpoly.name        water 
_pdbx_entity_nonpoly.comp_id     HOH 
# 
_pdbx_initial_refinement_model.id               1 
_pdbx_initial_refinement_model.entity_id_list   ? 
_pdbx_initial_refinement_model.type             'experimental model' 
_pdbx_initial_refinement_model.source_name      PDB 
_pdbx_initial_refinement_model.accession_code   3ABE 
_pdbx_initial_refinement_model.details          ? 
# 
_pdbx_struct_assembly_auth_evidence.id                     1 
_pdbx_struct_assembly_auth_evidence.assembly_id            1 
_pdbx_struct_assembly_auth_evidence.experimental_support   'gel filtration' 
_pdbx_struct_assembly_auth_evidence.details                
'This protein is a monomer in solution by the gel filtration analysis, but it clearly forms a dimer in crystal.' 
# 
